data_6XKJ
#
_entry.id   6XKJ
#
_cell.length_a   1.00
_cell.length_b   1.00
_cell.length_c   1.00
_cell.angle_alpha   90.00
_cell.angle_beta   90.00
_cell.angle_gamma   90.00
#
_symmetry.space_group_name_H-M   'P 1'
#
_entity_poly.entity_id   1
_entity_poly.type   'polypeptide(L)'
_entity_poly.pdbx_seq_one_letter_code
;AAFVKENHRQLQARMGDLKGVLDDLQDNEVLTENEKELVEQEKTRQSKNEALLSMVEKKGDLALDVLFRSISERDPYLVS
YLRQQNL
;
_entity_poly.pdbx_strand_id   C,A,B,D,E,F,G,H,I,J,K,L,M,N,O,P
#
# COMPACT_ATOMS: atom_id res chain seq x y z
N ALA A 1 -13.75 38.24 -16.60
CA ALA A 1 -13.84 36.85 -16.15
C ALA A 1 -12.90 35.96 -16.94
N ALA A 2 -12.99 36.04 -18.26
CA ALA A 2 -12.02 35.35 -19.10
C ALA A 2 -10.62 35.90 -18.86
N PHE A 3 -10.51 37.22 -18.78
CA PHE A 3 -9.26 37.93 -18.57
C PHE A 3 -8.39 37.26 -17.51
N VAL A 4 -9.03 36.70 -16.48
CA VAL A 4 -8.28 35.91 -15.50
C VAL A 4 -7.65 34.71 -16.18
N LYS A 5 -8.41 34.01 -17.02
CA LYS A 5 -7.88 32.82 -17.66
C LYS A 5 -6.74 33.16 -18.61
N GLU A 6 -6.89 34.21 -19.43
CA GLU A 6 -5.77 34.50 -20.30
C GLU A 6 -4.55 35.03 -19.55
N ASN A 7 -4.69 35.38 -18.28
CA ASN A 7 -3.59 35.97 -17.53
C ASN A 7 -3.27 35.18 -16.27
N HIS A 8 -3.39 33.86 -16.33
CA HIS A 8 -3.13 33.04 -15.15
C HIS A 8 -1.69 33.19 -14.68
N ARG A 9 -0.72 33.04 -15.57
CA ARG A 9 0.68 33.07 -15.17
C ARG A 9 1.07 34.46 -14.67
N GLN A 10 0.64 35.50 -15.39
CA GLN A 10 0.98 36.85 -14.93
C GLN A 10 0.32 37.14 -13.60
N LEU A 11 -0.93 36.71 -13.43
CA LEU A 11 -1.57 36.96 -12.14
C LEU A 11 -0.88 36.21 -11.01
N GLN A 12 -0.34 35.02 -11.26
CA GLN A 12 0.36 34.39 -10.15
C GLN A 12 1.67 35.11 -9.87
N ALA A 13 2.33 35.61 -10.91
CA ALA A 13 3.63 36.21 -10.70
C ALA A 13 3.56 37.66 -10.27
N ARG A 14 2.39 38.25 -10.26
CA ARG A 14 2.25 39.67 -9.99
C ARG A 14 1.41 39.98 -8.77
N MET A 15 0.35 39.21 -8.52
CA MET A 15 -0.54 39.54 -7.42
C MET A 15 0.22 39.56 -6.11
N GLY A 16 -0.10 40.53 -5.25
CA GLY A 16 0.67 40.72 -4.04
C GLY A 16 -0.09 40.35 -2.79
N ASP A 17 -0.53 41.35 -2.05
CA ASP A 17 -1.24 41.10 -0.80
C ASP A 17 -2.61 40.50 -1.10
N LEU A 18 -2.82 39.28 -0.63
CA LEU A 18 -4.05 38.56 -0.93
C LEU A 18 -5.12 38.73 0.13
N LYS A 19 -4.83 39.40 1.25
CA LYS A 19 -5.80 39.52 2.32
C LYS A 19 -7.07 40.22 1.85
N GLY A 20 -6.90 41.28 1.05
CA GLY A 20 -8.06 42.00 0.58
C GLY A 20 -8.96 41.14 -0.29
N VAL A 21 -8.38 40.52 -1.31
CA VAL A 21 -9.19 39.72 -2.22
C VAL A 21 -9.76 38.51 -1.50
N LEU A 22 -8.98 37.90 -0.61
CA LEU A 22 -9.51 36.74 0.12
C LEU A 22 -10.72 37.15 0.96
N ASP A 23 -10.65 38.29 1.64
CA ASP A 23 -11.79 38.70 2.44
C ASP A 23 -12.98 39.03 1.56
N ASP A 24 -12.75 39.71 0.44
CA ASP A 24 -13.85 40.01 -0.45
C ASP A 24 -14.52 38.75 -0.99
N LEU A 25 -13.71 37.76 -1.40
CA LEU A 25 -14.26 36.51 -1.87
C LEU A 25 -15.05 35.81 -0.78
N GLN A 26 -14.52 35.81 0.44
CA GLN A 26 -15.25 35.24 1.55
C GLN A 26 -16.61 35.91 1.72
N ASP A 27 -16.64 37.23 1.70
CA ASP A 27 -17.90 37.93 1.87
C ASP A 27 -18.84 37.76 0.69
N ASN A 28 -18.34 37.35 -0.47
CA ASN A 28 -19.21 37.02 -1.59
C ASN A 28 -19.50 35.54 -1.68
N GLU A 29 -19.24 34.78 -0.62
CA GLU A 29 -19.49 33.34 -0.54
C GLU A 29 -18.77 32.55 -1.61
N VAL A 30 -17.80 33.15 -2.30
CA VAL A 30 -16.99 32.35 -3.22
C VAL A 30 -16.13 31.37 -2.43
N LEU A 31 -15.66 31.79 -1.27
CA LEU A 31 -14.76 30.97 -0.46
C LEU A 31 -15.30 30.89 0.95
N THR A 32 -15.28 29.71 1.52
CA THR A 32 -15.57 29.55 2.94
C THR A 32 -14.29 29.76 3.74
N GLU A 33 -14.45 29.86 5.06
CA GLU A 33 -13.29 30.10 5.91
C GLU A 33 -12.24 29.03 5.68
N ASN A 34 -12.68 27.77 5.60
CA ASN A 34 -11.73 26.67 5.44
C ASN A 34 -10.96 26.82 4.15
N GLU A 35 -11.65 27.18 3.08
CA GLU A 35 -11.00 27.34 1.79
C GLU A 35 -9.97 28.45 1.85
N LYS A 36 -10.31 29.56 2.51
CA LYS A 36 -9.40 30.68 2.62
C LYS A 36 -8.16 30.29 3.42
N GLU A 37 -8.37 29.54 4.50
CA GLU A 37 -7.26 29.09 5.33
C GLU A 37 -6.35 28.16 4.55
N LEU A 38 -6.93 27.30 3.72
CA LEU A 38 -6.12 26.42 2.89
C LEU A 38 -5.28 27.23 1.93
N VAL A 39 -5.85 28.31 1.38
CA VAL A 39 -5.07 29.18 0.51
C VAL A 39 -3.90 29.81 1.26
N GLU A 40 -4.12 30.19 2.52
CA GLU A 40 -3.10 30.95 3.25
C GLU A 40 -2.00 30.09 3.82
N GLN A 41 -2.17 28.77 3.89
CA GLN A 41 -1.18 27.92 4.50
C GLN A 41 -0.12 27.46 3.53
N GLU A 42 -0.11 28.00 2.32
CA GLU A 42 0.98 27.73 1.39
C GLU A 42 2.21 28.52 1.78
N LYS A 43 3.38 28.00 1.40
CA LYS A 43 4.64 28.58 1.87
C LYS A 43 4.98 29.88 1.16
N THR A 44 4.79 29.92 -0.15
CA THR A 44 5.30 31.00 -0.99
C THR A 44 4.15 31.78 -1.60
N ARG A 45 4.45 33.02 -2.01
CA ARG A 45 3.39 33.86 -2.56
C ARG A 45 2.95 33.37 -3.93
N GLN A 46 3.87 32.85 -4.74
CA GLN A 46 3.44 32.24 -5.99
C GLN A 46 2.60 31.00 -5.74
N SER A 47 2.96 30.22 -4.72
CA SER A 47 2.13 29.08 -4.36
C SER A 47 0.75 29.53 -3.91
N LYS A 48 0.68 30.58 -3.10
CA LYS A 48 -0.62 31.08 -2.66
C LYS A 48 -1.44 31.58 -3.84
N ASN A 49 -0.81 32.28 -4.77
CA ASN A 49 -1.52 32.75 -5.94
C ASN A 49 -2.04 31.59 -6.77
N GLU A 50 -1.23 30.55 -6.96
CA GLU A 50 -1.69 29.38 -7.70
C GLU A 50 -2.88 28.74 -7.01
N ALA A 51 -2.79 28.55 -5.70
CA ALA A 51 -3.88 27.93 -4.97
C ALA A 51 -5.16 28.73 -5.16
N LEU A 52 -5.08 30.03 -4.95
CA LEU A 52 -6.28 30.86 -5.05
C LEU A 52 -6.85 30.83 -6.46
N LEU A 53 -5.98 30.97 -7.47
CA LEU A 53 -6.46 31.06 -8.83
C LEU A 53 -7.13 29.76 -9.26
N SER A 54 -6.50 28.62 -8.96
CA SER A 54 -7.09 27.34 -9.33
C SER A 54 -8.40 27.10 -8.59
N MET A 55 -8.40 27.34 -7.29
CA MET A 55 -9.61 27.22 -6.50
C MET A 55 -10.75 28.06 -7.06
N VAL A 56 -10.43 29.19 -7.66
CA VAL A 56 -11.50 30.02 -8.19
C VAL A 56 -11.92 29.59 -9.60
N GLU A 57 -10.99 29.23 -10.47
CA GLU A 57 -11.39 28.75 -11.79
C GLU A 57 -12.30 27.54 -11.68
N LYS A 58 -12.00 26.64 -10.74
CA LYS A 58 -12.87 25.48 -10.59
C LYS A 58 -14.29 25.88 -10.25
N LYS A 59 -14.48 27.02 -9.58
CA LYS A 59 -15.81 27.44 -9.18
C LYS A 59 -16.67 27.86 -10.35
N GLY A 60 -16.09 28.16 -11.49
CA GLY A 60 -16.84 28.57 -12.67
C GLY A 60 -16.44 29.96 -13.12
N ASP A 61 -17.22 30.49 -14.06
CA ASP A 61 -16.90 31.81 -14.59
C ASP A 61 -17.50 32.94 -13.78
N LEU A 62 -18.65 32.70 -13.15
CA LEU A 62 -19.26 33.74 -12.33
C LEU A 62 -18.33 34.11 -11.18
N ALA A 63 -17.79 33.10 -10.50
CA ALA A 63 -16.85 33.35 -9.42
C ALA A 63 -15.57 33.96 -9.93
N LEU A 64 -15.14 33.58 -11.14
CA LEU A 64 -13.99 34.23 -11.73
C LEU A 64 -14.27 35.72 -11.92
N ASP A 65 -15.49 36.06 -12.29
CA ASP A 65 -15.86 37.47 -12.42
C ASP A 65 -15.79 38.18 -11.08
N VAL A 66 -16.29 37.54 -10.03
CA VAL A 66 -16.21 38.15 -8.70
C VAL A 66 -14.76 38.37 -8.31
N LEU A 67 -13.90 37.40 -8.57
CA LEU A 67 -12.48 37.56 -8.25
C LEU A 67 -11.88 38.70 -9.05
N PHE A 68 -12.23 38.81 -10.32
CA PHE A 68 -11.68 39.87 -11.14
C PHE A 68 -12.10 41.23 -10.62
N ARG A 69 -13.37 41.37 -10.24
CA ARG A 69 -13.83 42.63 -9.67
C ARG A 69 -13.05 42.97 -8.41
N SER A 70 -12.86 41.99 -7.54
CA SER A 70 -12.15 42.23 -6.29
C SER A 70 -10.70 42.62 -6.54
N ILE A 71 -10.06 42.04 -7.55
CA ILE A 71 -8.70 42.48 -7.87
C ILE A 71 -8.73 43.88 -8.47
N SER A 72 -9.70 44.15 -9.34
CA SER A 72 -9.73 45.43 -10.02
C SER A 72 -9.96 46.56 -9.03
N GLU A 73 -10.53 46.26 -7.87
CA GLU A 73 -10.68 47.32 -6.89
C GLU A 73 -9.56 47.29 -5.86
N ARG A 74 -9.01 46.11 -5.56
CA ARG A 74 -7.97 46.02 -4.55
C ARG A 74 -6.61 46.35 -5.13
N ASP A 75 -6.42 46.17 -6.44
CA ASP A 75 -5.14 46.39 -7.08
C ASP A 75 -5.36 46.85 -8.53
N PRO A 76 -5.94 48.03 -8.72
CA PRO A 76 -6.34 48.43 -10.07
C PRO A 76 -5.19 48.63 -11.02
N TYR A 77 -4.01 48.95 -10.51
CA TYR A 77 -2.91 49.26 -11.40
C TYR A 77 -2.44 48.04 -12.15
N LEU A 78 -2.31 46.90 -11.47
CA LEU A 78 -1.91 45.67 -12.15
C LEU A 78 -2.99 45.23 -13.14
N VAL A 79 -4.26 45.30 -12.74
CA VAL A 79 -5.34 44.93 -13.64
C VAL A 79 -5.25 45.75 -14.91
N SER A 80 -5.11 47.07 -14.77
CA SER A 80 -5.04 47.93 -15.94
C SER A 80 -3.83 47.61 -16.78
N TYR A 81 -2.67 47.44 -16.15
CA TYR A 81 -1.46 47.10 -16.87
C TYR A 81 -1.68 45.87 -17.74
N LEU A 82 -2.21 44.80 -17.14
CA LEU A 82 -2.39 43.59 -17.92
C LEU A 82 -3.42 43.81 -19.02
N ARG A 83 -4.53 44.48 -18.70
CA ARG A 83 -5.63 44.57 -19.65
C ARG A 83 -5.22 45.34 -20.90
N GLN A 84 -4.14 46.10 -20.84
CA GLN A 84 -3.69 46.91 -21.97
C GLN A 84 -2.39 46.30 -22.48
N GLN A 85 -2.44 45.04 -22.88
CA GLN A 85 -1.24 44.37 -23.34
C GLN A 85 -1.56 42.98 -23.89
N ALA B 1 15.54 20.59 41.07
CA ALA B 1 15.43 19.87 39.81
C ALA B 1 14.03 19.29 39.63
N ALA B 2 13.57 18.55 40.64
CA ALA B 2 12.19 18.10 40.62
C ALA B 2 11.24 19.28 40.66
N PHE B 3 11.54 20.27 41.49
CA PHE B 3 10.73 21.47 41.67
C PHE B 3 10.25 22.04 40.34
N VAL B 4 11.09 21.94 39.30
CA VAL B 4 10.64 22.32 37.97
C VAL B 4 9.49 21.44 37.53
N LYS B 5 9.60 20.14 37.75
CA LYS B 5 8.55 19.23 37.31
C LYS B 5 7.25 19.48 38.07
N GLU B 6 7.32 19.66 39.39
CA GLU B 6 6.06 19.91 40.07
C GLU B 6 5.47 21.28 39.74
N ASN B 7 6.23 22.17 39.10
CA ASN B 7 5.75 23.51 38.83
C ASN B 7 5.80 23.84 37.34
N HIS B 8 5.51 22.86 36.49
CA HIS B 8 5.56 23.10 35.05
C HIS B 8 4.57 24.18 34.62
N ARG B 9 3.31 24.04 35.04
CA ARG B 9 2.29 24.98 34.58
C ARG B 9 2.53 26.37 35.14
N GLN B 10 2.89 26.47 36.42
CA GLN B 10 3.16 27.78 36.99
C GLN B 10 4.37 28.40 36.34
N LEU B 11 5.41 27.61 36.08
CA LEU B 11 6.57 28.18 35.43
C LEU B 11 6.25 28.64 34.01
N GLN B 12 5.36 27.97 33.29
CA GLN B 12 5.05 28.51 31.98
C GLN B 12 4.24 29.79 32.11
N ALA B 13 3.37 29.87 33.10
CA ALA B 13 2.49 31.03 33.18
C ALA B 13 3.13 32.19 33.89
N ARG B 14 4.32 32.03 34.45
CA ARG B 14 4.93 33.07 35.26
C ARG B 14 6.26 33.54 34.72
N MET B 15 7.07 32.65 34.15
CA MET B 15 8.41 33.06 33.71
C MET B 15 8.30 34.18 32.69
N GLY B 16 9.21 35.14 32.79
CA GLY B 16 9.11 36.32 31.97
C GLY B 16 10.20 36.41 30.92
N ASP B 17 11.18 37.28 31.14
CA ASP B 17 12.26 37.47 30.18
C ASP B 17 13.13 36.23 30.15
N LEU B 18 13.18 35.56 29.01
CA LEU B 18 13.92 34.32 28.88
C LEU B 18 15.34 34.51 28.39
N LYS B 19 15.74 35.73 28.02
CA LYS B 19 17.08 35.92 27.47
C LYS B 19 18.15 35.52 28.46
N GLY B 20 17.96 35.86 29.73
CA GLY B 20 18.97 35.52 30.72
C GLY B 20 19.13 34.01 30.85
N VAL B 21 18.03 33.30 31.07
CA VAL B 21 18.12 31.87 31.28
C VAL B 21 18.59 31.19 30.00
N LEU B 22 18.13 31.65 28.84
CA LEU B 22 18.59 31.03 27.60
C LEU B 22 20.09 31.18 27.44
N ASP B 23 20.63 32.35 27.74
CA ASP B 23 22.07 32.53 27.61
C ASP B 23 22.82 31.67 28.62
N ASP B 24 22.32 31.61 29.85
CA ASP B 24 22.98 30.78 30.84
C ASP B 24 22.98 29.31 30.44
N LEU B 25 21.84 28.81 29.94
CA LEU B 25 21.77 27.43 29.48
C LEU B 25 22.72 27.19 28.32
N GLN B 26 22.79 28.13 27.39
CA GLN B 26 23.74 28.02 26.30
C GLN B 26 25.16 27.90 26.81
N ASP B 27 25.53 28.76 27.75
CA ASP B 27 26.89 28.71 28.28
C ASP B 27 27.15 27.48 29.12
N ASN B 28 26.12 26.80 29.60
CA ASN B 28 26.30 25.53 30.28
C ASN B 28 26.10 24.33 29.36
N GLU B 29 26.14 24.55 28.05
CA GLU B 29 25.99 23.51 27.03
C GLU B 29 24.69 22.73 27.15
N VAL B 30 23.72 23.21 27.92
CA VAL B 30 22.42 22.57 27.92
C VAL B 30 21.74 22.77 26.58
N LEU B 31 21.94 23.94 25.97
CA LEU B 31 21.29 24.28 24.72
C LEU B 31 22.34 24.76 23.72
N THR B 32 22.24 24.29 22.50
CA THR B 32 23.04 24.83 21.42
C THR B 32 22.34 26.05 20.83
N GLU B 33 23.07 26.78 19.98
CA GLU B 33 22.48 27.99 19.40
C GLU B 33 21.20 27.65 18.67
N ASN B 34 21.19 26.54 17.92
CA ASN B 34 20.01 26.19 17.14
C ASN B 34 18.83 25.93 18.07
N GLU B 35 19.08 25.24 19.18
CA GLU B 35 18.01 24.94 20.12
C GLU B 35 17.44 26.22 20.69
N LYS B 36 18.33 27.17 21.05
CA LYS B 36 17.90 28.43 21.61
C LYS B 36 17.07 29.21 20.62
N GLU B 37 17.50 29.22 19.36
CA GLU B 37 16.77 29.92 18.31
C GLU B 37 15.40 29.30 18.11
N LEU B 38 15.31 27.98 18.17
CA LEU B 38 14.02 27.32 18.05
C LEU B 38 13.10 27.74 19.19
N VAL B 39 13.64 27.88 20.39
CA VAL B 39 12.84 28.36 21.51
C VAL B 39 12.33 29.77 21.26
N GLU B 40 13.16 30.62 20.66
CA GLU B 40 12.80 32.03 20.53
C GLU B 40 11.85 32.31 19.38
N GLN B 41 11.68 31.39 18.45
CA GLN B 41 10.86 31.65 17.28
C GLN B 41 9.39 31.32 17.52
N GLU B 42 9.02 30.99 18.76
CA GLU B 42 7.61 30.82 19.09
C GLU B 42 6.93 32.18 19.20
N LYS B 43 5.62 32.19 18.95
CA LYS B 43 4.89 33.45 18.85
C LYS B 43 4.65 34.08 20.21
N THR B 44 4.27 33.29 21.20
CA THR B 44 3.76 33.79 22.46
C THR B 44 4.71 33.41 23.60
N ARG B 45 4.62 34.16 24.70
CA ARG B 45 5.52 33.90 25.81
C ARG B 45 5.19 32.59 26.51
N GLN B 46 3.91 32.23 26.60
CA GLN B 46 3.59 30.91 27.13
C GLN B 46 4.07 29.81 26.19
N SER B 47 3.99 30.04 24.89
CA SER B 47 4.54 29.07 23.96
C SER B 47 6.04 28.95 24.13
N LYS B 48 6.74 30.07 24.29
CA LYS B 48 8.18 30.02 24.50
C LYS B 48 8.53 29.29 25.78
N ASN B 49 7.78 29.55 26.84
CA ASN B 49 8.02 28.86 28.10
C ASN B 49 7.81 27.36 27.95
N GLU B 50 6.73 26.96 27.26
CA GLU B 50 6.50 25.54 27.04
C GLU B 50 7.64 24.91 26.26
N ALA B 51 8.07 25.57 25.19
CA ALA B 51 9.15 25.03 24.39
C ALA B 51 10.39 24.83 25.23
N LEU B 52 10.78 25.86 25.99
CA LEU B 52 11.99 25.76 26.79
C LEU B 52 11.86 24.69 27.84
N LEU B 53 10.73 24.64 28.53
CA LEU B 53 10.59 23.70 29.63
C LEU B 53 10.62 22.26 29.12
N SER B 54 9.90 21.98 28.04
CA SER B 54 9.90 20.62 27.50
C SER B 54 11.28 20.24 26.99
N MET B 55 11.91 21.13 26.23
CA MET B 55 13.25 20.89 25.74
C MET B 55 14.22 20.58 26.87
N VAL B 56 14.00 21.16 28.03
CA VAL B 56 14.93 20.90 29.12
C VAL B 56 14.58 19.63 29.88
N GLU B 57 13.29 19.34 30.12
CA GLU B 57 12.96 18.09 30.79
C GLU B 57 13.45 16.90 30.00
N LYS B 58 13.35 16.96 28.67
CA LYS B 58 13.85 15.86 27.86
C LYS B 58 15.33 15.62 28.09
N LYS B 59 16.09 16.66 28.43
CA LYS B 59 17.52 16.52 28.60
C LYS B 59 17.89 15.73 29.85
N GLY B 60 16.98 15.57 30.79
CA GLY B 60 17.24 14.82 32.00
C GLY B 60 17.08 15.68 33.23
N ASP B 61 17.50 15.14 34.37
CA ASP B 61 17.35 15.88 35.63
C ASP B 61 18.53 16.79 35.90
N LEU B 62 19.73 16.42 35.45
CA LEU B 62 20.88 17.28 35.66
C LEU B 62 20.66 18.63 34.96
N ALA B 63 20.21 18.59 33.72
CA ALA B 63 19.94 19.83 32.99
C ALA B 63 18.77 20.57 33.62
N LEU B 64 17.78 19.85 34.16
CA LEU B 64 16.72 20.53 34.88
C LEU B 64 17.29 21.27 36.07
N ASP B 65 18.28 20.69 36.74
CA ASP B 65 18.93 21.38 37.85
C ASP B 65 19.63 22.65 37.38
N VAL B 66 20.33 22.56 36.25
CA VAL B 66 20.99 23.75 35.72
C VAL B 66 19.96 24.84 35.41
N LEU B 67 18.85 24.45 34.80
CA LEU B 67 17.81 25.43 34.50
C LEU B 67 17.26 26.04 35.78
N PHE B 68 17.05 25.22 36.81
CA PHE B 68 16.51 25.75 38.05
C PHE B 68 17.47 26.75 38.67
N ARG B 69 18.77 26.44 38.65
CA ARG B 69 19.74 27.37 39.19
C ARG B 69 19.70 28.69 38.43
N SER B 70 19.65 28.60 37.10
CA SER B 70 19.63 29.82 36.30
C SER B 70 18.38 30.65 36.55
N ILE B 71 17.24 30.00 36.78
CA ILE B 71 16.05 30.78 37.13
C ILE B 71 16.20 31.36 38.53
N SER B 72 16.75 30.59 39.46
CA SER B 72 16.84 31.05 40.84
C SER B 72 17.75 32.25 40.95
N GLU B 73 18.66 32.42 39.98
CA GLU B 73 19.50 33.61 40.04
C GLU B 73 18.96 34.71 39.14
N ARG B 74 18.29 34.36 38.05
CA ARG B 74 17.80 35.37 37.12
C ARG B 74 16.46 35.94 37.60
N ASP B 75 15.70 35.17 38.36
CA ASP B 75 14.38 35.58 38.82
C ASP B 75 14.08 34.97 40.18
N PRO B 76 14.83 35.37 41.21
CA PRO B 76 14.71 34.68 42.50
C PRO B 76 13.36 34.85 43.16
N TYR B 77 12.65 35.93 42.86
CA TYR B 77 11.40 36.18 43.57
C TYR B 77 10.34 35.16 43.19
N LEU B 78 10.21 34.85 41.91
CA LEU B 78 9.25 33.83 41.49
C LEU B 78 9.63 32.46 42.03
N VAL B 79 10.91 32.12 41.96
CA VAL B 79 11.37 30.83 42.49
C VAL B 79 10.98 30.71 43.95
N SER B 80 11.28 31.74 44.74
CA SER B 80 10.95 31.69 46.16
C SER B 80 9.46 31.61 46.37
N TYR B 81 8.68 32.42 45.65
CA TYR B 81 7.24 32.37 45.77
C TYR B 81 6.73 30.95 45.57
N LEU B 82 7.14 30.31 44.48
CA LEU B 82 6.64 28.97 44.21
C LEU B 82 7.11 28.01 45.28
N ARG B 83 8.39 28.08 45.66
CA ARG B 83 8.95 27.09 46.55
C ARG B 83 8.29 27.09 47.91
N GLN B 84 7.58 28.17 48.25
CA GLN B 84 6.94 28.29 49.56
C GLN B 84 5.43 28.24 49.34
N GLN B 85 4.97 27.14 48.75
CA GLN B 85 3.55 27.02 48.46
C GLN B 85 3.21 25.62 47.93
N ALA C 1 35.42 28.18 -5.59
CA ALA C 1 34.27 27.33 -5.90
C ALA C 1 34.30 26.05 -5.10
N ALA C 2 35.43 25.35 -5.16
CA ALA C 2 35.62 24.20 -4.29
C ALA C 2 35.59 24.60 -2.83
N PHE C 3 36.27 25.72 -2.50
CA PHE C 3 36.37 26.25 -1.16
C PHE C 3 35.03 26.21 -0.43
N VAL C 4 33.94 26.44 -1.15
CA VAL C 4 32.61 26.29 -0.57
C VAL C 4 32.41 24.85 -0.13
N LYS C 5 32.78 23.90 -0.98
CA LYS C 5 32.57 22.49 -0.64
C LYS C 5 33.41 22.07 0.55
N GLU C 6 34.69 22.47 0.60
CA GLU C 6 35.45 22.06 1.77
C GLU C 6 35.02 22.77 3.03
N ASN C 7 34.19 23.82 2.93
CA ASN C 7 33.80 24.59 4.11
C ASN C 7 32.29 24.64 4.27
N HIS C 8 31.60 23.55 3.95
CA HIS C 8 30.15 23.55 4.05
C HIS C 8 29.70 23.77 5.49
N ARG C 9 30.25 23.01 6.43
CA ARG C 9 29.78 23.12 7.81
C ARG C 9 30.13 24.47 8.41
N GLN C 10 31.35 24.95 8.17
CA GLN C 10 31.72 26.25 8.71
C GLN C 10 30.86 27.33 8.08
N LEU C 11 30.61 27.26 6.78
CA LEU C 11 29.78 28.27 6.17
C LEU C 11 28.36 28.24 6.72
N GLN C 12 27.82 27.06 7.07
CA GLN C 12 26.49 27.13 7.64
C GLN C 12 26.53 27.71 9.04
N ALA C 13 27.59 27.42 9.78
CA ALA C 13 27.63 27.87 11.17
C ALA C 13 28.11 29.30 11.32
N ARG C 14 28.57 29.92 10.25
CA ARG C 14 29.17 31.24 10.34
C ARG C 14 28.45 32.30 9.54
N MET C 15 27.91 31.96 8.38
CA MET C 15 27.30 32.97 7.52
C MET C 15 26.16 33.65 8.26
N GLY C 16 26.06 34.96 8.08
CA GLY C 16 25.09 35.73 8.85
C GLY C 16 23.94 36.25 8.03
N ASP C 17 23.96 37.54 7.74
CA ASP C 17 22.88 38.15 6.98
C ASP C 17 22.92 37.65 5.54
N LEU C 18 21.86 36.97 5.12
CA LEU C 18 21.82 36.37 3.80
C LEU C 18 21.17 37.26 2.76
N LYS C 19 20.62 38.40 3.14
CA LYS C 19 19.91 39.23 2.17
C LYS C 19 20.83 39.69 1.06
N GLY C 20 22.06 40.05 1.39
CA GLY C 20 22.99 40.50 0.36
C GLY C 20 23.29 39.42 -0.65
N VAL C 21 23.70 38.24 -0.15
CA VAL C 21 24.07 37.18 -1.06
C VAL C 21 22.86 36.68 -1.83
N LEU C 22 21.70 36.61 -1.17
CA LEU C 22 20.51 36.18 -1.89
C LEU C 22 20.19 37.13 -3.03
N ASP C 23 20.28 38.43 -2.79
CA ASP C 23 19.97 39.38 -3.86
C ASP C 23 21.01 39.28 -4.97
N ASP C 24 22.28 39.14 -4.62
CA ASP C 24 23.30 39.00 -5.64
C ASP C 24 23.08 37.76 -6.50
N LEU C 25 22.77 36.63 -5.86
CA LEU C 25 22.50 35.40 -6.58
C LEU C 25 21.29 35.56 -7.50
N GLN C 26 20.24 36.21 -6.99
CA GLN C 26 19.08 36.49 -7.82
C GLN C 26 19.47 37.28 -9.06
N ASP C 27 20.25 38.35 -8.88
CA ASP C 27 20.63 39.17 -10.02
C ASP C 27 21.60 38.45 -10.95
N ASN C 28 22.26 37.39 -10.51
CA ASN C 28 23.07 36.58 -11.39
C ASN C 28 22.33 35.36 -11.91
N GLU C 29 21.00 35.35 -11.81
CA GLU C 29 20.14 34.26 -12.28
C GLU C 29 20.50 32.92 -11.68
N VAL C 30 21.29 32.87 -10.61
CA VAL C 30 21.49 31.61 -9.93
C VAL C 30 20.22 31.17 -9.24
N LEU C 31 19.45 32.12 -8.73
CA LEU C 31 18.24 31.83 -7.98
C LEU C 31 17.09 32.65 -8.54
N THR C 32 15.94 32.02 -8.74
CA THR C 32 14.73 32.75 -9.06
C THR C 32 14.07 33.23 -7.78
N GLU C 33 13.07 34.10 -7.94
CA GLU C 33 12.39 34.64 -6.77
C GLU C 33 11.85 33.52 -5.90
N ASN C 34 11.25 32.51 -6.52
CA ASN C 34 10.65 31.42 -5.77
C ASN C 34 11.70 30.70 -4.96
N GLU C 35 12.86 30.45 -5.57
CA GLU C 35 13.93 29.75 -4.89
C GLU C 35 14.41 30.56 -3.69
N LYS C 36 14.54 31.87 -3.87
CA LYS C 36 14.99 32.74 -2.78
C LYS C 36 13.98 32.73 -1.64
N GLU C 37 12.70 32.78 -1.98
CA GLU C 37 11.66 32.77 -0.97
C GLU C 37 11.67 31.46 -0.21
N LEU C 38 11.90 30.34 -0.91
CA LEU C 38 11.99 29.07 -0.24
C LEU C 38 13.15 29.06 0.74
N VAL C 39 14.28 29.67 0.36
CA VAL C 39 15.41 29.77 1.29
C VAL C 39 15.03 30.58 2.53
N GLU C 40 14.24 31.65 2.35
CA GLU C 40 13.98 32.54 3.47
C GLU C 40 12.90 32.05 4.40
N GLN C 41 12.12 31.06 4.02
CA GLN C 41 11.02 30.62 4.85
C GLN C 41 11.44 29.54 5.85
N GLU C 42 12.74 29.27 5.96
CA GLU C 42 13.22 28.39 7.00
C GLU C 42 13.23 29.11 8.34
N LYS C 43 13.11 28.33 9.42
CA LYS C 43 12.92 28.91 10.74
C LYS C 43 14.22 29.49 11.30
N THR C 44 15.33 28.80 11.14
CA THR C 44 16.56 29.12 11.83
C THR C 44 17.63 29.53 10.83
N ARG C 45 18.64 30.26 11.32
CA ARG C 45 19.68 30.74 10.43
C ARG C 45 20.56 29.61 9.94
N GLN C 46 20.83 28.60 10.77
CA GLN C 46 21.55 27.44 10.27
C GLN C 46 20.72 26.69 9.24
N SER C 47 19.41 26.61 9.45
CA SER C 47 18.55 26.00 8.45
C SER C 47 18.59 26.78 7.14
N LYS C 48 18.54 28.11 7.23
CA LYS C 48 18.60 28.92 6.03
C LYS C 48 19.93 28.75 5.31
N ASN C 49 21.02 28.68 6.06
CA ASN C 49 22.32 28.47 5.45
C ASN C 49 22.38 27.12 4.77
N GLU C 50 21.86 26.07 5.41
CA GLU C 50 21.85 24.76 4.77
C GLU C 50 21.04 24.79 3.49
N ALA C 51 19.85 25.38 3.53
CA ALA C 51 19.03 25.44 2.35
C ALA C 51 19.76 26.13 1.21
N LEU C 52 20.33 27.30 1.49
CA LEU C 52 21.01 28.04 0.44
C LEU C 52 22.21 27.26 -0.09
N LEU C 53 23.01 26.70 0.79
CA LEU C 53 24.23 26.02 0.36
C LEU C 53 23.90 24.82 -0.50
N SER C 54 22.94 24.00 -0.07
CA SER C 54 22.57 22.82 -0.85
C SER C 54 21.97 23.22 -2.20
N MET C 55 21.05 24.18 -2.18
CA MET C 55 20.47 24.67 -3.42
C MET C 55 21.52 25.16 -4.38
N VAL C 56 22.63 25.68 -3.88
CA VAL C 56 23.64 26.18 -4.81
C VAL C 56 24.58 25.07 -5.26
N GLU C 57 24.99 24.15 -4.39
CA GLU C 57 25.83 23.05 -4.85
C GLU C 57 25.14 22.25 -5.93
N LYS C 58 23.84 22.03 -5.80
CA LYS C 58 23.13 21.30 -6.83
C LYS C 58 23.24 21.99 -8.18
N LYS C 59 23.36 23.32 -8.20
CA LYS C 59 23.41 24.05 -9.45
C LYS C 59 24.71 23.81 -10.22
N GLY C 60 25.75 23.32 -9.57
CA GLY C 60 27.01 23.06 -10.23
C GLY C 60 28.13 23.86 -9.60
N ASP C 61 29.29 23.84 -10.27
CA ASP C 61 30.44 24.55 -9.74
C ASP C 61 30.48 26.01 -10.18
N LEU C 62 29.96 26.32 -11.36
CA LEU C 62 29.95 27.70 -11.81
C LEU C 62 29.12 28.55 -10.84
N ALA C 63 27.94 28.07 -10.49
CA ALA C 63 27.10 28.79 -9.54
C ALA C 63 27.73 28.83 -8.16
N LEU C 64 28.45 27.76 -7.77
CA LEU C 64 29.19 27.81 -6.53
C LEU C 64 30.22 28.94 -6.57
N ASP C 65 30.85 29.14 -7.72
CA ASP C 65 31.79 30.24 -7.85
C ASP C 65 31.10 31.58 -7.68
N VAL C 66 29.93 31.74 -8.30
CA VAL C 66 29.19 33.00 -8.15
C VAL C 66 28.86 33.22 -6.68
N LEU C 67 28.40 32.19 -5.98
CA LEU C 67 28.09 32.33 -4.56
C LEU C 67 29.33 32.71 -3.78
N PHE C 68 30.47 32.10 -4.09
CA PHE C 68 31.69 32.41 -3.36
C PHE C 68 32.08 33.86 -3.57
N ARG C 69 31.98 34.35 -4.80
CA ARG C 69 32.29 35.75 -5.06
C ARG C 69 31.38 36.66 -4.25
N SER C 70 30.08 36.35 -4.24
CA SER C 70 29.14 37.19 -3.52
C SER C 70 29.42 37.18 -2.03
N ILE C 71 29.82 36.05 -1.47
CA ILE C 71 30.20 36.06 -0.06
C ILE C 71 31.49 36.84 0.15
N SER C 72 32.45 36.67 -0.75
CA SER C 72 33.75 37.31 -0.57
C SER C 72 33.61 38.82 -0.63
N GLU C 73 32.55 39.32 -1.25
CA GLU C 73 32.37 40.77 -1.25
C GLU C 73 31.41 41.20 -0.16
N ARG C 74 30.43 40.36 0.19
CA ARG C 74 29.44 40.75 1.19
C ARG C 74 29.96 40.51 2.59
N ASP C 75 30.91 39.59 2.76
CA ASP C 75 31.43 39.23 4.08
C ASP C 75 32.88 38.79 3.95
N PRO C 76 33.77 39.69 3.56
CA PRO C 76 35.14 39.28 3.25
C PRO C 76 35.91 38.76 4.44
N TYR C 77 35.56 39.17 5.65
CA TYR C 77 36.34 38.77 6.81
C TYR C 77 36.21 37.28 7.08
N LEU C 78 34.98 36.76 7.02
CA LEU C 78 34.80 35.32 7.21
C LEU C 78 35.46 34.52 6.10
N VAL C 79 35.32 34.96 4.86
CA VAL C 79 35.94 34.28 3.75
C VAL C 79 37.44 34.19 3.98
N SER C 80 38.06 35.31 4.33
CA SER C 80 39.50 35.32 4.55
C SER C 80 39.87 34.42 5.71
N TYR C 81 39.14 34.52 6.82
CA TYR C 81 39.41 33.67 7.97
C TYR C 81 39.43 32.21 7.57
N LEU C 82 38.40 31.76 6.87
CA LEU C 82 38.35 30.35 6.51
C LEU C 82 39.48 30.02 5.55
N ARG C 83 39.72 30.87 4.55
CA ARG C 83 40.67 30.52 3.50
C ARG C 83 42.08 30.37 4.04
N GLN C 84 42.35 30.89 5.23
CA GLN C 84 43.68 30.82 5.82
C GLN C 84 43.62 29.88 7.02
N GLN C 85 43.23 28.65 6.76
CA GLN C 85 43.09 27.69 7.85
C GLN C 85 42.78 26.29 7.32
N ALA D 1 -20.62 16.46 29.40
CA ALA D 1 -19.99 15.37 28.67
C ALA D 1 -20.77 15.05 27.39
N ALA D 2 -22.08 14.84 27.54
CA ALA D 2 -22.93 14.71 26.37
C ALA D 2 -22.92 15.99 25.55
N PHE D 3 -23.01 17.13 26.22
CA PHE D 3 -23.03 18.45 25.60
C PHE D 3 -22.00 18.57 24.49
N VAL D 4 -20.85 17.94 24.66
CA VAL D 4 -19.88 17.89 23.58
C VAL D 4 -20.46 17.16 22.37
N LYS D 5 -21.12 16.03 22.61
CA LYS D 5 -21.67 15.27 21.50
C LYS D 5 -22.78 16.03 20.80
N GLU D 6 -23.69 16.66 21.54
CA GLU D 6 -24.71 17.40 20.81
C GLU D 6 -24.17 18.64 20.12
N ASN D 7 -22.94 19.05 20.40
CA ASN D 7 -22.40 20.27 19.82
C ASN D 7 -21.09 20.02 19.09
N HIS D 8 -20.99 18.88 18.41
CA HIS D 8 -19.76 18.56 17.70
C HIS D 8 -19.47 19.58 16.61
N ARG D 9 -20.45 19.87 15.76
CA ARG D 9 -20.21 20.76 14.63
C ARG D 9 -19.93 22.18 15.11
N GLN D 10 -20.71 22.66 16.06
CA GLN D 10 -20.47 24.00 16.57
C GLN D 10 -19.11 24.09 17.25
N LEU D 11 -18.75 23.06 18.01
CA LEU D 11 -17.44 23.10 18.65
C LEU D 11 -16.32 23.08 17.63
N GLN D 12 -16.48 22.39 16.50
CA GLN D 12 -15.39 22.47 15.54
C GLN D 12 -15.34 23.84 14.89
N ALA D 13 -16.50 24.45 14.67
CA ALA D 13 -16.51 25.70 13.94
C ALA D 13 -16.26 26.90 14.84
N ARG D 14 -16.19 26.71 16.14
CA ARG D 14 -16.08 27.83 17.06
C ARG D 14 -14.82 27.79 17.91
N MET D 15 -14.35 26.61 18.31
CA MET D 15 -13.21 26.56 19.21
C MET D 15 -12.01 27.22 18.57
N GLY D 16 -11.25 27.94 19.37
CA GLY D 16 -10.17 28.73 18.84
C GLY D 16 -8.80 28.21 19.21
N ASP D 17 -8.13 28.89 20.14
CA ASP D 17 -6.80 28.50 20.55
C ASP D 17 -6.87 27.18 21.31
N LEU D 18 -6.22 26.15 20.77
CA LEU D 18 -6.29 24.82 21.36
C LEU D 18 -5.15 24.52 22.30
N LYS D 19 -4.17 25.42 22.42
CA LYS D 19 -3.02 25.13 23.26
C LYS D 19 -3.42 24.91 24.71
N GLY D 20 -4.35 25.72 25.21
CA GLY D 20 -4.78 25.56 26.60
C GLY D 20 -5.42 24.21 26.84
N VAL D 21 -6.41 23.86 26.02
CA VAL D 21 -7.13 22.62 26.24
C VAL D 21 -6.20 21.44 25.98
N LEU D 22 -5.34 21.53 24.98
CA LEU D 22 -4.42 20.43 24.72
C LEU D 22 -3.52 20.19 25.92
N ASP D 23 -2.99 21.27 26.51
CA ASP D 23 -2.12 21.08 27.67
C ASP D 23 -2.90 20.52 28.85
N ASP D 24 -4.11 21.02 29.07
CA ASP D 24 -4.90 20.49 30.17
C ASP D 24 -5.20 19.00 29.99
N LEU D 25 -5.57 18.60 28.77
CA LEU D 25 -5.83 17.20 28.50
C LEU D 25 -4.58 16.36 28.71
N GLN D 26 -3.44 16.87 28.25
CA GLN D 26 -2.19 16.17 28.49
C GLN D 26 -1.94 15.96 29.98
N ASP D 27 -2.13 17.01 30.78
CA ASP D 27 -1.89 16.88 32.21
C ASP D 27 -2.93 16.02 32.89
N ASN D 28 -4.08 15.79 32.28
CA ASN D 28 -5.04 14.84 32.82
C ASN D 28 -4.93 13.45 32.19
N GLU D 29 -3.82 13.17 31.53
CA GLU D 29 -3.53 11.89 30.88
C GLU D 29 -4.58 11.48 29.87
N VAL D 30 -5.44 12.41 29.43
CA VAL D 30 -6.34 12.06 28.33
C VAL D 30 -5.54 11.91 27.06
N LEU D 31 -4.50 12.70 26.88
CA LEU D 31 -3.70 12.69 25.66
C LEU D 31 -2.23 12.55 26.02
N THR D 32 -1.53 11.69 25.31
CA THR D 32 -0.09 11.63 25.41
C THR D 32 0.53 12.67 24.49
N GLU D 33 1.84 12.88 24.64
CA GLU D 33 2.52 13.87 23.82
C GLU D 33 2.31 13.57 22.34
N ASN D 34 2.42 12.29 21.96
CA ASN D 34 2.30 11.92 20.57
C ASN D 34 0.92 12.28 20.05
N GLU D 35 -0.11 11.99 20.85
CA GLU D 35 -1.47 12.28 20.44
C GLU D 35 -1.66 13.77 20.24
N LYS D 36 -1.10 14.57 21.15
CA LYS D 36 -1.22 16.02 21.06
C LYS D 36 -0.53 16.53 19.81
N GLU D 37 0.65 15.99 19.52
CA GLU D 37 1.38 16.40 18.34
C GLU D 37 0.62 16.04 17.08
N LEU D 38 -0.02 14.88 17.06
CA LEU D 38 -0.82 14.50 15.92
C LEU D 38 -1.96 15.48 15.72
N VAL D 39 -2.57 15.93 16.81
CA VAL D 39 -3.62 16.94 16.71
C VAL D 39 -3.09 18.22 16.11
N GLU D 40 -1.87 18.62 16.48
CA GLU D 40 -1.37 19.92 16.07
C GLU D 40 -0.81 19.95 14.66
N GLN D 41 -0.57 18.81 14.05
CA GLN D 41 0.03 18.79 12.73
C GLN D 41 -0.99 18.87 11.62
N GLU D 42 -2.26 19.10 11.95
CA GLU D 42 -3.27 19.35 10.93
C GLU D 42 -3.11 20.76 10.37
N LYS D 43 -3.55 20.94 9.13
CA LYS D 43 -3.30 22.20 8.43
C LYS D 43 -4.20 23.32 8.92
N THR D 44 -5.47 23.03 9.14
CA THR D 44 -6.48 24.05 9.35
C THR D 44 -7.06 23.93 10.76
N ARG D 45 -7.64 25.03 11.26
CA ARG D 45 -8.17 25.02 12.61
C ARG D 45 -9.41 24.14 12.71
N GLN D 46 -10.25 24.12 11.68
CA GLN D 46 -11.36 23.17 11.71
C GLN D 46 -10.86 21.74 11.66
N SER D 47 -9.81 21.48 10.90
CA SER D 47 -9.22 20.15 10.90
C SER D 47 -8.68 19.80 12.26
N LYS D 48 -8.01 20.74 12.92
CA LYS D 48 -7.49 20.47 14.26
C LYS D 48 -8.60 20.21 15.25
N ASN D 49 -9.68 20.98 15.15
CA ASN D 49 -10.82 20.76 16.03
C ASN D 49 -11.44 19.39 15.80
N GLU D 50 -11.59 18.99 14.54
CA GLU D 50 -12.12 17.67 14.26
C GLU D 50 -11.23 16.58 14.83
N ALA D 51 -9.93 16.70 14.61
CA ALA D 51 -9.01 15.69 15.13
C ALA D 51 -9.15 15.58 16.64
N LEU D 52 -9.11 16.71 17.34
CA LEU D 52 -9.18 16.67 18.79
C LEU D 52 -10.50 16.10 19.26
N LEU D 53 -11.60 16.54 18.66
CA LEU D 53 -12.91 16.11 19.13
C LEU D 53 -13.10 14.62 18.93
N SER D 54 -12.73 14.11 17.75
CA SER D 54 -12.87 12.68 17.49
C SER D 54 -11.98 11.86 18.40
N MET D 55 -10.71 12.27 18.53
CA MET D 55 -9.79 11.60 19.43
C MET D 55 -10.31 11.54 20.84
N VAL D 56 -11.09 12.54 21.26
CA VAL D 56 -11.58 12.50 22.63
C VAL D 56 -12.86 11.69 22.75
N GLU D 57 -13.79 11.79 21.79
CA GLU D 57 -14.99 10.96 21.88
C GLU D 57 -14.63 9.48 21.90
N LYS D 58 -13.63 9.09 21.12
CA LYS D 58 -13.24 7.68 21.14
C LYS D 58 -12.79 7.25 22.54
N LYS D 59 -12.25 8.17 23.33
CA LYS D 59 -11.75 7.81 24.64
C LYS D 59 -12.86 7.47 25.62
N GLY D 60 -14.09 7.86 25.35
CA GLY D 60 -15.21 7.56 26.22
C GLY D 60 -15.88 8.83 26.70
N ASP D 61 -16.78 8.67 27.67
CA ASP D 61 -17.50 9.82 28.19
C ASP D 61 -16.77 10.51 29.32
N LEU D 62 -15.99 9.77 30.11
CA LEU D 62 -15.24 10.40 31.19
C LEU D 62 -14.25 11.41 30.61
N ALA D 63 -13.52 11.02 29.58
CA ALA D 63 -12.59 11.94 28.93
C ALA D 63 -13.32 13.08 28.24
N LEU D 64 -14.51 12.81 27.70
CA LEU D 64 -15.30 13.90 27.17
C LEU D 64 -15.64 14.91 28.26
N ASP D 65 -15.90 14.42 29.46
CA ASP D 65 -16.17 15.32 30.58
C ASP D 65 -14.94 16.15 30.90
N VAL D 66 -13.77 15.53 30.92
CA VAL D 66 -12.54 16.28 31.18
C VAL D 66 -12.35 17.36 30.12
N LEU D 67 -12.58 17.02 28.86
CA LEU D 67 -12.44 18.00 27.80
C LEU D 67 -13.44 19.14 27.98
N PHE D 68 -14.67 18.81 28.36
CA PHE D 68 -15.67 19.85 28.54
C PHE D 68 -15.27 20.79 29.68
N ARG D 69 -14.77 20.24 30.77
CA ARG D 69 -14.30 21.10 31.86
C ARG D 69 -13.20 22.02 31.40
N SER D 70 -12.23 21.47 30.65
CA SER D 70 -11.12 22.28 30.20
C SER D 70 -11.57 23.38 29.25
N ILE D 71 -12.57 23.11 28.41
CA ILE D 71 -13.09 24.18 27.57
C ILE D 71 -13.85 25.20 28.41
N SER D 72 -14.63 24.73 29.38
CA SER D 72 -15.45 25.62 30.17
C SER D 72 -14.59 26.57 30.98
N GLU D 73 -13.35 26.19 31.25
CA GLU D 73 -12.48 27.12 31.97
C GLU D 73 -11.60 27.91 31.02
N ARG D 74 -11.23 27.31 29.88
CA ARG D 74 -10.34 28.00 28.95
C ARG D 74 -11.10 28.95 28.05
N ASP D 75 -12.38 28.70 27.83
CA ASP D 75 -13.20 29.50 26.93
C ASP D 75 -14.65 29.50 27.39
N PRO D 76 -14.91 30.09 28.56
CA PRO D 76 -16.25 29.96 29.16
C PRO D 76 -17.34 30.63 28.35
N TYR D 77 -17.01 31.64 27.57
CA TYR D 77 -18.05 32.37 26.86
C TYR D 77 -18.70 31.52 25.79
N LEU D 78 -17.90 30.80 25.01
CA LEU D 78 -18.46 29.92 23.99
C LEU D 78 -19.27 28.79 24.62
N VAL D 79 -18.74 28.20 25.69
CA VAL D 79 -19.46 27.13 26.38
C VAL D 79 -20.83 27.64 26.81
N SER D 80 -20.86 28.80 27.46
CA SER D 80 -22.13 29.34 27.92
C SER D 80 -23.05 29.63 26.77
N TYR D 81 -22.53 30.27 25.72
CA TYR D 81 -23.35 30.56 24.54
C TYR D 81 -24.02 29.30 24.04
N LEU D 82 -23.26 28.24 23.83
CA LEU D 82 -23.85 27.02 23.29
C LEU D 82 -24.85 26.44 24.28
N ARG D 83 -24.49 26.39 25.56
CA ARG D 83 -25.31 25.69 26.53
C ARG D 83 -26.69 26.33 26.67
N GLN D 84 -26.84 27.57 26.23
CA GLN D 84 -28.11 28.29 26.36
C GLN D 84 -28.67 28.47 24.96
N GLN D 85 -28.92 27.36 24.28
CA GLN D 85 -29.43 27.42 22.93
C GLN D 85 -29.76 26.03 22.39
N ALA E 1 28.11 2.32 21.48
CA ALA E 1 27.43 1.69 20.35
C ALA E 1 26.30 0.78 20.82
N ALA E 2 26.60 -0.11 21.76
CA ALA E 2 25.56 -0.88 22.39
C ALA E 2 24.59 0.02 23.14
N PHE E 3 25.14 0.99 23.86
CA PHE E 3 24.37 1.94 24.66
C PHE E 3 23.14 2.46 23.92
N VAL E 4 23.26 2.64 22.61
CA VAL E 4 22.10 2.98 21.80
C VAL E 4 21.06 1.88 21.88
N LYS E 5 21.50 0.63 21.76
CA LYS E 5 20.55 -0.48 21.77
C LYS E 5 19.88 -0.62 23.13
N GLU E 6 20.64 -0.51 24.22
CA GLU E 6 19.94 -0.62 25.50
C GLU E 6 19.05 0.57 25.79
N ASN E 7 19.15 1.66 25.04
CA ASN E 7 18.39 2.86 25.33
C ASN E 7 17.55 3.30 24.13
N HIS E 8 17.00 2.33 23.39
CA HIS E 8 16.21 2.67 22.21
C HIS E 8 14.98 3.48 22.58
N ARG E 9 14.21 3.01 23.57
CA ARG E 9 12.97 3.70 23.91
C ARG E 9 13.24 5.07 24.51
N GLN E 10 14.22 5.17 25.40
CA GLN E 10 14.53 6.46 25.98
C GLN E 10 15.05 7.41 24.92
N LEU E 11 15.89 6.92 24.01
CA LEU E 11 16.37 7.80 22.97
C LEU E 11 15.24 8.27 22.05
N GLN E 12 14.23 7.44 21.80
CA GLN E 12 13.16 7.99 20.97
C GLN E 12 12.35 9.01 21.75
N ALA E 13 12.18 8.80 23.06
CA ALA E 13 11.32 9.68 23.81
C ALA E 13 12.04 10.93 24.29
N ARG E 14 13.34 11.02 24.09
CA ARG E 14 14.11 12.13 24.63
C ARG E 14 14.81 12.96 23.57
N MET E 15 15.30 12.34 22.51
CA MET E 15 16.07 13.09 21.53
C MET E 15 15.23 14.21 20.95
N GLY E 16 15.86 15.36 20.74
CA GLY E 16 15.13 16.53 20.33
C GLY E 16 15.42 16.95 18.91
N ASP E 17 16.18 18.02 18.75
CA ASP E 17 16.49 18.53 17.43
C ASP E 17 17.39 17.56 16.70
N LEU E 18 16.92 17.01 15.59
CA LEU E 18 17.67 16.01 14.87
C LEU E 18 18.51 16.57 13.74
N LYS E 19 18.43 17.87 13.47
CA LYS E 19 19.17 18.42 12.34
C LYS E 19 20.67 18.24 12.53
N GLY E 20 21.16 18.44 13.75
CA GLY E 20 22.59 18.28 13.97
C GLY E 20 23.06 16.87 13.70
N VAL E 21 22.39 15.89 14.32
CA VAL E 21 22.83 14.52 14.17
C VAL E 21 22.62 14.05 12.74
N LEU E 22 21.52 14.47 12.10
CA LEU E 22 21.31 14.07 10.72
C LEU E 22 22.42 14.59 9.83
N ASP E 23 22.82 15.85 10.02
CA ASP E 23 23.89 16.37 9.18
C ASP E 23 25.21 15.67 9.46
N ASP E 24 25.50 15.40 10.73
CA ASP E 24 26.72 14.69 11.05
C ASP E 24 26.75 13.30 10.43
N LEU E 25 25.63 12.58 10.52
CA LEU E 25 25.56 11.26 9.92
C LEU E 25 25.73 11.34 8.40
N GLN E 26 25.10 12.33 7.78
CA GLN E 26 25.29 12.53 6.35
C GLN E 26 26.75 12.73 6.02
N ASP E 27 27.43 13.59 6.76
CA ASP E 27 28.84 13.84 6.46
C ASP E 27 29.73 12.66 6.79
N ASN E 28 29.27 11.72 7.60
CA ASN E 28 30.01 10.49 7.83
C ASN E 28 29.54 9.35 6.94
N GLU E 29 28.81 9.65 5.87
CA GLU E 29 28.30 8.68 4.91
C GLU E 29 27.44 7.59 5.55
N VAL E 30 27.00 7.77 6.78
CA VAL E 30 26.05 6.81 7.34
C VAL E 30 24.71 6.94 6.63
N LEU E 31 24.34 8.15 6.24
CA LEU E 31 23.06 8.41 5.60
C LEU E 31 23.28 9.19 4.33
N THR E 32 22.60 8.80 3.28
CA THR E 32 22.55 9.60 2.07
C THR E 32 21.46 10.64 2.18
N GLU E 33 21.44 11.58 1.24
CA GLU E 33 20.44 12.64 1.29
C GLU E 33 19.04 12.04 1.30
N ASN E 34 18.81 11.03 0.47
CA ASN E 34 17.49 10.43 0.37
C ASN E 34 17.08 9.84 1.71
N GLU E 35 18.01 9.16 2.36
CA GLU E 35 17.72 8.53 3.64
C GLU E 35 17.37 9.60 4.68
N LYS E 36 18.12 10.71 4.67
CA LYS E 36 17.87 11.78 5.62
C LYS E 36 16.50 12.39 5.38
N GLU E 37 16.14 12.59 4.11
CA GLU E 37 14.85 13.17 3.77
C GLU E 37 13.73 12.23 4.20
N LEU E 38 13.93 10.93 4.04
CA LEU E 38 12.91 9.99 4.50
C LEU E 38 12.73 10.09 5.99
N VAL E 39 13.82 10.27 6.74
CA VAL E 39 13.71 10.47 8.19
C VAL E 39 12.91 11.72 8.50
N GLU E 40 13.11 12.78 7.74
CA GLU E 40 12.50 14.06 8.10
C GLU E 40 11.04 14.18 7.69
N GLN E 41 10.55 13.31 6.84
CA GLN E 41 9.18 13.43 6.36
C GLN E 41 8.18 12.72 7.26
N GLU E 42 8.62 12.24 8.42
CA GLU E 42 7.69 11.71 9.39
C GLU E 42 6.96 12.84 10.11
N LYS E 43 5.76 12.54 10.58
CA LYS E 43 4.89 13.58 11.13
C LYS E 43 5.34 14.05 12.51
N THR E 44 5.72 13.12 13.37
CA THR E 44 5.92 13.40 14.78
C THR E 44 7.38 13.19 15.16
N ARG E 45 7.81 13.82 16.26
CA ARG E 45 9.20 13.71 16.66
C ARG E 45 9.54 12.31 17.15
N GLN E 46 8.61 11.65 17.84
CA GLN E 46 8.86 10.26 18.19
C GLN E 46 8.93 9.38 16.96
N SER E 47 8.09 9.65 15.96
CA SER E 47 8.19 8.93 14.70
C SER E 47 9.53 9.17 14.03
N LYS E 48 10.00 10.41 14.02
CA LYS E 48 11.29 10.71 13.42
C LYS E 48 12.41 10.01 14.16
N ASN E 49 12.35 10.00 15.49
CA ASN E 49 13.36 9.31 16.27
C ASN E 49 13.36 7.82 15.97
N GLU E 50 12.17 7.21 15.89
CA GLU E 50 12.10 5.79 15.55
C GLU E 50 12.71 5.52 14.19
N ALA E 51 12.33 6.33 13.20
CA ALA E 51 12.87 6.13 11.86
C ALA E 51 14.39 6.19 11.87
N LEU E 52 14.94 7.24 12.49
CA LEU E 52 16.39 7.39 12.50
C LEU E 52 17.06 6.25 13.23
N LEU E 53 16.53 5.87 14.39
CA LEU E 53 17.18 4.86 15.20
C LEU E 53 17.17 3.52 14.48
N SER E 54 16.03 3.13 13.91
CA SER E 54 15.96 1.86 13.19
C SER E 54 16.86 1.86 11.97
N MET E 55 16.80 2.93 11.19
CA MET E 55 17.66 3.06 10.03
C MET E 55 19.13 2.94 10.39
N VAL E 56 19.51 3.36 11.59
CA VAL E 56 20.91 3.27 11.95
C VAL E 56 21.26 1.90 12.51
N GLU E 57 20.41 1.29 13.34
CA GLU E 57 20.72 -0.06 13.83
C GLU E 57 20.88 -1.02 12.68
N LYS E 58 20.04 -0.90 11.65
CA LYS E 58 20.19 -1.79 10.51
C LYS E 58 21.57 -1.66 9.88
N LYS E 59 22.19 -0.49 9.95
CA LYS E 59 23.48 -0.29 9.32
C LYS E 59 24.60 -1.06 10.01
N GLY E 60 24.41 -1.49 11.23
CA GLY E 60 25.43 -2.23 11.96
C GLY E 60 25.83 -1.52 13.22
N ASP E 61 26.90 -2.02 13.85
CA ASP E 61 27.34 -1.42 15.11
C ASP E 61 28.32 -0.26 14.89
N LEU E 62 29.09 -0.29 13.82
CA LEU E 62 30.00 0.82 13.55
C LEU E 62 29.21 2.11 13.34
N ALA E 63 28.16 2.05 12.54
CA ALA E 63 27.31 3.22 12.33
C ALA E 63 26.59 3.60 13.60
N LEU E 64 26.21 2.63 14.42
CA LEU E 64 25.63 2.96 15.71
C LEU E 64 26.63 3.75 16.55
N ASP E 65 27.91 3.40 16.46
CA ASP E 65 28.93 4.14 17.18
C ASP E 65 29.02 5.57 16.67
N VAL E 66 28.98 5.74 15.34
CA VAL E 66 29.02 7.09 14.79
C VAL E 66 27.84 7.90 15.28
N LEU E 67 26.64 7.30 15.28
CA LEU E 67 25.47 8.00 15.77
C LEU E 67 25.63 8.37 17.24
N PHE E 68 26.17 7.46 18.04
CA PHE E 68 26.33 7.75 19.45
C PHE E 68 27.29 8.91 19.65
N ARG E 69 28.39 8.94 18.91
CA ARG E 69 29.32 10.05 19.01
C ARG E 69 28.64 11.35 18.66
N SER E 70 27.86 11.35 17.57
CA SER E 70 27.20 12.57 17.14
C SER E 70 26.18 13.05 18.18
N ILE E 71 25.50 12.13 18.84
CA ILE E 71 24.59 12.56 19.90
C ILE E 71 25.38 13.07 21.09
N SER E 72 26.48 12.40 21.43
CA SER E 72 27.23 12.77 22.61
C SER E 72 27.85 14.15 22.45
N GLU E 73 28.01 14.60 21.21
CA GLU E 73 28.53 15.96 21.04
C GLU E 73 27.40 16.94 20.80
N ARG E 74 26.30 16.51 20.17
CA ARG E 74 25.22 17.43 19.86
C ARG E 74 24.30 17.61 21.06
N ASP E 75 24.24 16.64 21.95
CA ASP E 75 23.34 16.68 23.11
C ASP E 75 23.97 15.92 24.27
N PRO E 76 25.07 16.42 24.81
CA PRO E 76 25.81 15.64 25.81
C PRO E 76 25.05 15.42 27.10
N TYR E 77 24.12 16.31 27.44
CA TYR E 77 23.46 16.19 28.72
C TYR E 77 22.57 14.96 28.78
N LEU E 78 21.79 14.71 27.71
CA LEU E 78 20.95 13.53 27.68
C LEU E 78 21.79 12.26 27.66
N VAL E 79 22.86 12.25 26.87
CA VAL E 79 23.74 11.09 26.82
C VAL E 79 24.26 10.78 28.21
N SER E 80 24.76 11.79 28.90
CA SER E 80 25.30 11.57 30.23
C SER E 80 24.21 11.10 31.19
N TYR E 81 23.05 11.74 31.15
CA TYR E 81 21.94 11.33 32.00
C TYR E 81 21.66 9.85 31.83
N LEU E 82 21.50 9.40 30.59
CA LEU E 82 21.17 8.00 30.37
C LEU E 82 22.32 7.11 30.83
N ARG E 83 23.55 7.49 30.48
CA ARG E 83 24.68 6.59 30.72
C ARG E 83 24.89 6.34 32.21
N GLN E 84 24.32 7.19 33.07
CA GLN E 84 24.51 7.06 34.51
C GLN E 84 23.15 6.66 35.11
N GLN E 85 22.64 5.51 34.66
CA GLN E 85 21.35 5.06 35.14
C GLN E 85 21.02 3.67 34.61
N ALA F 1 16.97 17.57 -26.17
CA ALA F 1 16.00 16.49 -25.97
C ALA F 1 16.70 15.21 -25.57
N ALA F 2 17.71 14.81 -26.35
CA ALA F 2 18.54 13.69 -25.94
C ALA F 2 19.27 13.99 -24.64
N PHE F 3 19.79 15.21 -24.53
CA PHE F 3 20.54 15.67 -23.36
C PHE F 3 19.86 15.26 -22.06
N VAL F 4 18.53 15.26 -22.04
CA VAL F 4 17.82 14.75 -20.88
C VAL F 4 18.15 13.28 -20.67
N LYS F 5 18.14 12.50 -21.75
CA LYS F 5 18.40 11.07 -21.62
C LYS F 5 19.81 10.81 -21.16
N GLU F 6 20.80 11.50 -21.72
CA GLU F 6 22.15 11.22 -21.23
C GLU F 6 22.38 11.73 -19.82
N ASN F 7 21.48 12.54 -19.27
CA ASN F 7 21.68 13.12 -17.95
C ASN F 7 20.53 12.79 -17.01
N HIS F 8 19.98 11.59 -17.11
CA HIS F 8 18.86 11.22 -16.25
C HIS F 8 19.26 11.24 -14.78
N ARG F 9 20.35 10.58 -14.43
CA ARG F 9 20.73 10.49 -13.02
C ARG F 9 21.12 11.85 -12.46
N GLN F 10 21.89 12.63 -13.22
CA GLN F 10 22.26 13.95 -12.73
C GLN F 10 21.04 14.83 -12.60
N LEU F 11 20.12 14.77 -13.56
CA LEU F 11 18.93 15.58 -13.43
C LEU F 11 18.08 15.16 -12.24
N GLN F 12 18.04 13.88 -11.89
CA GLN F 12 17.27 13.57 -10.69
C GLN F 12 17.98 14.06 -9.45
N ALA F 13 19.31 14.01 -9.45
CA ALA F 13 20.02 14.36 -8.22
C ALA F 13 20.26 15.86 -8.10
N ARG F 14 19.92 16.63 -9.11
CA ARG F 14 20.24 18.06 -9.10
C ARG F 14 19.02 18.95 -9.19
N MET F 15 17.99 18.56 -9.94
CA MET F 15 16.85 19.43 -10.13
C MET F 15 16.23 19.77 -8.79
N GLY F 16 15.80 21.02 -8.64
CA GLY F 16 15.33 21.48 -7.35
C GLY F 16 13.84 21.75 -7.34
N ASP F 17 13.47 23.02 -7.35
CA ASP F 17 12.06 23.39 -7.29
C ASP F 17 11.38 23.01 -8.59
N LEU F 18 10.40 22.11 -8.50
CA LEU F 18 9.75 21.59 -9.70
C LEU F 18 8.48 22.34 -10.05
N LYS F 19 8.04 23.30 -9.22
CA LYS F 19 6.79 23.98 -9.49
C LYS F 19 6.84 24.72 -10.83
N GLY F 20 7.96 25.36 -11.13
CA GLY F 20 8.06 26.08 -12.38
C GLY F 20 7.93 25.16 -13.59
N VAL F 21 8.74 24.10 -13.61
CA VAL F 21 8.72 23.21 -14.76
C VAL F 21 7.39 22.49 -14.84
N LEU F 22 6.83 22.09 -13.70
CA LEU F 22 5.53 21.41 -13.74
C LEU F 22 4.47 22.32 -14.34
N ASP F 23 4.46 23.60 -13.95
CA ASP F 23 3.45 24.50 -14.51
C ASP F 23 3.68 24.72 -15.99
N ASP F 24 4.94 24.88 -16.40
CA ASP F 24 5.22 25.06 -17.81
C ASP F 24 4.79 23.84 -18.63
N LEU F 25 5.08 22.64 -18.14
CA LEU F 25 4.66 21.43 -18.83
C LEU F 25 3.16 21.35 -18.90
N GLN F 26 2.47 21.68 -17.82
CA GLN F 26 1.01 21.72 -17.85
C GLN F 26 0.50 22.66 -18.93
N ASP F 27 1.07 23.86 -18.99
CA ASP F 27 0.59 24.81 -19.99
C ASP F 27 0.97 24.42 -21.40
N ASN F 28 1.95 23.53 -21.58
CA ASN F 28 2.25 23.00 -22.90
C ASN F 28 1.57 21.66 -23.16
N GLU F 29 0.56 21.31 -22.38
CA GLU F 29 -0.22 20.09 -22.51
C GLU F 29 0.63 18.83 -22.45
N VAL F 30 1.89 18.92 -21.99
CA VAL F 30 2.65 17.71 -21.77
C VAL F 30 2.06 16.94 -20.61
N LEU F 31 1.56 17.63 -19.60
CA LEU F 31 1.05 17.00 -18.39
C LEU F 31 -0.34 17.56 -18.10
N THR F 32 -1.26 16.68 -17.77
CA THR F 32 -2.56 17.10 -17.26
C THR F 32 -2.46 17.33 -15.76
N GLU F 33 -3.52 17.93 -15.20
CA GLU F 33 -3.51 18.23 -13.78
C GLU F 33 -3.27 16.96 -12.97
N ASN F 34 -3.94 15.87 -13.37
CA ASN F 34 -3.81 14.62 -12.62
C ASN F 34 -2.38 14.13 -12.64
N GLU F 35 -1.74 14.22 -13.80
CA GLU F 35 -0.36 13.76 -13.94
C GLU F 35 0.55 14.59 -13.05
N LYS F 36 0.33 15.90 -13.02
CA LYS F 36 1.15 16.78 -12.20
C LYS F 36 0.97 16.47 -10.72
N GLU F 37 -0.27 16.22 -10.32
CA GLU F 37 -0.55 15.88 -8.93
C GLU F 37 0.11 14.57 -8.55
N LEU F 38 0.10 13.61 -9.46
CA LEU F 38 0.78 12.34 -9.18
C LEU F 38 2.26 12.56 -9.00
N VAL F 39 2.86 13.46 -9.78
CA VAL F 39 4.27 13.78 -9.60
C VAL F 39 4.51 14.40 -8.22
N GLU F 40 3.60 15.25 -7.76
CA GLU F 40 3.85 15.99 -6.53
C GLU F 40 3.57 15.18 -5.26
N GLN F 41 2.90 14.05 -5.35
CA GLN F 41 2.55 13.30 -4.17
C GLN F 41 3.64 12.32 -3.76
N GLU F 42 4.79 12.36 -4.40
CA GLU F 42 5.92 11.57 -3.96
C GLU F 42 6.55 12.18 -2.73
N LYS F 43 7.19 11.34 -1.91
CA LYS F 43 7.67 11.78 -0.61
C LYS F 43 8.93 12.63 -0.73
N THR F 44 9.87 12.25 -1.58
CA THR F 44 11.19 12.81 -1.60
C THR F 44 11.44 13.53 -2.91
N ARG F 45 12.40 14.45 -2.90
CA ARG F 45 12.67 15.23 -4.11
C ARG F 45 13.30 14.38 -5.20
N GLN F 46 14.16 13.42 -4.83
CA GLN F 46 14.67 12.51 -5.84
C GLN F 46 13.55 11.63 -6.39
N SER F 47 12.62 11.22 -5.54
CA SER F 47 11.46 10.48 -6.03
C SER F 47 10.64 11.33 -6.98
N LYS F 48 10.42 12.59 -6.64
CA LYS F 48 9.65 13.47 -7.52
C LYS F 48 10.36 13.66 -8.85
N ASN F 49 11.68 13.84 -8.81
CA ASN F 49 12.43 13.98 -10.05
C ASN F 49 12.34 12.73 -10.90
N GLU F 50 12.44 11.55 -10.28
CA GLU F 50 12.31 10.31 -11.04
C GLU F 50 10.94 10.21 -11.68
N ALA F 51 9.89 10.49 -10.89
CA ALA F 51 8.54 10.41 -11.43
C ALA F 51 8.39 11.33 -12.64
N LEU F 52 8.82 12.59 -12.49
CA LEU F 52 8.65 13.53 -13.59
C LEU F 52 9.45 13.11 -14.81
N LEU F 53 10.70 12.70 -14.60
CA LEU F 53 11.56 12.37 -15.72
C LEU F 53 11.02 11.18 -16.49
N SER F 54 10.63 10.12 -15.78
CA SER F 54 10.10 8.94 -16.44
C SER F 54 8.80 9.25 -17.16
N MET F 55 7.89 9.95 -16.49
CA MET F 55 6.63 10.37 -17.11
C MET F 55 6.87 11.16 -18.37
N VAL F 56 7.96 11.91 -18.45
CA VAL F 56 8.18 12.69 -19.66
C VAL F 56 8.88 11.87 -20.75
N GLU F 57 9.86 11.03 -20.40
CA GLU F 57 10.48 10.20 -21.44
C GLU F 57 9.46 9.31 -22.12
N LYS F 58 8.51 8.78 -21.36
CA LYS F 58 7.49 7.96 -21.98
C LYS F 58 6.70 8.73 -23.03
N LYS F 59 6.57 10.04 -22.85
CA LYS F 59 5.78 10.84 -23.79
C LYS F 59 6.44 10.98 -25.15
N GLY F 60 7.73 10.72 -25.26
CA GLY F 60 8.43 10.82 -26.52
C GLY F 60 9.55 11.82 -26.45
N ASP F 61 10.13 12.13 -27.61
CA ASP F 61 11.23 13.07 -27.65
C ASP F 61 10.78 14.52 -27.76
N LEU F 62 9.64 14.76 -28.41
CA LEU F 62 9.14 16.12 -28.51
C LEU F 62 8.86 16.69 -27.12
N ALA F 63 8.18 15.91 -26.29
CA ALA F 63 7.90 16.34 -24.93
C ALA F 63 9.18 16.44 -24.12
N LEU F 64 10.16 15.58 -24.37
CA LEU F 64 11.45 15.74 -23.72
C LEU F 64 12.07 17.07 -24.10
N ASP F 65 11.91 17.50 -25.34
CA ASP F 65 12.41 18.80 -25.75
C ASP F 65 11.70 19.92 -25.00
N VAL F 66 10.38 19.82 -24.86
CA VAL F 66 9.65 20.84 -24.11
C VAL F 66 10.16 20.90 -22.67
N LEU F 67 10.36 19.74 -22.05
CA LEU F 67 10.88 19.72 -20.69
C LEU F 67 12.25 20.34 -20.62
N PHE F 68 13.11 20.06 -21.59
CA PHE F 68 14.44 20.61 -21.57
C PHE F 68 14.40 22.13 -21.68
N ARG F 69 13.54 22.64 -22.57
CA ARG F 69 13.41 24.09 -22.68
C ARG F 69 12.97 24.69 -21.36
N SER F 70 11.97 24.08 -20.73
CA SER F 70 11.46 24.62 -19.48
C SER F 70 12.52 24.59 -18.39
N ILE F 71 13.36 23.56 -18.35
CA ILE F 71 14.45 23.57 -17.38
C ILE F 71 15.48 24.63 -17.74
N SER F 72 15.78 24.76 -19.03
CA SER F 72 16.82 25.70 -19.44
C SER F 72 16.43 27.12 -19.14
N GLU F 73 15.13 27.38 -19.01
CA GLU F 73 14.73 28.73 -18.65
C GLU F 73 14.48 28.85 -17.16
N ARG F 74 14.03 27.78 -16.51
CA ARG F 74 13.72 27.85 -15.08
C ARG F 74 14.97 27.67 -14.24
N ASP F 75 15.98 27.00 -14.76
CA ASP F 75 17.20 26.71 -14.01
C ASP F 75 18.38 26.64 -14.97
N PRO F 76 18.74 27.77 -15.59
CA PRO F 76 19.75 27.72 -16.66
C PRO F 76 21.13 27.33 -16.17
N TYR F 77 21.44 27.57 -14.91
CA TYR F 77 22.79 27.31 -14.44
C TYR F 77 23.09 25.83 -14.42
N LEU F 78 22.16 25.01 -13.92
CA LEU F 78 22.37 23.57 -13.92
C LEU F 78 22.42 23.03 -15.34
N VAL F 79 21.53 23.49 -16.21
CA VAL F 79 21.55 23.04 -17.59
C VAL F 79 22.90 23.31 -18.21
N SER F 80 23.40 24.54 -18.04
CA SER F 80 24.70 24.88 -18.62
C SER F 80 25.81 24.04 -18.01
N TYR F 81 25.81 23.89 -16.69
CA TYR F 81 26.81 23.06 -16.04
C TYR F 81 26.86 21.68 -16.65
N LEU F 82 25.71 21.03 -16.77
CA LEU F 82 25.71 19.68 -17.31
C LEU F 82 26.15 19.68 -18.76
N ARG F 83 25.65 20.63 -19.55
CA ARG F 83 25.89 20.59 -20.99
C ARG F 83 27.36 20.76 -21.32
N GLN F 84 28.15 21.25 -20.38
CA GLN F 84 29.58 21.49 -20.61
C GLN F 84 30.35 20.49 -19.75
N GLN F 85 30.12 19.21 -19.99
CA GLN F 85 30.77 18.19 -19.19
C GLN F 85 30.47 16.79 -19.72
N ALA G 1 -30.85 15.88 -7.42
CA ALA G 1 -30.44 14.49 -7.26
C ALA G 1 -29.96 13.91 -8.58
N ALA G 2 -30.78 14.04 -9.61
CA ALA G 2 -30.34 13.68 -10.96
C ALA G 2 -29.17 14.54 -11.39
N PHE G 3 -29.26 15.85 -11.13
CA PHE G 3 -28.24 16.83 -11.49
C PHE G 3 -26.84 16.33 -11.20
N VAL G 4 -26.67 15.57 -10.12
CA VAL G 4 -25.39 14.93 -9.85
C VAL G 4 -25.05 13.96 -10.97
N LYS G 5 -26.02 13.15 -11.40
CA LYS G 5 -25.75 12.17 -12.44
C LYS G 5 -25.42 12.84 -13.76
N GLU G 6 -26.17 13.87 -14.15
CA GLU G 6 -25.80 14.49 -15.42
C GLU G 6 -24.48 15.26 -15.34
N ASN G 7 -23.94 15.49 -14.15
CA ASN G 7 -22.73 16.28 -14.00
C ASN G 7 -21.63 15.51 -13.28
N HIS G 8 -21.53 14.21 -13.53
CA HIS G 8 -20.53 13.41 -12.84
C HIS G 8 -19.11 13.88 -13.17
N ARG G 9 -18.81 14.03 -14.46
CA ARG G 9 -17.46 14.39 -14.85
C ARG G 9 -17.09 15.80 -14.40
N GLN G 10 -18.02 16.74 -14.56
CA GLN G 10 -17.74 18.09 -14.10
C GLN G 10 -17.57 18.13 -12.59
N LEU G 11 -18.41 17.40 -11.87
CA LEU G 11 -18.25 17.41 -10.43
C LEU G 11 -16.94 16.78 -10.01
N GLN G 12 -16.43 15.77 -10.72
CA GLN G 12 -15.13 15.27 -10.29
C GLN G 12 -14.04 16.27 -10.62
N ALA G 13 -14.17 16.99 -11.73
CA ALA G 13 -13.10 17.87 -12.13
C ALA G 13 -13.17 19.23 -11.46
N ARG G 14 -14.22 19.51 -10.71
CA ARG G 14 -14.41 20.84 -10.14
C ARG G 14 -14.47 20.84 -8.64
N MET G 15 -15.06 19.83 -8.01
CA MET G 15 -15.23 19.85 -6.57
C MET G 15 -13.88 19.99 -5.89
N GLY G 16 -13.83 20.78 -4.83
CA GLY G 16 -12.57 21.07 -4.20
C GLY G 16 -12.41 20.45 -2.83
N ASP G 17 -12.53 21.27 -1.79
CA ASP G 17 -12.37 20.78 -0.43
C ASP G 17 -13.54 19.86 -0.07
N LEU G 18 -13.24 18.60 0.20
CA LEU G 18 -14.28 17.63 0.47
C LEU G 18 -14.58 17.45 1.94
N LYS G 19 -13.83 18.11 2.83
CA LYS G 19 -14.05 17.90 4.26
C LYS G 19 -15.46 18.31 4.67
N GLY G 20 -15.95 19.41 4.13
CA GLY G 20 -17.29 19.85 4.49
C GLY G 20 -18.35 18.86 4.09
N VAL G 21 -18.34 18.45 2.82
CA VAL G 21 -19.36 17.54 2.34
C VAL G 21 -19.21 16.18 3.01
N LEU G 22 -17.98 15.73 3.22
CA LEU G 22 -17.81 14.44 3.88
C LEU G 22 -18.39 14.47 5.28
N ASP G 23 -18.15 15.56 6.02
CA ASP G 23 -18.70 15.62 7.37
C ASP G 23 -20.21 15.70 7.34
N ASP G 24 -20.76 16.48 6.42
CA ASP G 24 -22.21 16.56 6.32
C ASP G 24 -22.83 15.21 5.99
N LEU G 25 -22.24 14.48 5.04
CA LEU G 25 -22.73 13.15 4.69
C LEU G 25 -22.63 12.21 5.88
N GLN G 26 -21.53 12.26 6.61
CA GLN G 26 -21.40 11.46 7.81
C GLN G 26 -22.52 11.75 8.80
N ASP G 27 -22.79 13.04 9.04
CA ASP G 27 -23.83 13.38 9.99
C ASP G 27 -25.23 13.06 9.48
N ASN G 28 -25.40 12.86 8.18
CA ASN G 28 -26.67 12.40 7.65
C ASN G 28 -26.71 10.89 7.44
N GLU G 29 -25.78 10.16 8.05
CA GLU G 29 -25.68 8.70 7.97
C GLU G 29 -25.56 8.19 6.55
N VAL G 30 -25.26 9.05 5.57
CA VAL G 30 -24.98 8.53 4.24
C VAL G 30 -23.67 7.76 4.25
N LEU G 31 -22.71 8.20 5.04
CA LEU G 31 -21.39 7.59 5.07
C LEU G 31 -21.02 7.29 6.52
N THR G 32 -20.49 6.11 6.75
CA THR G 32 -19.90 5.79 8.04
C THR G 32 -18.45 6.27 8.07
N GLU G 33 -17.86 6.25 9.26
CA GLU G 33 -16.49 6.71 9.39
C GLU G 33 -15.57 5.95 8.45
N ASN G 34 -15.75 4.63 8.37
CA ASN G 34 -14.88 3.81 7.53
C ASN G 34 -15.01 4.24 6.08
N GLU G 35 -16.24 4.48 5.63
CA GLU G 35 -16.46 4.87 4.25
C GLU G 35 -15.77 6.20 3.97
N LYS G 36 -15.88 7.14 4.91
CA LYS G 36 -15.27 8.45 4.74
C LYS G 36 -13.76 8.32 4.67
N GLU G 37 -13.19 7.48 5.52
CA GLU G 37 -11.75 7.28 5.53
C GLU G 37 -11.29 6.65 4.23
N LEU G 38 -12.07 5.73 3.69
CA LEU G 38 -11.72 5.13 2.41
C LEU G 38 -11.72 6.18 1.32
N VAL G 39 -12.67 7.12 1.37
CA VAL G 39 -12.68 8.22 0.40
C VAL G 39 -11.42 9.07 0.53
N GLU G 40 -10.96 9.30 1.76
CA GLU G 40 -9.86 10.24 1.96
C GLU G 40 -8.49 9.64 1.68
N GLN G 41 -8.37 8.32 1.59
CA GLN G 41 -7.07 7.71 1.42
C GLN G 41 -6.68 7.60 -0.05
N GLU G 42 -7.44 8.19 -0.95
CA GLU G 42 -7.04 8.26 -2.34
C GLU G 42 -5.95 9.31 -2.53
N LYS G 43 -5.12 9.12 -3.55
CA LYS G 43 -3.95 9.96 -3.72
C LYS G 43 -4.29 11.35 -4.24
N THR G 44 -5.18 11.43 -5.21
CA THR G 44 -5.42 12.65 -5.97
C THR G 44 -6.83 13.16 -5.72
N ARG G 45 -7.03 14.45 -5.97
CA ARG G 45 -8.34 15.04 -5.72
C ARG G 45 -9.38 14.54 -6.71
N GLN G 46 -8.99 14.32 -7.96
CA GLN G 46 -9.95 13.70 -8.89
C GLN G 46 -10.27 12.28 -8.47
N SER G 47 -9.27 11.55 -7.97
CA SER G 47 -9.54 10.22 -7.45
C SER G 47 -10.49 10.28 -6.26
N LYS G 48 -10.28 11.23 -5.36
CA LYS G 48 -11.17 11.36 -4.21
C LYS G 48 -12.58 11.71 -4.65
N ASN G 49 -12.71 12.59 -5.63
CA ASN G 49 -14.02 12.95 -6.13
C ASN G 49 -14.71 11.75 -6.75
N GLU G 50 -13.98 10.96 -7.54
CA GLU G 50 -14.56 9.77 -8.13
C GLU G 50 -15.03 8.81 -7.06
N ALA G 51 -14.19 8.56 -6.06
CA ALA G 51 -14.56 7.64 -5.00
C ALA G 51 -15.83 8.11 -4.32
N LEU G 52 -15.89 9.38 -3.94
CA LEU G 52 -17.06 9.87 -3.23
C LEU G 52 -18.30 9.80 -4.11
N LEU G 53 -18.18 10.22 -5.37
CA LEU G 53 -19.35 10.27 -6.23
C LEU G 53 -19.90 8.87 -6.47
N SER G 54 -19.03 7.91 -6.77
CA SER G 54 -19.49 6.55 -7.02
C SER G 54 -20.11 5.95 -5.76
N MET G 55 -19.42 6.10 -4.63
CA MET G 55 -19.95 5.62 -3.36
C MET G 55 -21.32 6.19 -3.06
N VAL G 56 -21.60 7.41 -3.51
CA VAL G 56 -22.91 7.97 -3.22
C VAL G 56 -23.95 7.54 -4.24
N GLU G 57 -23.63 7.47 -5.54
CA GLU G 57 -24.61 7.00 -6.49
C GLU G 57 -25.08 5.59 -6.16
N LYS G 58 -24.15 4.74 -5.72
CA LYS G 58 -24.57 3.39 -5.35
C LYS G 58 -25.60 3.40 -4.24
N LYS G 59 -25.57 4.41 -3.37
CA LYS G 59 -26.51 4.46 -2.25
C LYS G 59 -27.94 4.73 -2.68
N GLY G 60 -28.15 5.23 -3.88
CA GLY G 60 -29.49 5.52 -4.37
C GLY G 60 -29.65 6.99 -4.70
N ASP G 61 -30.91 7.37 -4.96
CA ASP G 61 -31.17 8.75 -5.32
C ASP G 61 -31.41 9.64 -4.11
N LEU G 62 -31.94 9.09 -3.04
CA LEU G 62 -32.15 9.89 -1.83
C LEU G 62 -30.82 10.41 -1.30
N ALA G 63 -29.83 9.52 -1.22
CA ALA G 63 -28.50 9.92 -0.77
C ALA G 63 -27.85 10.87 -1.77
N LEU G 64 -28.12 10.68 -3.06
CA LEU G 64 -27.63 11.64 -4.03
C LEU G 64 -28.22 13.02 -3.76
N ASP G 65 -29.48 13.07 -3.35
CA ASP G 65 -30.09 14.34 -3.00
C ASP G 65 -29.40 14.97 -1.79
N VAL G 66 -29.11 14.16 -0.78
CA VAL G 66 -28.42 14.69 0.40
C VAL G 66 -27.05 15.24 -0.01
N LEU G 67 -26.33 14.52 -0.86
CA LEU G 67 -25.03 15.01 -1.32
C LEU G 67 -25.19 16.32 -2.08
N PHE G 68 -26.21 16.41 -2.93
CA PHE G 68 -26.40 17.62 -3.69
C PHE G 68 -26.68 18.80 -2.78
N ARG G 69 -27.52 18.59 -1.76
CA ARG G 69 -27.79 19.66 -0.81
C ARG G 69 -26.52 20.11 -0.13
N SER G 70 -25.70 19.15 0.32
CA SER G 70 -24.48 19.49 1.02
C SER G 70 -23.51 20.24 0.12
N ILE G 71 -23.45 19.90 -1.17
CA ILE G 71 -22.61 20.69 -2.07
C ILE G 71 -23.20 22.06 -2.29
N SER G 72 -24.52 22.14 -2.43
CA SER G 72 -25.15 23.42 -2.74
C SER G 72 -24.98 24.39 -1.59
N GLU G 73 -24.74 23.88 -0.38
CA GLU G 73 -24.50 24.81 0.71
C GLU G 73 -23.01 25.00 0.97
N ARG G 74 -22.20 23.97 0.70
CA ARG G 74 -20.77 24.08 0.96
C ARG G 74 -20.04 24.77 -0.18
N ASP G 75 -20.60 24.73 -1.38
CA ASP G 75 -19.95 25.31 -2.56
C ASP G 75 -21.01 25.78 -3.54
N PRO G 76 -21.80 26.79 -3.17
CA PRO G 76 -22.96 27.17 -3.99
C PRO G 76 -22.58 27.70 -5.35
N TYR G 77 -21.39 28.28 -5.50
CA TYR G 77 -21.04 28.91 -6.76
C TYR G 77 -20.88 27.88 -7.87
N LEU G 78 -20.20 26.78 -7.58
CA LEU G 78 -20.05 25.73 -8.59
C LEU G 78 -21.39 25.10 -8.93
N VAL G 79 -22.21 24.83 -7.91
CA VAL G 79 -23.53 24.26 -8.16
C VAL G 79 -24.31 25.15 -9.09
N SER G 80 -24.35 26.45 -8.79
CA SER G 80 -25.09 27.38 -9.64
C SER G 80 -24.52 27.42 -11.04
N TYR G 81 -23.19 27.52 -11.15
CA TYR G 81 -22.56 27.52 -12.46
C TYR G 81 -23.01 26.34 -13.29
N LEU G 82 -22.92 25.13 -12.73
CA LEU G 82 -23.30 23.96 -13.50
C LEU G 82 -24.78 23.99 -13.83
N ARG G 83 -25.62 24.34 -12.85
CA ARG G 83 -27.06 24.22 -13.04
C ARG G 83 -27.56 25.14 -14.14
N GLN G 84 -26.77 26.14 -14.52
CA GLN G 84 -27.19 27.10 -15.53
C GLN G 84 -26.30 26.88 -16.76
N GLN G 85 -26.36 25.68 -17.31
CA GLN G 85 -25.54 25.34 -18.45
C GLN G 85 -25.86 23.96 -19.01
N ALA H 1 -7.11 -9.77 30.15
CA ALA H 1 -6.81 -10.63 29.01
C ALA H 1 -8.09 -11.06 28.29
N ALA H 2 -9.04 -11.59 29.07
CA ALA H 2 -10.36 -11.86 28.51
C ALA H 2 -11.02 -10.57 28.05
N PHE H 3 -10.92 -9.51 28.86
CA PHE H 3 -11.51 -8.21 28.60
C PHE H 3 -11.31 -7.78 27.16
N VAL H 4 -10.16 -8.12 26.58
CA VAL H 4 -9.95 -7.87 25.16
C VAL H 4 -10.97 -8.64 24.34
N LYS H 5 -11.18 -9.92 24.67
CA LYS H 5 -12.10 -10.73 23.89
C LYS H 5 -13.52 -10.21 24.02
N GLU H 6 -13.97 -9.87 25.23
CA GLU H 6 -15.33 -9.37 25.29
C GLU H 6 -15.49 -8.00 24.66
N ASN H 7 -14.41 -7.31 24.34
CA ASN H 7 -14.49 -5.96 23.79
C ASN H 7 -13.79 -5.84 22.45
N HIS H 8 -13.87 -6.87 21.63
CA HIS H 8 -13.20 -6.84 20.34
C HIS H 8 -13.74 -5.72 19.46
N ARG H 9 -15.06 -5.64 19.31
CA ARG H 9 -15.63 -4.64 18.40
C ARG H 9 -15.40 -3.24 18.92
N GLN H 10 -15.59 -3.01 20.22
CA GLN H 10 -15.35 -1.69 20.76
C GLN H 10 -13.89 -1.31 20.63
N LEU H 11 -12.99 -2.26 20.89
CA LEU H 11 -11.58 -1.93 20.74
C LEU H 11 -11.21 -1.62 19.30
N GLN H 12 -11.85 -2.27 18.31
CA GLN H 12 -11.50 -1.87 16.96
C GLN H 12 -12.05 -0.50 16.65
N ALA H 13 -13.23 -0.17 17.18
CA ALA H 13 -13.86 1.08 16.81
C ALA H 13 -13.37 2.25 17.64
N ARG H 14 -12.56 2.01 18.65
CA ARG H 14 -12.15 3.06 19.56
C ARG H 14 -10.66 3.28 19.60
N MET H 15 -9.85 2.24 19.50
CA MET H 15 -8.41 2.41 19.63
C MET H 15 -7.90 3.39 18.59
N GLY H 16 -6.96 4.23 18.99
CA GLY H 16 -6.50 5.29 18.13
C GLY H 16 -5.10 5.09 17.63
N ASP H 17 -4.16 5.86 18.18
CA ASP H 17 -2.78 5.79 17.75
C ASP H 17 -2.19 4.45 18.18
N LEU H 18 -1.78 3.64 17.20
CA LEU H 18 -1.28 2.31 17.50
C LEU H 18 0.23 2.25 17.63
N LYS H 19 0.94 3.34 17.38
CA LYS H 19 2.39 3.30 17.43
C LYS H 19 2.89 2.89 18.80
N GLY H 20 2.26 3.41 19.86
CA GLY H 20 2.71 3.08 21.19
C GLY H 20 2.55 1.61 21.49
N VAL H 21 1.35 1.08 21.27
CA VAL H 21 1.10 -0.33 21.59
C VAL H 21 1.92 -1.22 20.69
N LEU H 22 2.06 -0.86 19.40
CA LEU H 22 2.86 -1.69 18.53
C LEU H 22 4.30 -1.76 19.01
N ASP H 23 4.87 -0.63 19.42
CA ASP H 23 6.25 -0.66 19.89
C ASP H 23 6.37 -1.45 21.17
N ASP H 24 5.41 -1.30 22.09
CA ASP H 24 5.45 -2.06 23.31
C ASP H 24 5.37 -3.57 23.05
N LEU H 25 4.47 -3.97 22.16
CA LEU H 25 4.35 -5.38 21.80
C LEU H 25 5.63 -5.89 21.17
N GLN H 26 6.23 -5.10 20.29
CA GLN H 26 7.51 -5.47 19.71
C GLN H 26 8.55 -5.70 20.79
N ASP H 27 8.65 -4.78 21.74
CA ASP H 27 9.66 -4.94 22.78
C ASP H 27 9.35 -6.07 23.74
N ASN H 28 8.10 -6.54 23.79
CA ASN H 28 7.77 -7.72 24.57
C ASN H 28 7.76 -8.99 23.73
N GLU H 29 8.36 -8.96 22.54
CA GLU H 29 8.46 -10.09 21.63
C GLU H 29 7.12 -10.69 21.25
N VAL H 30 6.01 -9.98 21.51
CA VAL H 30 4.74 -10.46 20.99
C VAL H 30 4.71 -10.34 19.49
N LEU H 31 5.33 -9.31 18.93
CA LEU H 31 5.31 -9.05 17.51
C LEU H 31 6.72 -8.85 17.02
N THR H 32 7.06 -9.46 15.90
CA THR H 32 8.31 -9.17 15.23
C THR H 32 8.13 -7.96 14.32
N GLU H 33 9.25 -7.45 13.80
CA GLU H 33 9.17 -6.28 12.95
C GLU H 33 8.24 -6.54 11.77
N ASN H 34 8.35 -7.71 11.16
CA ASN H 34 7.55 -8.03 9.99
C ASN H 34 6.07 -7.99 10.35
N GLU H 35 5.73 -8.56 11.49
CA GLU H 35 4.33 -8.61 11.92
C GLU H 35 3.81 -7.19 12.12
N LYS H 36 4.63 -6.33 12.75
CA LYS H 36 4.22 -4.96 12.99
C LYS H 36 4.01 -4.22 11.68
N GLU H 37 4.91 -4.44 10.72
CA GLU H 37 4.80 -3.79 9.43
C GLU H 37 3.54 -4.25 8.70
N LEU H 38 3.22 -5.53 8.82
CA LEU H 38 1.99 -6.03 8.21
C LEU H 38 0.78 -5.35 8.83
N VAL H 39 0.80 -5.12 10.14
CA VAL H 39 -0.29 -4.40 10.79
C VAL H 39 -0.41 -2.98 10.24
N GLU H 40 0.73 -2.33 9.99
CA GLU H 40 0.69 -0.92 9.62
C GLU H 40 0.37 -0.67 8.16
N GLN H 41 0.42 -1.69 7.32
CA GLN H 41 0.19 -1.48 5.89
C GLN H 41 -1.27 -1.59 5.52
N GLU H 42 -2.16 -1.69 6.50
CA GLU H 42 -3.59 -1.63 6.23
C GLU H 42 -4.02 -0.20 5.94
N LYS H 43 -5.09 -0.06 5.17
CA LYS H 43 -5.49 1.26 4.68
C LYS H 43 -6.15 2.09 5.76
N THR H 44 -7.02 1.49 6.55
CA THR H 44 -7.90 2.22 7.45
C THR H 44 -7.58 1.87 8.90
N ARG H 45 -7.97 2.76 9.81
CA ARG H 45 -7.66 2.55 11.21
C ARG H 45 -8.46 1.38 11.79
N GLN H 46 -9.71 1.22 11.36
CA GLN H 46 -10.45 0.03 11.79
C GLN H 46 -9.81 -1.23 11.24
N SER H 47 -9.33 -1.18 10.01
CA SER H 47 -8.61 -2.32 9.45
C SER H 47 -7.36 -2.62 10.25
N LYS H 48 -6.61 -1.57 10.62
CA LYS H 48 -5.41 -1.78 11.41
C LYS H 48 -5.73 -2.37 12.77
N ASN H 49 -6.79 -1.88 13.39
CA ASN H 49 -7.21 -2.42 14.68
C ASN H 49 -7.60 -3.88 14.55
N GLU H 50 -8.35 -4.24 13.51
CA GLU H 50 -8.71 -5.64 13.31
C GLU H 50 -7.47 -6.50 13.13
N ALA H 51 -6.55 -6.05 12.29
CA ALA H 51 -5.35 -6.83 12.06
C ALA H 51 -4.61 -7.06 13.36
N LEU H 52 -4.38 -6.00 14.13
CA LEU H 52 -3.64 -6.14 15.37
C LEU H 52 -4.36 -7.04 16.35
N LEU H 53 -5.66 -6.85 16.50
CA LEU H 53 -6.40 -7.62 17.49
C LEU H 53 -6.40 -9.10 17.15
N SER H 54 -6.66 -9.43 15.89
CA SER H 54 -6.67 -10.83 15.49
C SER H 54 -5.29 -11.46 15.63
N MET H 55 -4.26 -10.76 15.15
CA MET H 55 -2.90 -11.23 15.29
C MET H 55 -2.55 -11.50 16.74
N VAL H 56 -3.12 -10.75 17.66
CA VAL H 56 -2.76 -10.98 19.06
C VAL H 56 -3.60 -12.09 19.68
N GLU H 57 -4.90 -12.17 19.38
CA GLU H 57 -5.68 -13.28 19.93
C GLU H 57 -5.13 -14.62 19.50
N LYS H 58 -4.67 -14.71 18.25
CA LYS H 58 -4.09 -15.97 17.80
C LYS H 58 -2.89 -16.36 18.65
N LYS H 59 -2.17 -15.39 19.20
CA LYS H 59 -0.97 -15.69 19.97
C LYS H 59 -1.28 -16.35 21.31
N GLY H 60 -2.52 -16.27 21.79
CA GLY H 60 -2.90 -16.87 23.05
C GLY H 60 -3.39 -15.84 24.03
N ASP H 61 -3.57 -16.28 25.28
CA ASP H 61 -4.08 -15.36 26.29
C ASP H 61 -2.97 -14.58 26.98
N LEU H 62 -1.78 -15.15 27.10
CA LEU H 62 -0.68 -14.43 27.72
C LEU H 62 -0.36 -13.17 26.91
N ALA H 63 -0.27 -13.31 25.59
CA ALA H 63 -0.01 -12.15 24.74
C ALA H 63 -1.19 -11.19 24.76
N LEU H 64 -2.41 -11.71 24.88
CA LEU H 64 -3.55 -10.82 25.04
C LEU H 64 -3.40 -9.99 26.31
N ASP H 65 -2.87 -10.60 27.37
CA ASP H 65 -2.62 -9.84 28.60
C ASP H 65 -1.59 -8.76 28.38
N VAL H 66 -0.51 -9.08 27.66
CA VAL H 66 0.50 -8.07 27.38
C VAL H 66 -0.12 -6.91 26.60
N LEU H 67 -0.93 -7.23 25.60
CA LEU H 67 -1.59 -6.18 24.83
C LEU H 67 -2.48 -5.33 25.71
N PHE H 68 -3.23 -5.97 26.60
CA PHE H 68 -4.12 -5.22 27.47
C PHE H 68 -3.35 -4.29 28.37
N ARG H 69 -2.23 -4.75 28.92
CA ARG H 69 -1.40 -3.88 29.75
C ARG H 69 -0.92 -2.69 28.94
N SER H 70 -0.45 -2.94 27.73
CA SER H 70 0.08 -1.86 26.92
C SER H 70 -1.01 -0.84 26.57
N ILE H 71 -2.23 -1.30 26.33
CA ILE H 71 -3.31 -0.34 26.10
C ILE H 71 -3.64 0.40 27.38
N SER H 72 -3.66 -0.31 28.51
CA SER H 72 -4.06 0.32 29.76
C SER H 72 -3.07 1.39 30.16
N GLU H 73 -1.84 1.32 29.67
CA GLU H 73 -0.91 2.38 29.98
C GLU H 73 -0.84 3.42 28.87
N ARG H 74 -1.06 3.01 27.62
CA ARG H 74 -0.96 3.95 26.51
C ARG H 74 -2.24 4.73 26.33
N ASP H 75 -3.38 4.18 26.77
CA ASP H 75 -4.68 4.81 26.59
C ASP H 75 -5.60 4.43 27.73
N PRO H 76 -5.28 4.86 28.96
CA PRO H 76 -6.02 4.38 30.13
C PRO H 76 -7.47 4.80 30.14
N TYR H 77 -7.81 5.91 29.50
CA TYR H 77 -9.17 6.41 29.59
C TYR H 77 -10.15 5.49 28.89
N LEU H 78 -9.79 5.02 27.68
CA LEU H 78 -10.67 4.10 26.97
C LEU H 78 -10.77 2.77 27.71
N VAL H 79 -9.65 2.26 28.21
CA VAL H 79 -9.68 1.02 28.97
C VAL H 79 -10.64 1.14 30.13
N SER H 80 -10.51 2.22 30.90
CA SER H 80 -11.38 2.41 32.06
C SER H 80 -12.84 2.54 31.63
N TYR H 81 -13.10 3.34 30.60
CA TYR H 81 -14.46 3.48 30.09
C TYR H 81 -15.08 2.13 29.80
N LEU H 82 -14.37 1.30 29.02
CA LEU H 82 -14.94 0.01 28.67
C LEU H 82 -15.12 -0.86 29.91
N ARG H 83 -14.11 -0.89 30.78
CA ARG H 83 -14.12 -1.82 31.89
C ARG H 83 -15.28 -1.56 32.84
N GLN H 84 -15.86 -0.36 32.78
CA GLN H 84 -16.95 0.02 33.68
C GLN H 84 -18.22 0.13 32.85
N GLN H 85 -18.59 -0.97 32.20
CA GLN H 85 -19.77 -0.96 31.34
C GLN H 85 -20.10 -2.35 30.82
N ALA I 1 30.59 -10.95 -4.76
CA ALA I 1 29.53 -11.66 -5.47
C ALA I 1 29.03 -12.84 -4.65
N ALA I 2 29.95 -13.68 -4.20
CA ALA I 2 29.58 -14.73 -3.26
C ALA I 2 29.05 -14.14 -1.96
N PHE I 3 29.72 -13.11 -1.46
CA PHE I 3 29.38 -12.44 -0.22
C PHE I 3 27.89 -12.20 -0.10
N VAL I 4 27.22 -11.91 -1.22
CA VAL I 4 25.77 -11.81 -1.22
C VAL I 4 25.15 -13.14 -0.81
N LYS I 5 25.65 -14.23 -1.38
CA LYS I 5 25.08 -15.54 -1.08
C LYS I 5 25.31 -15.91 0.38
N GLU I 6 26.52 -15.70 0.91
CA GLU I 6 26.67 -16.06 2.32
C GLU I 6 25.90 -15.14 3.26
N ASN I 7 25.38 -14.02 2.77
CA ASN I 7 24.71 -13.06 3.63
C ASN I 7 23.29 -12.78 3.17
N HIS I 8 22.60 -13.79 2.65
CA HIS I 8 21.25 -13.59 2.15
C HIS I 8 20.31 -13.13 3.26
N ARG I 9 20.30 -13.82 4.39
CA ARG I 9 19.36 -13.50 5.45
C ARG I 9 19.68 -12.14 6.07
N GLN I 10 20.96 -11.86 6.31
CA GLN I 10 21.31 -10.57 6.87
C GLN I 10 20.97 -9.46 5.89
N LEU I 11 21.25 -9.67 4.61
CA LEU I 11 20.91 -8.63 3.66
C LEU I 11 19.41 -8.40 3.57
N GLN I 12 18.58 -9.43 3.74
CA GLN I 12 17.15 -9.12 3.72
C GLN I 12 16.76 -8.38 4.98
N ALA I 13 17.37 -8.71 6.11
CA ALA I 13 16.94 -8.11 7.35
C ALA I 13 17.56 -6.75 7.61
N ARG I 14 18.50 -6.32 6.78
CA ARG I 14 19.24 -5.11 7.04
C ARG I 14 19.09 -4.07 5.94
N MET I 15 19.01 -4.48 4.68
CA MET I 15 18.96 -3.50 3.61
C MET I 15 17.76 -2.58 3.78
N GLY I 16 17.97 -1.31 3.49
CA GLY I 16 16.93 -0.33 3.75
C GLY I 16 16.32 0.24 2.50
N ASP I 17 16.67 1.47 2.17
CA ASP I 17 16.10 2.13 1.00
C ASP I 17 16.60 1.45 -0.26
N LEU I 18 15.69 0.88 -1.04
CA LEU I 18 16.08 0.13 -2.22
C LEU I 18 16.05 0.95 -3.49
N LYS I 19 15.60 2.21 -3.43
CA LYS I 19 15.49 3.00 -4.65
C LYS I 19 16.84 3.18 -5.32
N GLY I 20 17.88 3.41 -4.53
CA GLY I 20 19.20 3.59 -5.13
C GLY I 20 19.67 2.37 -5.85
N VAL I 21 19.65 1.21 -5.18
CA VAL I 21 20.15 0.00 -5.78
C VAL I 21 19.27 -0.40 -6.95
N LEU I 22 17.95 -0.24 -6.82
CA LEU I 22 17.09 -0.59 -7.94
C LEU I 22 17.41 0.24 -9.16
N ASP I 23 17.63 1.55 -8.97
CA ASP I 23 17.94 2.37 -10.14
C ASP I 23 19.29 2.00 -10.72
N ASP I 24 20.28 1.73 -9.87
CA ASP I 24 21.58 1.33 -10.39
C ASP I 24 21.49 0.03 -11.17
N LEU I 25 20.76 -0.95 -10.65
CA LEU I 25 20.58 -2.21 -11.36
C LEU I 25 19.88 -2.00 -12.68
N GLN I 26 18.84 -1.16 -12.69
CA GLN I 26 18.17 -0.83 -13.95
C GLN I 26 19.15 -0.25 -14.96
N ASP I 27 19.97 0.70 -14.53
CA ASP I 27 20.91 1.31 -15.46
C ASP I 27 22.02 0.36 -15.88
N ASN I 28 22.26 -0.71 -15.14
CA ASN I 28 23.20 -1.73 -15.57
C ASN I 28 22.52 -2.89 -16.28
N GLU I 29 21.27 -2.71 -16.72
CA GLU I 29 20.49 -3.71 -17.43
C GLU I 29 20.34 -5.02 -16.67
N VAL I 30 20.63 -5.03 -15.37
CA VAL I 30 20.32 -6.22 -14.60
C VAL I 30 18.82 -6.39 -14.45
N LEU I 31 18.09 -5.29 -14.35
CA LEU I 31 16.66 -5.31 -14.16
C LEU I 31 16.00 -4.42 -15.19
N THR I 32 14.92 -4.91 -15.78
CA THR I 32 14.08 -4.07 -16.61
C THR I 32 13.07 -3.33 -15.75
N GLU I 33 12.37 -2.37 -16.35
CA GLU I 33 11.40 -1.60 -15.59
C GLU I 33 10.37 -2.52 -14.96
N ASN I 34 9.90 -3.51 -15.71
CA ASN I 34 8.86 -4.40 -15.20
C ASN I 34 9.38 -5.16 -13.99
N GLU I 35 10.62 -5.63 -14.07
CA GLU I 35 11.19 -6.39 -12.97
C GLU I 35 11.30 -5.51 -11.73
N LYS I 36 11.72 -4.25 -11.92
CA LYS I 36 11.85 -3.33 -10.80
C LYS I 36 10.50 -3.06 -10.16
N GLU I 37 9.47 -2.87 -10.99
CA GLU I 37 8.13 -2.62 -10.49
C GLU I 37 7.62 -3.82 -9.73
N LEU I 38 7.92 -5.03 -10.20
CA LEU I 38 7.50 -6.22 -9.48
C LEU I 38 8.17 -6.26 -8.11
N VAL I 39 9.43 -5.86 -8.02
CA VAL I 39 10.11 -5.79 -6.74
C VAL I 39 9.42 -4.80 -5.81
N GLU I 40 8.98 -3.66 -6.35
CA GLU I 40 8.45 -2.61 -5.49
C GLU I 40 7.02 -2.82 -5.05
N GLN I 41 6.29 -3.74 -5.66
CA GLN I 41 4.89 -3.92 -5.32
C GLN I 41 4.70 -4.91 -4.18
N GLU I 42 5.77 -5.33 -3.53
CA GLU I 42 5.65 -6.15 -2.34
C GLU I 42 5.26 -5.27 -1.15
N LYS I 43 4.59 -5.90 -0.18
CA LYS I 43 4.01 -5.12 0.91
C LYS I 43 5.06 -4.66 1.92
N THR I 44 6.01 -5.51 2.27
CA THR I 44 6.91 -5.28 3.38
C THR I 44 8.33 -5.14 2.89
N ARG I 45 9.18 -4.51 3.70
CA ARG I 45 10.56 -4.29 3.28
C ARG I 45 11.34 -5.59 3.25
N GLN I 46 11.08 -6.50 4.18
CA GLN I 46 11.72 -7.81 4.09
C GLN I 46 11.25 -8.57 2.85
N SER I 47 9.96 -8.44 2.52
CA SER I 47 9.48 -9.04 1.29
C SER I 47 10.16 -8.44 0.08
N LYS I 48 10.32 -7.12 0.05
CA LYS I 48 10.98 -6.47 -1.07
C LYS I 48 12.43 -6.92 -1.17
N ASN I 49 13.12 -7.04 -0.04
CA ASN I 49 14.49 -7.50 -0.05
C ASN I 49 14.58 -8.92 -0.57
N GLU I 50 13.67 -9.79 -0.14
CA GLU I 50 13.67 -11.17 -0.64
C GLU I 50 13.46 -11.19 -2.15
N ALA I 51 12.47 -10.45 -2.62
CA ALA I 51 12.20 -10.42 -4.04
C ALA I 51 13.43 -9.98 -4.82
N LEU I 52 14.05 -8.88 -4.40
CA LEU I 52 15.20 -8.37 -5.13
C LEU I 52 16.35 -9.35 -5.08
N LEU I 53 16.63 -9.93 -3.91
CA LEU I 53 17.78 -10.80 -3.77
C LEU I 53 17.61 -12.05 -4.62
N SER I 54 16.43 -12.67 -4.57
CA SER I 54 16.19 -13.87 -5.36
C SER I 54 16.26 -13.56 -6.85
N MET I 55 15.58 -12.50 -7.27
CA MET I 55 15.62 -12.08 -8.67
C MET I 55 17.04 -11.87 -9.15
N VAL I 56 17.95 -11.44 -8.27
CA VAL I 56 19.30 -11.21 -8.73
C VAL I 56 20.14 -12.48 -8.69
N GLU I 57 20.00 -13.34 -7.67
CA GLU I 57 20.75 -14.58 -7.69
C GLU I 57 20.42 -15.42 -8.90
N LYS I 58 19.15 -15.44 -9.30
CA LYS I 58 18.79 -16.19 -10.49
C LYS I 58 19.53 -15.70 -11.72
N LYS I 59 19.88 -14.42 -11.76
CA LYS I 59 20.55 -13.85 -12.92
C LYS I 59 21.98 -14.36 -13.08
N GLY I 60 22.58 -14.91 -12.04
CA GLY I 60 23.93 -15.42 -12.11
C GLY I 60 24.83 -14.71 -11.14
N ASP I 61 26.14 -14.96 -11.28
CA ASP I 61 27.09 -14.35 -10.36
C ASP I 61 27.56 -12.99 -10.82
N LEU I 62 27.61 -12.75 -12.14
CA LEU I 62 28.01 -11.45 -12.62
C LEU I 62 27.03 -10.38 -12.13
N ALA I 63 25.75 -10.65 -12.27
CA ALA I 63 24.74 -9.71 -11.78
C ALA I 63 24.78 -9.59 -10.27
N LEU I 64 25.09 -10.67 -9.57
CA LEU I 64 25.28 -10.57 -8.13
C LEU I 64 26.41 -9.62 -7.81
N ASP I 65 27.47 -9.65 -8.62
CA ASP I 65 28.58 -8.71 -8.42
C ASP I 65 28.12 -7.28 -8.63
N VAL I 66 27.33 -7.04 -9.68
CA VAL I 66 26.82 -5.69 -9.90
C VAL I 66 25.98 -5.23 -8.72
N LEU I 67 25.12 -6.11 -8.22
CA LEU I 67 24.31 -5.75 -7.06
C LEU I 67 25.19 -5.44 -5.85
N PHE I 68 26.23 -6.24 -5.64
CA PHE I 68 27.10 -6.00 -4.50
C PHE I 68 27.79 -4.66 -4.61
N ARG I 69 28.27 -4.32 -5.81
CA ARG I 69 28.89 -3.01 -6.00
C ARG I 69 27.91 -1.90 -5.69
N SER I 70 26.68 -2.03 -6.19
CA SER I 70 25.70 -0.99 -5.97
C SER I 70 25.36 -0.84 -4.49
N ILE I 71 25.32 -1.95 -3.75
CA ILE I 71 25.10 -1.81 -2.31
C ILE I 71 26.31 -1.20 -1.64
N SER I 72 27.50 -1.61 -2.06
CA SER I 72 28.72 -1.12 -1.40
C SER I 72 28.88 0.37 -1.60
N GLU I 73 28.26 0.93 -2.63
CA GLU I 73 28.36 2.37 -2.79
C GLU I 73 27.13 3.06 -2.21
N ARG I 74 25.97 2.41 -2.25
CA ARG I 74 24.75 3.05 -1.76
C ARG I 74 24.62 2.93 -0.25
N ASP I 75 25.25 1.92 0.34
CA ASP I 75 25.14 1.66 1.77
C ASP I 75 26.42 1.01 2.27
N PRO I 76 27.54 1.73 2.23
CA PRO I 76 28.83 1.10 2.53
C PRO I 76 28.96 0.62 3.96
N TYR I 77 28.24 1.22 4.89
CA TYR I 77 28.42 0.87 6.29
C TYR I 77 27.94 -0.54 6.56
N LEU I 78 26.77 -0.90 6.04
CA LEU I 78 26.27 -2.25 6.23
C LEU I 78 27.16 -3.27 5.54
N VAL I 79 27.59 -2.97 4.32
CA VAL I 79 28.48 -3.87 3.61
C VAL I 79 29.72 -4.14 4.43
N SER I 80 30.35 -3.07 4.93
CA SER I 80 31.56 -3.23 5.72
C SER I 80 31.29 -4.02 6.99
N TYR I 81 30.20 -3.68 7.69
CA TYR I 81 29.84 -4.41 8.90
C TYR I 81 29.77 -5.90 8.62
N LEU I 82 29.03 -6.30 7.59
CA LEU I 82 28.88 -7.72 7.32
C LEU I 82 30.22 -8.32 6.93
N ARG I 83 30.98 -7.64 6.07
CA ARG I 83 32.18 -8.23 5.52
C ARG I 83 33.22 -8.51 6.59
N GLN I 84 33.09 -7.89 7.76
CA GLN I 84 34.05 -8.07 8.85
C GLN I 84 33.36 -8.83 9.96
N GLN I 85 32.89 -10.02 9.65
CA GLN I 85 32.17 -10.82 10.64
C GLN I 85 31.85 -12.21 10.12
N ALA J 1 -7.72 4.12 -35.44
CA ALA J 1 -8.21 2.83 -34.98
C ALA J 1 -7.21 1.71 -35.26
N ALA J 2 -6.77 1.63 -36.51
CA ALA J 2 -5.68 0.72 -36.83
C ALA J 2 -4.42 1.10 -36.07
N PHE J 3 -4.11 2.40 -36.03
CA PHE J 3 -2.94 2.95 -35.38
C PHE J 3 -2.69 2.30 -34.02
N VAL J 4 -3.76 1.97 -33.30
CA VAL J 4 -3.61 1.23 -32.07
C VAL J 4 -2.99 -0.12 -32.34
N LYS J 5 -3.47 -0.82 -33.38
CA LYS J 5 -2.96 -2.14 -33.67
C LYS J 5 -1.50 -2.09 -34.10
N GLU J 6 -1.13 -1.13 -34.96
CA GLU J 6 0.28 -1.12 -35.31
C GLU J 6 1.18 -0.67 -34.18
N ASN J 7 0.63 -0.14 -33.09
CA ASN J 7 1.43 0.39 -32.00
C ASN J 7 1.08 -0.27 -30.67
N HIS J 8 0.77 -1.56 -30.69
CA HIS J 8 0.40 -2.25 -29.47
C HIS J 8 1.54 -2.24 -28.45
N ARG J 9 2.73 -2.63 -28.86
CA ARG J 9 3.84 -2.73 -27.93
C ARG J 9 4.25 -1.36 -27.41
N GLN J 10 4.33 -0.37 -28.29
CA GLN J 10 4.68 0.96 -27.84
C GLN J 10 3.62 1.51 -26.91
N LEU J 11 2.35 1.30 -27.22
CA LEU J 11 1.31 1.79 -26.33
C LEU J 11 1.37 1.10 -24.98
N GLN J 12 1.75 -0.18 -24.91
CA GLN J 12 1.83 -0.74 -23.57
C GLN J 12 3.02 -0.18 -22.83
N ALA J 13 4.11 0.09 -23.54
CA ALA J 13 5.32 0.52 -22.85
C ALA J 13 5.34 2.01 -22.58
N ARG J 14 4.38 2.76 -23.09
CA ARG J 14 4.40 4.21 -22.98
C ARG J 14 3.21 4.78 -22.24
N MET J 15 2.03 4.21 -22.40
CA MET J 15 0.85 4.80 -21.77
C MET J 15 1.03 4.88 -20.28
N GLY J 16 0.58 5.98 -19.69
CA GLY J 16 0.82 6.21 -18.28
C GLY J 16 -0.42 6.12 -17.43
N ASP J 17 -0.93 7.27 -17.00
CA ASP J 17 -2.10 7.29 -16.13
C ASP J 17 -3.32 6.84 -16.92
N LEU J 18 -3.91 5.72 -16.51
CA LEU J 18 -5.04 5.15 -17.23
C LEU J 18 -6.39 5.60 -16.71
N LYS J 19 -6.44 6.36 -15.63
CA LYS J 19 -7.72 6.74 -15.05
C LYS J 19 -8.54 7.56 -16.04
N GLY J 20 -7.90 8.46 -16.76
CA GLY J 20 -8.64 9.27 -17.72
C GLY J 20 -9.27 8.43 -18.81
N VAL J 21 -8.45 7.60 -19.46
CA VAL J 21 -8.97 6.81 -20.57
C VAL J 21 -9.98 5.79 -20.07
N LEU J 22 -9.73 5.20 -18.91
CA LEU J 22 -10.69 4.24 -18.39
C LEU J 22 -12.04 4.91 -18.15
N ASP J 23 -12.04 6.10 -17.56
CA ASP J 23 -13.32 6.77 -17.33
C ASP J 23 -14.00 7.15 -18.64
N ASP J 24 -13.22 7.63 -19.60
CA ASP J 24 -13.82 7.97 -20.89
C ASP J 24 -14.42 6.75 -21.57
N LEU J 25 -13.72 5.62 -21.54
CA LEU J 25 -14.25 4.39 -22.12
C LEU J 25 -15.50 3.95 -21.41
N GLN J 26 -15.51 4.04 -20.07
CA GLN J 26 -16.71 3.73 -19.32
C GLN J 26 -17.88 4.59 -19.76
N ASP J 27 -17.66 5.89 -19.88
CA ASP J 27 -18.75 6.77 -20.28
C ASP J 27 -19.17 6.58 -21.73
N ASN J 28 -18.33 5.97 -22.56
CA ASN J 28 -18.73 5.60 -23.91
C ASN J 28 -19.22 4.17 -24.02
N GLU J 29 -19.54 3.53 -22.90
CA GLU J 29 -20.06 2.17 -22.83
C GLU J 29 -19.12 1.15 -23.47
N VAL J 30 -17.87 1.52 -23.73
CA VAL J 30 -16.93 0.50 -24.19
C VAL J 30 -16.62 -0.47 -23.07
N LEU J 31 -16.58 0.02 -21.83
CA LEU J 31 -16.23 -0.79 -20.68
C LEU J 31 -17.28 -0.61 -19.60
N THR J 32 -17.70 -1.71 -19.01
CA THR J 32 -18.54 -1.65 -17.83
C THR J 32 -17.66 -1.50 -16.58
N GLU J 33 -18.30 -1.21 -15.46
CA GLU J 33 -17.54 -1.02 -14.22
C GLU J 33 -16.70 -2.25 -13.94
N ASN J 34 -17.28 -3.44 -14.11
CA ASN J 34 -16.56 -4.67 -13.79
C ASN J 34 -15.33 -4.79 -14.67
N GLU J 35 -15.48 -4.48 -15.95
CA GLU J 35 -14.35 -4.58 -16.87
C GLU J 35 -13.25 -3.62 -16.47
N LYS J 36 -13.63 -2.40 -16.08
CA LYS J 36 -12.64 -1.41 -15.66
C LYS J 36 -11.91 -1.86 -14.42
N GLU J 37 -12.66 -2.42 -13.47
CA GLU J 37 -12.05 -2.91 -12.24
C GLU J 37 -11.10 -4.04 -12.52
N LEU J 38 -11.44 -4.93 -13.45
CA LEU J 38 -10.54 -6.00 -13.82
C LEU J 38 -9.26 -5.44 -14.41
N VAL J 39 -9.36 -4.38 -15.20
CA VAL J 39 -8.16 -3.73 -15.74
C VAL J 39 -7.30 -3.19 -14.61
N GLU J 40 -7.92 -2.62 -13.58
CA GLU J 40 -7.15 -1.91 -12.56
C GLU J 40 -6.53 -2.84 -11.53
N GLN J 41 -6.96 -4.09 -11.46
CA GLN J 41 -6.45 -4.99 -10.43
C GLN J 41 -5.18 -5.71 -10.86
N GLU J 42 -4.61 -5.34 -11.99
CA GLU J 42 -3.31 -5.87 -12.38
C GLU J 42 -2.21 -5.21 -11.58
N LYS J 43 -1.10 -5.93 -11.40
CA LYS J 43 -0.05 -5.48 -10.50
C LYS J 43 0.77 -4.34 -11.09
N THR J 44 1.12 -4.43 -12.37
CA THR J 44 2.09 -3.56 -12.99
C THR J 44 1.44 -2.71 -14.06
N ARG J 45 2.08 -1.59 -14.40
CA ARG J 45 1.50 -0.69 -15.38
C ARG J 45 1.55 -1.29 -16.77
N GLN J 46 2.60 -2.03 -17.10
CA GLN J 46 2.60 -2.73 -18.39
C GLN J 46 1.52 -3.80 -18.42
N SER J 47 1.31 -4.49 -17.29
CA SER J 47 0.22 -5.44 -17.23
C SER J 47 -1.12 -4.76 -17.41
N LYS J 48 -1.32 -3.61 -16.78
CA LYS J 48 -2.57 -2.89 -16.93
C LYS J 48 -2.78 -2.44 -18.37
N ASN J 49 -1.71 -1.96 -19.00
CA ASN J 49 -1.81 -1.56 -20.40
C ASN J 49 -2.17 -2.73 -21.29
N GLU J 50 -1.54 -3.89 -21.07
CA GLU J 50 -1.87 -5.06 -21.85
C GLU J 50 -3.32 -5.45 -21.67
N ALA J 51 -3.79 -5.48 -20.42
CA ALA J 51 -5.18 -5.85 -20.17
C ALA J 51 -6.11 -4.92 -20.90
N LEU J 52 -5.90 -3.60 -20.77
CA LEU J 52 -6.80 -2.65 -21.41
C LEU J 52 -6.75 -2.79 -22.92
N LEU J 53 -5.56 -2.89 -23.48
CA LEU J 53 -5.43 -2.92 -24.93
C LEU J 53 -6.10 -4.16 -25.51
N SER J 54 -5.85 -5.33 -24.90
CA SER J 54 -6.46 -6.55 -25.40
C SER J 54 -7.98 -6.51 -25.25
N MET J 55 -8.46 -6.10 -24.08
CA MET J 55 -9.88 -5.96 -23.85
C MET J 55 -10.53 -5.05 -24.87
N VAL J 56 -9.81 -4.07 -25.37
CA VAL J 56 -10.43 -3.16 -26.34
C VAL J 56 -10.33 -3.72 -27.76
N GLU J 57 -9.21 -4.32 -28.15
CA GLU J 57 -9.14 -4.90 -29.49
C GLU J 57 -10.21 -5.95 -29.69
N LYS J 58 -10.48 -6.75 -28.65
CA LYS J 58 -11.52 -7.76 -28.78
C LYS J 58 -12.87 -7.12 -29.08
N LYS J 59 -13.10 -5.90 -28.61
CA LYS J 59 -14.39 -5.25 -28.82
C LYS J 59 -14.63 -4.87 -30.27
N GLY J 60 -13.60 -4.80 -31.10
CA GLY J 60 -13.75 -4.45 -32.50
C GLY J 60 -12.97 -3.21 -32.84
N ASP J 61 -13.21 -2.69 -34.04
CA ASP J 61 -12.47 -1.51 -34.48
C ASP J 61 -13.15 -0.22 -34.06
N LEU J 62 -14.47 -0.22 -33.95
CA LEU J 62 -15.16 1.00 -33.51
C LEU J 62 -14.70 1.38 -32.10
N ALA J 63 -14.66 0.40 -31.20
CA ALA J 63 -14.20 0.66 -29.85
C ALA J 63 -12.72 1.02 -29.83
N LEU J 64 -11.93 0.43 -30.73
CA LEU J 64 -10.54 0.84 -30.85
C LEU J 64 -10.46 2.32 -31.22
N ASP J 65 -11.36 2.77 -32.09
CA ASP J 65 -11.39 4.19 -32.45
C ASP J 65 -11.73 5.04 -31.24
N VAL J 66 -12.70 4.62 -30.44
CA VAL J 66 -13.04 5.38 -29.24
C VAL J 66 -11.84 5.46 -28.31
N LEU J 67 -11.15 4.35 -28.13
CA LEU J 67 -9.96 4.35 -27.27
C LEU J 67 -8.90 5.30 -27.83
N PHE J 68 -8.70 5.28 -29.14
CA PHE J 68 -7.69 6.15 -29.72
C PHE J 68 -8.04 7.60 -29.51
N ARG J 69 -9.31 7.96 -29.68
CA ARG J 69 -9.72 9.34 -29.44
C ARG J 69 -9.45 9.72 -27.99
N SER J 70 -9.80 8.84 -27.06
CA SER J 70 -9.60 9.16 -25.66
C SER J 70 -8.12 9.31 -25.32
N ILE J 71 -7.26 8.53 -25.93
CA ILE J 71 -5.83 8.72 -25.70
C ILE J 71 -5.37 10.02 -26.35
N SER J 72 -5.86 10.31 -27.55
CA SER J 72 -5.40 11.49 -28.27
C SER J 72 -5.79 12.75 -27.53
N GLU J 73 -6.81 12.68 -26.69
CA GLU J 73 -7.15 13.88 -25.92
C GLU J 73 -6.54 13.83 -24.53
N ARG J 74 -6.37 12.64 -23.96
CA ARG J 74 -5.84 12.53 -22.60
C ARG J 74 -4.32 12.60 -22.60
N ASP J 75 -3.68 12.24 -23.70
CA ASP J 75 -2.22 12.20 -23.78
C ASP J 75 -1.78 12.48 -25.21
N PRO J 76 -2.02 13.69 -25.71
CA PRO J 76 -1.79 13.97 -27.13
C PRO J 76 -0.34 13.89 -27.53
N TYR J 77 0.59 14.11 -26.61
CA TYR J 77 1.99 14.15 -26.98
C TYR J 77 2.49 12.77 -27.41
N LEU J 78 2.14 11.73 -26.66
CA LEU J 78 2.54 10.38 -27.05
C LEU J 78 1.89 9.96 -28.35
N VAL J 79 0.59 10.27 -28.50
CA VAL J 79 -0.10 9.93 -29.74
C VAL J 79 0.63 10.57 -30.92
N SER J 80 0.93 11.86 -30.81
CA SER J 80 1.60 12.54 -31.91
C SER J 80 2.97 11.95 -32.15
N TYR J 81 3.74 11.71 -31.09
CA TYR J 81 5.06 11.11 -31.24
C TYR J 81 4.98 9.82 -32.04
N LEU J 82 4.08 8.93 -31.65
CA LEU J 82 4.00 7.65 -32.36
C LEU J 82 3.55 7.87 -33.79
N ARG J 83 2.54 8.71 -33.99
CA ARG J 83 1.94 8.84 -35.32
C ARG J 83 2.93 9.38 -36.33
N GLN J 84 4.01 9.98 -35.89
CA GLN J 84 5.00 10.57 -36.78
C GLN J 84 6.27 9.73 -36.68
N GLN J 85 6.16 8.45 -36.98
CA GLN J 85 7.30 7.56 -36.87
C GLN J 85 6.99 6.17 -37.43
N ALA K 1 -35.79 -10.50 4.98
CA ALA K 1 -35.12 -11.76 4.62
C ALA K 1 -35.38 -12.12 3.17
N ALA K 2 -36.65 -12.13 2.78
CA ALA K 2 -36.99 -12.29 1.37
C ALA K 2 -36.42 -11.14 0.55
N PHE K 3 -36.57 -9.91 1.07
CA PHE K 3 -36.11 -8.70 0.41
C PHE K 3 -34.72 -8.85 -0.20
N VAL K 4 -33.86 -9.62 0.48
CA VAL K 4 -32.56 -9.94 -0.11
C VAL K 4 -32.75 -10.72 -1.40
N LYS K 5 -33.64 -11.71 -1.39
CA LYS K 5 -33.83 -12.53 -2.58
C LYS K 5 -34.41 -11.72 -3.72
N GLU K 6 -35.42 -10.88 -3.45
CA GLU K 6 -35.93 -10.11 -4.58
C GLU K 6 -34.95 -9.06 -5.06
N ASN K 7 -33.88 -8.78 -4.33
CA ASN K 7 -32.96 -7.72 -4.71
C ASN K 7 -31.53 -8.24 -4.84
N HIS K 8 -31.37 -9.45 -5.33
CA HIS K 8 -30.03 -10.03 -5.45
C HIS K 8 -29.15 -9.21 -6.39
N ARG K 9 -29.65 -8.90 -7.58
CA ARG K 9 -28.83 -8.20 -8.56
C ARG K 9 -28.53 -6.77 -8.11
N GLN K 10 -29.52 -6.07 -7.57
CA GLN K 10 -29.27 -4.73 -7.09
C GLN K 10 -28.30 -4.75 -5.93
N LEU K 11 -28.45 -5.71 -5.02
CA LEU K 11 -27.52 -5.76 -3.91
C LEU K 11 -26.11 -6.06 -4.38
N GLN K 12 -25.92 -6.87 -5.43
CA GLN K 12 -24.55 -7.06 -5.87
C GLN K 12 -24.01 -5.81 -6.52
N ALA K 13 -24.87 -5.07 -7.23
CA ALA K 13 -24.37 -3.93 -7.97
C ALA K 13 -24.28 -2.67 -7.13
N ARG K 14 -24.76 -2.70 -5.90
CA ARG K 14 -24.82 -1.51 -5.08
C ARG K 14 -24.03 -1.61 -3.80
N MET K 15 -23.98 -2.77 -3.16
CA MET K 15 -23.32 -2.88 -1.88
C MET K 15 -21.86 -2.47 -2.01
N GLY K 16 -21.36 -1.76 -1.01
CA GLY K 16 -20.03 -1.20 -1.10
C GLY K 16 -19.04 -1.85 -0.17
N ASP K 17 -18.70 -1.16 0.91
CA ASP K 17 -17.71 -1.68 1.85
C ASP K 17 -18.30 -2.86 2.60
N LEU K 18 -17.70 -4.02 2.42
CA LEU K 18 -18.23 -5.25 3.02
C LEU K 18 -17.61 -5.58 4.36
N LYS K 19 -16.63 -4.82 4.82
CA LYS K 19 -15.96 -5.16 6.08
C LYS K 19 -16.94 -5.13 7.24
N GLY K 20 -17.84 -4.15 7.26
CA GLY K 20 -18.79 -4.08 8.36
C GLY K 20 -19.71 -5.28 8.40
N VAL K 21 -20.34 -5.59 7.27
CA VAL K 21 -21.29 -6.69 7.25
C VAL K 21 -20.56 -8.01 7.46
N LEU K 22 -19.37 -8.16 6.89
CA LEU K 22 -18.64 -9.40 7.11
C LEU K 22 -18.33 -9.60 8.58
N ASP K 23 -17.90 -8.54 9.27
CA ASP K 23 -17.60 -8.71 10.69
C ASP K 23 -18.86 -9.00 11.48
N ASP K 24 -19.96 -8.32 11.16
CA ASP K 24 -21.21 -8.59 11.87
C ASP K 24 -21.66 -10.02 11.66
N LEU K 25 -21.58 -10.52 10.43
CA LEU K 25 -21.96 -11.91 10.16
C LEU K 25 -21.05 -12.87 10.91
N GLN K 26 -19.76 -12.59 10.93
CA GLN K 26 -18.84 -13.41 11.72
C GLN K 26 -19.25 -13.46 13.18
N ASP K 27 -19.54 -12.31 13.75
CA ASP K 27 -19.92 -12.29 15.16
C ASP K 27 -21.29 -12.92 15.42
N ASN K 28 -22.13 -13.05 14.40
CA ASN K 28 -23.37 -13.79 14.55
C ASN K 28 -23.26 -15.24 14.11
N GLU K 29 -22.05 -15.76 13.98
CA GLU K 29 -21.76 -17.14 13.59
C GLU K 29 -22.37 -17.52 12.26
N VAL K 30 -22.81 -16.56 11.45
CA VAL K 30 -23.25 -16.90 10.12
C VAL K 30 -22.06 -17.33 9.27
N LEU K 31 -20.90 -16.72 9.49
CA LEU K 31 -19.71 -16.98 8.72
C LEU K 31 -18.56 -17.27 9.66
N THR K 32 -17.79 -18.30 9.34
CA THR K 32 -16.54 -18.54 10.03
C THR K 32 -15.43 -17.73 9.39
N GLU K 33 -14.28 -17.68 10.04
CA GLU K 33 -13.17 -16.90 9.51
C GLU K 33 -12.83 -17.36 8.10
N ASN K 34 -12.80 -18.68 7.88
CA ASN K 34 -12.42 -19.20 6.58
C ASN K 34 -13.41 -18.74 5.52
N GLU K 35 -14.69 -18.77 5.85
CA GLU K 35 -15.71 -18.35 4.91
C GLU K 35 -15.55 -16.89 4.56
N LYS K 36 -15.26 -16.06 5.57
CA LYS K 36 -15.08 -14.63 5.34
C LYS K 36 -13.88 -14.38 4.45
N GLU K 37 -12.79 -15.10 4.71
CA GLU K 37 -11.58 -14.96 3.91
C GLU K 37 -11.84 -15.36 2.47
N LEU K 38 -12.61 -16.42 2.27
CA LEU K 38 -12.96 -16.83 0.92
C LEU K 38 -13.74 -15.74 0.21
N VAL K 39 -14.64 -15.07 0.93
CA VAL K 39 -15.37 -13.95 0.34
C VAL K 39 -14.42 -12.83 -0.07
N GLU K 40 -13.40 -12.56 0.76
CA GLU K 40 -12.55 -11.41 0.51
C GLU K 40 -11.50 -11.63 -0.55
N GLN K 41 -11.23 -12.87 -0.94
CA GLN K 41 -10.17 -13.12 -1.89
C GLN K 41 -10.65 -13.05 -3.33
N GLU K 42 -11.88 -12.61 -3.56
CA GLU K 42 -12.34 -12.36 -4.91
C GLU K 42 -11.74 -11.05 -5.44
N LYS K 43 -11.61 -10.98 -6.76
CA LYS K 43 -10.89 -9.86 -7.37
C LYS K 43 -11.70 -8.57 -7.36
N THR K 44 -12.98 -8.66 -7.67
CA THR K 44 -13.79 -7.49 -7.95
C THR K 44 -14.89 -7.35 -6.90
N ARG K 45 -15.41 -6.13 -6.75
CA ARG K 45 -16.44 -5.90 -5.73
C ARG K 45 -17.74 -6.59 -6.10
N GLN K 46 -18.10 -6.63 -7.37
CA GLN K 46 -19.28 -7.40 -7.75
C GLN K 46 -19.07 -8.88 -7.51
N SER K 47 -17.87 -9.37 -7.75
CA SER K 47 -17.56 -10.77 -7.43
C SER K 47 -17.68 -11.01 -5.93
N LYS K 48 -17.16 -10.09 -5.13
CA LYS K 48 -17.27 -10.26 -3.67
C LYS K 48 -18.72 -10.24 -3.22
N ASN K 49 -19.52 -9.35 -3.80
CA ASN K 49 -20.92 -9.30 -3.44
C ASN K 49 -21.63 -10.58 -3.83
N GLU K 50 -21.34 -11.12 -5.01
CA GLU K 50 -21.94 -12.38 -5.41
C GLU K 50 -21.55 -13.49 -4.46
N ALA K 51 -20.27 -13.59 -4.13
CA ALA K 51 -19.82 -14.64 -3.22
C ALA K 51 -20.56 -14.54 -1.90
N LEU K 52 -20.60 -13.35 -1.31
CA LEU K 52 -21.24 -13.19 -0.02
C LEU K 52 -22.72 -13.52 -0.10
N LEU K 53 -23.41 -13.01 -1.12
CA LEU K 53 -24.84 -13.19 -1.21
C LEU K 53 -25.19 -14.66 -1.37
N SER K 54 -24.49 -15.36 -2.26
CA SER K 54 -24.77 -16.77 -2.48
C SER K 54 -24.46 -17.59 -1.22
N MET K 55 -23.30 -17.34 -0.63
CA MET K 55 -22.93 -18.01 0.61
C MET K 55 -23.98 -17.81 1.69
N VAL K 56 -24.66 -16.69 1.69
CA VAL K 56 -25.66 -16.47 2.73
C VAL K 56 -27.00 -17.08 2.37
N GLU K 57 -27.44 -16.99 1.12
CA GLU K 57 -28.70 -17.63 0.75
C GLU K 57 -28.65 -19.12 1.02
N LYS K 58 -27.52 -19.75 0.73
CA LYS K 58 -27.41 -21.17 1.00
C LYS K 58 -27.63 -21.49 2.48
N LYS K 59 -27.30 -20.56 3.37
CA LYS K 59 -27.43 -20.80 4.79
C LYS K 59 -28.88 -20.87 5.25
N GLY K 60 -29.81 -20.36 4.46
CA GLY K 60 -31.22 -20.39 4.82
C GLY K 60 -31.78 -18.99 4.92
N ASP K 61 -33.01 -18.90 5.44
CA ASP K 61 -33.66 -17.60 5.54
C ASP K 61 -33.33 -16.88 6.83
N LEU K 62 -33.06 -17.62 7.91
CA LEU K 62 -32.70 -16.97 9.16
C LEU K 62 -31.40 -16.17 8.98
N ALA K 63 -30.41 -16.79 8.36
CA ALA K 63 -29.15 -16.10 8.11
C ALA K 63 -29.35 -14.97 7.11
N LEU K 64 -30.25 -15.14 6.15
CA LEU K 64 -30.56 -14.02 5.27
C LEU K 64 -31.11 -12.85 6.06
N ASP K 65 -31.92 -13.14 7.08
CA ASP K 65 -32.43 -12.08 7.93
C ASP K 65 -31.31 -11.39 8.68
N VAL K 66 -30.36 -12.16 9.21
CA VAL K 66 -29.23 -11.56 9.91
C VAL K 66 -28.45 -10.65 8.96
N LEU K 67 -28.21 -11.12 7.73
CA LEU K 67 -27.51 -10.30 6.76
C LEU K 67 -28.28 -9.03 6.46
N PHE K 68 -29.60 -9.14 6.32
CA PHE K 68 -30.39 -7.95 6.02
C PHE K 68 -30.30 -6.94 7.15
N ARG K 69 -30.37 -7.41 8.39
CA ARG K 69 -30.25 -6.51 9.51
C ARG K 69 -28.90 -5.80 9.49
N SER K 70 -27.84 -6.56 9.24
CA SER K 70 -26.51 -5.98 9.24
C SER K 70 -26.36 -4.95 8.12
N ILE K 71 -26.97 -5.19 6.96
CA ILE K 71 -26.92 -4.17 5.92
C ILE K 71 -27.75 -2.97 6.32
N SER K 72 -28.92 -3.21 6.91
CA SER K 72 -29.82 -2.11 7.24
C SER K 72 -29.20 -1.20 8.28
N GLU K 73 -28.24 -1.71 9.04
CA GLU K 73 -27.59 -0.82 10.00
C GLU K 73 -26.28 -0.28 9.45
N ARG K 74 -25.59 -1.06 8.60
CA ARG K 74 -24.30 -0.63 8.08
C ARG K 74 -24.47 0.30 6.89
N ASP K 75 -25.59 0.20 6.18
CA ASP K 75 -25.83 0.99 4.97
C ASP K 75 -27.32 1.24 4.81
N PRO K 76 -27.92 2.00 5.72
CA PRO K 76 -29.37 2.13 5.73
C PRO K 76 -29.93 2.84 4.50
N TYR K 77 -29.14 3.68 3.86
CA TYR K 77 -29.68 4.46 2.76
C TYR K 77 -29.99 3.58 1.56
N LEU K 78 -29.09 2.66 1.23
CA LEU K 78 -29.35 1.74 0.12
C LEU K 78 -30.52 0.83 0.44
N VAL K 79 -30.57 0.30 1.66
CA VAL K 79 -31.68 -0.55 2.05
C VAL K 79 -32.99 0.17 1.86
N SER K 80 -33.07 1.41 2.37
CA SER K 80 -34.31 2.16 2.24
C SER K 80 -34.63 2.45 0.79
N TYR K 81 -33.64 2.86 0.00
CA TYR K 81 -33.86 3.10 -1.41
C TYR K 81 -34.49 1.90 -2.08
N LEU K 82 -33.90 0.72 -1.88
CA LEU K 82 -34.43 -0.45 -2.55
C LEU K 82 -35.83 -0.76 -2.03
N ARG K 83 -36.02 -0.70 -0.70
CA ARG K 83 -37.28 -1.16 -0.12
C ARG K 83 -38.45 -0.32 -0.58
N GLN K 84 -38.20 0.86 -1.13
CA GLN K 84 -39.26 1.75 -1.57
C GLN K 84 -39.19 1.83 -3.09
N GLN K 85 -39.34 0.68 -3.73
CA GLN K 85 -39.26 0.64 -5.19
C GLN K 85 -39.59 -0.74 -5.73
N ALA L 1 8.84 -31.95 18.55
CA ALA L 1 8.57 -32.63 17.28
C ALA L 1 7.21 -33.28 17.30
N ALA L 2 6.95 -34.09 18.33
CA ALA L 2 5.61 -34.63 18.52
C ALA L 2 4.61 -33.51 18.76
N PHE L 3 4.98 -32.53 19.58
CA PHE L 3 4.15 -31.39 19.93
C PHE L 3 3.43 -30.82 18.73
N VAL L 4 4.09 -30.82 17.57
CA VAL L 4 3.41 -30.42 16.34
C VAL L 4 2.25 -31.36 16.05
N LYS L 5 2.48 -32.67 16.19
CA LYS L 5 1.42 -33.62 15.88
C LYS L 5 0.25 -33.48 16.85
N GLU L 6 0.52 -33.35 18.14
CA GLU L 6 -0.63 -33.20 19.03
C GLU L 6 -1.34 -31.86 18.87
N ASN L 7 -0.75 -30.91 18.15
CA ASN L 7 -1.34 -29.58 18.02
C ASN L 7 -1.55 -29.20 16.56
N HIS L 8 -1.92 -30.16 15.72
CA HIS L 8 -2.11 -29.87 14.31
C HIS L 8 -3.22 -28.85 14.09
N ARG L 9 -4.38 -29.08 14.69
CA ARG L 9 -5.51 -28.19 14.46
C ARG L 9 -5.26 -26.81 15.03
N GLN L 10 -4.72 -26.73 16.24
CA GLN L 10 -4.43 -25.43 16.82
C GLN L 10 -3.38 -24.71 16.00
N LEU L 11 -2.36 -25.42 15.55
CA LEU L 11 -1.34 -24.76 14.74
C LEU L 11 -1.92 -24.26 13.43
N GLN L 12 -2.88 -24.97 12.83
CA GLN L 12 -3.42 -24.39 11.61
C GLN L 12 -4.28 -23.18 11.92
N ALA L 13 -4.98 -23.20 13.04
CA ALA L 13 -5.90 -22.10 13.32
C ALA L 13 -5.22 -20.91 13.98
N ARG L 14 -3.95 -21.02 14.32
CA ARG L 14 -3.27 -19.98 15.07
C ARG L 14 -2.08 -19.40 14.35
N MET L 15 -1.32 -20.21 13.62
CA MET L 15 -0.11 -19.70 13.00
C MET L 15 -0.44 -18.56 12.05
N GLY L 16 0.42 -17.55 12.05
CA GLY L 16 0.13 -16.34 11.30
C GLY L 16 1.02 -16.15 10.11
N ASP L 17 1.96 -15.22 10.21
CA ASP L 17 2.86 -14.93 9.10
C ASP L 17 3.79 -16.12 8.87
N LEU L 18 3.70 -16.73 7.70
CA LEU L 18 4.48 -17.92 7.41
C LEU L 18 5.79 -17.63 6.70
N LYS L 19 6.05 -16.37 6.33
CA LYS L 19 7.26 -16.07 5.58
C LYS L 19 8.51 -16.43 6.37
N GLY L 20 8.51 -16.16 7.67
CA GLY L 20 9.68 -16.48 8.47
C GLY L 20 9.95 -17.96 8.51
N VAL L 21 8.94 -18.74 8.86
CA VAL L 21 9.15 -20.18 8.99
C VAL L 21 9.44 -20.79 7.62
N LEU L 22 8.77 -20.30 6.58
CA LEU L 22 9.06 -20.85 5.25
C LEU L 22 10.51 -20.60 4.87
N ASP L 23 11.02 -19.41 5.12
CA ASP L 23 12.40 -19.13 4.77
C ASP L 23 13.36 -19.98 5.61
N ASP L 24 13.07 -20.11 6.90
CA ASP L 24 13.93 -20.94 7.74
C ASP L 24 13.95 -22.39 7.27
N LEU L 25 12.77 -22.94 6.94
CA LEU L 25 12.71 -24.30 6.43
C LEU L 25 13.47 -24.44 5.14
N GLN L 26 13.32 -23.46 4.24
CA GLN L 26 14.09 -23.47 3.00
C GLN L 26 15.59 -23.52 3.29
N ASP L 27 16.06 -22.68 4.19
CA ASP L 27 17.49 -22.65 4.49
C ASP L 27 17.95 -23.90 5.22
N ASN L 28 17.05 -24.66 5.83
CA ASN L 28 17.41 -25.94 6.41
C ASN L 28 17.14 -27.11 5.48
N GLU L 29 16.94 -26.84 4.19
CA GLU L 29 16.69 -27.85 3.16
C GLU L 29 15.48 -28.72 3.46
N VAL L 30 14.62 -28.33 4.39
CA VAL L 30 13.38 -29.06 4.56
C VAL L 30 12.48 -28.84 3.36
N LEU L 31 12.51 -27.65 2.78
CA LEU L 31 11.65 -27.31 1.67
C LEU L 31 12.49 -26.73 0.54
N THR L 32 12.22 -27.15 -0.68
CA THR L 32 12.80 -26.53 -1.84
C THR L 32 11.95 -25.33 -2.26
N GLU L 33 12.48 -24.52 -3.17
CA GLU L 33 11.75 -23.34 -3.60
C GLU L 33 10.38 -23.74 -4.13
N ASN L 34 10.31 -24.80 -4.92
CA ASN L 34 9.05 -25.22 -5.51
C ASN L 34 8.05 -25.57 -4.42
N GLU L 35 8.51 -26.29 -3.40
CA GLU L 35 7.63 -26.70 -2.32
C GLU L 35 7.10 -25.47 -1.59
N LYS L 36 7.97 -24.49 -1.35
CA LYS L 36 7.56 -23.27 -0.67
C LYS L 36 6.54 -22.51 -1.48
N GLU L 37 6.75 -22.44 -2.79
CA GLU L 37 5.83 -21.74 -3.67
C GLU L 37 4.48 -22.44 -3.68
N LEU L 38 4.48 -23.76 -3.66
CA LEU L 38 3.23 -24.50 -3.61
C LEU L 38 2.49 -24.18 -2.33
N VAL L 39 3.20 -24.06 -1.21
CA VAL L 39 2.57 -23.67 0.04
C VAL L 39 1.94 -22.28 -0.07
N GLU L 40 2.61 -21.37 -0.75
CA GLU L 40 2.15 -19.98 -0.75
C GLU L 40 1.02 -19.71 -1.74
N GLN L 41 0.76 -20.61 -2.66
CA GLN L 41 -0.26 -20.36 -3.66
C GLN L 41 -1.64 -20.80 -3.21
N GLU L 42 -1.80 -21.18 -1.95
CA GLU L 42 -3.12 -21.46 -1.40
C GLU L 42 -3.85 -20.15 -1.12
N LYS L 43 -5.18 -20.22 -1.17
CA LYS L 43 -5.99 -19.01 -1.09
C LYS L 43 -6.04 -18.44 0.32
N THR L 44 -6.21 -19.29 1.32
CA THR L 44 -6.53 -18.88 2.67
C THR L 44 -5.40 -19.23 3.63
N ARG L 45 -5.35 -18.53 4.75
CA ARG L 45 -4.27 -18.77 5.69
C ARG L 45 -4.41 -20.13 6.37
N GLN L 46 -5.63 -20.57 6.66
CA GLN L 46 -5.79 -21.92 7.17
C GLN L 46 -5.40 -22.95 6.13
N SER L 47 -5.71 -22.69 4.86
CA SER L 47 -5.26 -23.58 3.80
C SER L 47 -3.74 -23.62 3.73
N LYS L 48 -3.09 -22.46 3.83
CA LYS L 48 -1.64 -22.42 3.80
C LYS L 48 -1.04 -23.17 4.98
N ASN L 49 -1.63 -23.00 6.16
CA ASN L 49 -1.15 -23.72 7.33
C ASN L 49 -1.30 -25.22 7.14
N GLU L 50 -2.44 -25.67 6.62
CA GLU L 50 -2.62 -27.10 6.37
C GLU L 50 -1.58 -27.61 5.39
N ALA L 51 -1.38 -26.90 4.30
CA ALA L 51 -0.41 -27.34 3.31
C ALA L 51 0.96 -27.48 3.94
N LEU L 52 1.40 -26.45 4.67
CA LEU L 52 2.74 -26.51 5.25
C LEU L 52 2.85 -27.63 6.27
N LEU L 53 1.84 -27.76 7.13
CA LEU L 53 1.92 -28.76 8.18
C LEU L 53 1.97 -30.16 7.62
N SER L 54 1.10 -30.46 6.65
CA SER L 54 1.09 -31.79 6.05
C SER L 54 2.38 -32.06 5.31
N MET L 55 2.83 -31.11 4.50
CA MET L 55 4.10 -31.25 3.80
C MET L 55 5.24 -31.51 4.74
N VAL L 56 5.18 -31.01 5.96
CA VAL L 56 6.29 -31.24 6.87
C VAL L 56 6.14 -32.57 7.61
N GLU L 57 4.93 -32.94 8.05
CA GLU L 57 4.78 -34.24 8.70
C GLU L 57 5.21 -35.36 7.78
N LYS L 58 4.89 -35.25 6.50
CA LYS L 58 5.31 -36.30 5.57
C LYS L 58 6.82 -36.45 5.54
N LYS L 59 7.56 -35.37 5.80
CA LYS L 59 9.01 -35.43 5.75
C LYS L 59 9.63 -36.25 6.88
N GLY L 60 8.88 -36.49 7.94
CA GLY L 60 9.38 -37.26 9.06
C GLY L 60 9.37 -36.46 10.35
N ASP L 61 10.00 -37.01 11.37
CA ASP L 61 10.01 -36.33 12.66
C ASP L 61 11.17 -35.36 12.80
N LEU L 62 12.29 -35.63 12.14
CA LEU L 62 13.42 -34.71 12.20
C LEU L 62 13.01 -33.35 11.62
N ALA L 63 12.37 -33.36 10.45
CA ALA L 63 11.91 -32.13 9.85
C ALA L 63 10.81 -31.48 10.68
N LEU L 64 9.97 -32.29 11.32
CA LEU L 64 9.01 -31.71 12.24
C LEU L 64 9.71 -30.96 13.36
N ASP L 65 10.83 -31.51 13.84
CA ASP L 65 11.61 -30.82 14.86
C ASP L 65 12.15 -29.50 14.34
N VAL L 66 12.67 -29.49 13.12
CA VAL L 66 13.16 -28.24 12.55
C VAL L 66 12.04 -27.22 12.45
N LEU L 67 10.87 -27.65 12.00
CA LEU L 67 9.73 -26.73 11.93
C LEU L 67 9.36 -26.20 13.29
N PHE L 68 9.37 -27.07 14.30
CA PHE L 68 9.02 -26.62 15.65
C PHE L 68 10.01 -25.59 16.15
N ARG L 69 11.30 -25.81 15.92
CA ARG L 69 12.29 -24.83 16.33
C ARG L 69 12.04 -23.50 15.64
N SER L 70 11.77 -23.54 14.34
CA SER L 70 11.56 -22.30 13.61
C SER L 70 10.33 -21.56 14.10
N ILE L 71 9.27 -22.29 14.47
CA ILE L 71 8.12 -21.61 15.04
C ILE L 71 8.45 -21.07 16.43
N SER L 72 9.19 -21.83 17.22
CA SER L 72 9.47 -21.42 18.58
C SER L 72 10.33 -20.17 18.60
N GLU L 73 11.05 -19.91 17.52
CA GLU L 73 11.82 -18.67 17.50
C GLU L 73 11.08 -17.57 16.74
N ARG L 74 10.26 -17.93 15.75
CA ARG L 74 9.56 -16.92 14.97
C ARG L 74 8.29 -16.46 15.66
N ASP L 75 7.72 -17.30 16.52
CA ASP L 75 6.45 -16.99 17.19
C ASP L 75 6.42 -17.66 18.55
N PRO L 76 7.30 -17.26 19.47
CA PRO L 76 7.44 -18.00 20.73
C PRO L 76 6.21 -17.93 21.60
N TYR L 77 5.39 -16.90 21.48
CA TYR L 77 4.27 -16.76 22.38
C TYR L 77 3.22 -17.83 22.13
N LEU L 78 2.90 -18.10 20.87
CA LEU L 78 1.94 -19.16 20.56
C LEU L 78 2.48 -20.52 20.97
N VAL L 79 3.76 -20.78 20.68
CA VAL L 79 4.36 -22.05 21.07
C VAL L 79 4.22 -22.25 22.57
N SER L 80 4.59 -21.23 23.35
CA SER L 80 4.50 -21.35 24.79
C SER L 80 3.06 -21.54 25.24
N TYR L 81 2.14 -20.76 24.69
CA TYR L 81 0.73 -20.91 25.04
C TYR L 81 0.28 -22.33 24.86
N LEU L 82 0.55 -22.91 23.68
CA LEU L 82 0.10 -24.27 23.44
C LEU L 82 0.79 -25.24 24.38
N ARG L 83 2.10 -25.09 24.55
CA ARG L 83 2.86 -26.09 25.30
C ARG L 83 2.42 -26.17 26.75
N GLN L 84 1.72 -25.16 27.24
CA GLN L 84 1.29 -25.12 28.63
C GLN L 84 -0.23 -25.26 28.65
N GLN L 85 -0.72 -26.36 28.10
CA GLN L 85 -2.16 -26.58 28.02
C GLN L 85 -2.49 -27.97 27.50
N ALA M 1 20.19 -21.45 -30.35
CA ALA M 1 19.05 -22.36 -30.51
C ALA M 1 19.31 -23.67 -29.79
N ALA M 2 20.46 -24.28 -30.06
CA ALA M 2 20.86 -25.45 -29.29
C ALA M 2 21.05 -25.09 -27.84
N PHE M 3 21.70 -23.96 -27.58
CA PHE M 3 22.00 -23.47 -26.24
C PHE M 3 20.80 -23.61 -25.30
N VAL M 4 19.60 -23.43 -25.83
CA VAL M 4 18.41 -23.70 -25.03
C VAL M 4 18.36 -25.16 -24.63
N LYS M 5 18.64 -26.06 -25.57
CA LYS M 5 18.57 -27.47 -25.26
C LYS M 5 19.63 -27.88 -24.25
N GLU M 6 20.87 -27.40 -24.41
CA GLU M 6 21.84 -27.80 -23.39
C GLU M 6 21.58 -27.16 -22.04
N ASN M 7 20.70 -26.18 -21.95
CA ASN M 7 20.46 -25.47 -20.70
C ASN M 7 19.00 -25.52 -20.28
N HIS M 8 18.33 -26.64 -20.53
CA HIS M 8 16.93 -26.75 -20.19
C HIS M 8 16.70 -26.60 -18.69
N ARG M 9 17.45 -27.35 -17.88
CA ARG M 9 17.22 -27.33 -16.45
C ARG M 9 17.59 -25.98 -15.85
N GLN M 10 18.71 -25.41 -16.27
CA GLN M 10 19.09 -24.11 -15.76
C GLN M 10 18.08 -23.05 -16.18
N LEU M 11 17.61 -23.12 -17.42
CA LEU M 11 16.63 -22.13 -17.83
C LEU M 11 15.33 -22.28 -17.06
N GLN M 12 14.94 -23.49 -16.68
CA GLN M 12 13.71 -23.54 -15.89
C GLN M 12 13.95 -23.01 -14.50
N ALA M 13 15.15 -23.24 -13.94
CA ALA M 13 15.38 -22.84 -12.57
C ALA M 13 15.80 -21.39 -12.44
N ARG M 14 16.03 -20.70 -13.54
CA ARG M 14 16.56 -19.35 -13.49
C ARG M 14 15.64 -18.32 -14.12
N MET M 15 14.95 -18.65 -15.19
CA MET M 15 14.14 -17.66 -15.88
C MET M 15 13.11 -17.07 -14.93
N GLY M 16 12.88 -15.77 -15.03
CA GLY M 16 12.03 -15.10 -14.09
C GLY M 16 10.73 -14.62 -14.69
N ASP M 17 10.62 -13.32 -14.91
CA ASP M 17 9.39 -12.76 -15.45
C ASP M 17 9.21 -13.21 -16.90
N LEU M 18 8.14 -13.94 -17.16
CA LEU M 18 7.92 -14.50 -18.49
C LEU M 18 7.04 -13.63 -19.37
N LYS M 19 6.50 -12.54 -18.85
CA LYS M 19 5.59 -11.72 -19.65
C LYS M 19 6.29 -11.17 -20.88
N GLY M 20 7.53 -10.73 -20.74
CA GLY M 20 8.24 -10.20 -21.88
C GLY M 20 8.43 -11.22 -22.97
N VAL M 21 8.98 -12.37 -22.61
CA VAL M 21 9.26 -13.39 -23.62
C VAL M 21 7.96 -13.93 -24.19
N LEU M 22 6.93 -14.10 -23.35
CA LEU M 22 5.68 -14.60 -23.88
C LEU M 22 5.11 -13.62 -24.91
N ASP M 23 5.15 -12.32 -24.63
CA ASP M 23 4.63 -11.37 -25.60
C ASP M 23 5.46 -11.37 -26.87
N ASP M 24 6.78 -11.43 -26.74
CA ASP M 24 7.62 -11.46 -27.93
C ASP M 24 7.34 -12.70 -28.78
N LEU M 25 7.20 -13.86 -28.15
CA LEU M 25 6.88 -15.08 -28.87
C LEU M 25 5.53 -14.96 -29.56
N GLN M 26 4.55 -14.40 -28.86
CA GLN M 26 3.25 -14.17 -29.47
C GLN M 26 3.37 -13.31 -30.72
N ASP M 27 4.11 -12.21 -30.62
CA ASP M 27 4.24 -11.34 -31.77
C ASP M 27 5.08 -11.95 -32.89
N ASN M 28 5.87 -12.97 -32.60
CA ASN M 28 6.57 -13.69 -33.66
C ASN M 28 5.82 -14.95 -34.10
N GLU M 29 4.54 -15.06 -33.77
CA GLU M 29 3.68 -16.17 -34.14
C GLU M 29 4.20 -17.52 -33.66
N VAL M 30 5.17 -17.54 -32.75
CA VAL M 30 5.56 -18.82 -32.17
C VAL M 30 4.44 -19.35 -31.29
N LEU M 31 3.72 -18.48 -30.61
CA LEU M 31 2.66 -18.87 -29.69
C LEU M 31 1.40 -18.11 -30.03
N THR M 32 0.28 -18.81 -30.05
CA THR M 32 -1.02 -18.16 -30.13
C THR M 32 -1.48 -17.75 -28.74
N GLU M 33 -2.54 -16.95 -28.69
CA GLU M 33 -3.04 -16.50 -27.40
C GLU M 33 -3.36 -17.69 -26.51
N ASN M 34 -4.00 -18.71 -27.06
CA ASN M 34 -4.40 -19.86 -26.27
C ASN M 34 -3.17 -20.54 -25.68
N GLU M 35 -2.13 -20.68 -26.49
CA GLU M 35 -0.92 -21.34 -26.02
C GLU M 35 -0.29 -20.54 -24.89
N LYS M 36 -0.27 -19.21 -25.02
CA LYS M 36 0.30 -18.36 -24.00
C LYS M 36 -0.49 -18.47 -22.71
N GLU M 37 -1.82 -18.49 -22.82
CA GLU M 37 -2.67 -18.61 -21.65
C GLU M 37 -2.46 -19.94 -20.97
N LEU M 38 -2.27 -21.01 -21.75
CA LEU M 38 -1.99 -22.31 -21.15
C LEU M 38 -0.69 -22.27 -20.38
N VAL M 39 0.32 -21.57 -20.90
CA VAL M 39 1.57 -21.42 -20.18
C VAL M 39 1.36 -20.69 -18.87
N GLU M 40 0.50 -19.67 -18.86
CA GLU M 40 0.37 -18.83 -17.69
C GLU M 40 -0.50 -19.42 -16.60
N GLN M 41 -1.28 -20.45 -16.89
CA GLN M 41 -2.19 -20.99 -15.90
C GLN M 41 -1.54 -22.07 -15.04
N GLU M 42 -0.23 -22.25 -15.16
CA GLU M 42 0.48 -23.14 -14.26
C GLU M 42 0.67 -22.47 -12.90
N LYS M 43 0.78 -23.29 -11.86
CA LYS M 43 0.79 -22.77 -10.50
C LYS M 43 2.11 -22.11 -10.14
N THR M 44 3.23 -22.73 -10.51
CA THR M 44 4.54 -22.35 -10.03
C THR M 44 5.40 -21.84 -11.17
N ARG M 45 6.43 -21.06 -10.83
CA ARG M 45 7.27 -20.48 -11.85
C ARG M 45 8.13 -21.54 -12.54
N GLN M 46 8.59 -22.55 -11.80
CA GLN M 46 9.28 -23.65 -12.47
C GLN M 46 8.33 -24.41 -13.38
N SER M 47 7.09 -24.59 -12.95
CA SER M 47 6.11 -25.22 -13.83
C SER M 47 5.88 -24.39 -15.07
N LYS M 48 5.77 -23.07 -14.93
CA LYS M 48 5.57 -22.22 -16.09
C LYS M 48 6.76 -22.28 -17.03
N ASN M 49 7.97 -22.29 -16.47
CA ASN M 49 9.16 -22.40 -17.29
C ASN M 49 9.19 -23.72 -18.04
N GLU M 50 8.84 -24.82 -17.36
CA GLU M 50 8.80 -26.11 -18.04
C GLU M 50 7.79 -26.09 -19.18
N ALA M 51 6.59 -25.58 -18.91
CA ALA M 51 5.58 -25.54 -19.94
C ALA M 51 6.07 -24.77 -21.15
N LEU M 52 6.60 -23.57 -20.92
CA LEU M 52 7.05 -22.75 -22.03
C LEU M 52 8.18 -23.42 -22.79
N LEU M 53 9.15 -23.97 -22.07
CA LEU M 53 10.31 -24.55 -22.74
C LEU M 53 9.92 -25.74 -23.58
N SER M 54 9.10 -26.64 -23.04
CA SER M 54 8.68 -27.81 -23.78
C SER M 54 7.84 -27.41 -25.00
N MET M 55 6.88 -26.52 -24.79
CA MET M 55 6.06 -26.02 -25.88
C MET M 55 6.90 -25.42 -26.99
N VAL M 56 8.05 -24.84 -26.66
CA VAL M 56 8.87 -24.26 -27.72
C VAL M 56 9.77 -25.28 -28.37
N GLU M 57 10.38 -26.21 -27.61
CA GLU M 57 11.20 -27.23 -28.26
C GLU M 57 10.39 -28.04 -29.25
N LYS M 58 9.14 -28.35 -28.90
CA LYS M 58 8.32 -29.09 -29.85
C LYS M 58 8.15 -28.35 -31.16
N LYS M 59 8.19 -27.02 -31.14
CA LYS M 59 7.99 -26.24 -32.35
C LYS M 59 9.14 -26.36 -33.33
N GLY M 60 10.30 -26.81 -32.89
CA GLY M 60 11.45 -26.96 -33.76
C GLY M 60 12.61 -26.11 -33.30
N ASP M 61 13.63 -26.03 -34.15
CA ASP M 61 14.81 -25.26 -33.78
C ASP M 61 14.70 -23.80 -34.15
N LEU M 62 13.96 -23.48 -35.22
CA LEU M 62 13.80 -22.08 -35.59
C LEU M 62 13.09 -21.32 -34.47
N ALA M 63 12.02 -21.89 -33.94
CA ALA M 63 11.31 -21.26 -32.84
C ALA M 63 12.16 -21.24 -31.59
N LEU M 64 12.99 -22.26 -31.38
CA LEU M 64 13.93 -22.19 -30.27
C LEU M 64 14.87 -21.01 -30.43
N ASP M 65 15.29 -20.73 -31.65
CA ASP M 65 16.12 -19.56 -31.89
C ASP M 65 15.39 -18.28 -31.55
N VAL M 66 14.13 -18.18 -31.97
CA VAL M 66 13.35 -16.98 -31.63
C VAL M 66 13.25 -16.82 -30.12
N LEU M 67 13.00 -17.91 -29.40
CA LEU M 67 12.92 -17.84 -27.95
C LEU M 67 14.24 -17.39 -27.36
N PHE M 68 15.35 -17.92 -27.89
CA PHE M 68 16.65 -17.54 -27.35
C PHE M 68 16.92 -16.08 -27.57
N ARG M 69 16.58 -15.55 -28.74
CA ARG M 69 16.76 -14.13 -28.98
C ARG M 69 15.94 -13.31 -27.99
N SER M 70 14.69 -13.71 -27.79
CA SER M 70 13.83 -12.95 -26.88
C SER M 70 14.35 -12.99 -25.45
N ILE M 71 14.92 -14.11 -25.03
CA ILE M 71 15.53 -14.12 -23.70
C ILE M 71 16.78 -13.28 -23.67
N SER M 72 17.59 -13.34 -24.73
CA SER M 72 18.85 -12.63 -24.74
C SER M 72 18.61 -11.13 -24.71
N GLU M 73 17.44 -10.68 -25.13
CA GLU M 73 17.18 -9.25 -25.03
C GLU M 73 16.38 -8.92 -23.77
N ARG M 74 15.53 -9.84 -23.31
CA ARG M 74 14.71 -9.54 -22.14
C ARG M 74 15.48 -9.79 -20.85
N ASP M 75 16.48 -10.66 -20.88
CA ASP M 75 17.24 -11.01 -19.69
C ASP M 75 18.67 -11.37 -20.07
N PRO M 76 19.43 -10.38 -20.56
CA PRO M 76 20.76 -10.69 -21.12
C PRO M 76 21.74 -11.21 -20.10
N TYR M 77 21.57 -10.87 -18.83
CA TYR M 77 22.56 -11.25 -17.84
C TYR M 77 22.57 -12.74 -17.61
N LEU M 78 21.39 -13.35 -17.50
CA LEU M 78 21.32 -14.81 -17.33
C LEU M 78 21.84 -15.53 -18.57
N VAL M 79 21.46 -15.05 -19.75
CA VAL M 79 21.93 -15.65 -20.98
C VAL M 79 23.44 -15.64 -21.01
N SER M 80 24.05 -14.49 -20.72
CA SER M 80 25.50 -14.41 -20.75
C SER M 80 26.11 -15.31 -19.69
N TYR M 81 25.58 -15.30 -18.48
CA TYR M 81 26.08 -16.17 -17.43
C TYR M 81 26.13 -17.60 -17.89
N LEU M 82 25.03 -18.10 -18.43
CA LEU M 82 25.00 -19.49 -18.84
C LEU M 82 25.96 -19.73 -19.99
N ARG M 83 25.98 -18.83 -20.97
CA ARG M 83 26.75 -19.06 -22.18
C ARG M 83 28.24 -19.15 -21.89
N GLN M 84 28.69 -18.65 -20.74
CA GLN M 84 30.09 -18.65 -20.39
C GLN M 84 30.29 -19.62 -19.23
N GLN M 85 29.95 -20.88 -19.47
CA GLN M 85 30.05 -21.88 -18.43
C GLN M 85 29.73 -23.28 -18.95
N ALA N 1 -30.69 -14.32 -32.58
CA ALA N 1 -30.62 -15.72 -32.19
C ALA N 1 -29.79 -16.52 -33.16
N ALA N 2 -30.11 -16.41 -34.45
CA ALA N 2 -29.26 -17.01 -35.47
C ALA N 2 -27.88 -16.37 -35.46
N PHE N 3 -27.83 -15.05 -35.33
CA PHE N 3 -26.60 -14.27 -35.31
C PHE N 3 -25.52 -14.92 -34.44
N VAL N 4 -25.93 -15.56 -33.35
CA VAL N 4 -24.99 -16.33 -32.55
C VAL N 4 -24.41 -17.46 -33.38
N LYS N 5 -25.27 -18.17 -34.10
CA LYS N 5 -24.80 -19.31 -34.88
C LYS N 5 -23.86 -18.87 -36.00
N GLU N 6 -24.21 -17.80 -36.72
CA GLU N 6 -23.27 -17.41 -37.76
C GLU N 6 -21.98 -16.83 -37.21
N ASN N 7 -21.91 -16.53 -35.93
CA ASN N 7 -20.73 -15.90 -35.35
C ASN N 7 -20.15 -16.71 -34.19
N HIS N 8 -20.20 -18.03 -34.31
CA HIS N 8 -19.70 -18.88 -33.22
C HIS N 8 -18.21 -18.65 -32.99
N ARG N 9 -17.41 -18.70 -34.05
CA ARG N 9 -15.96 -18.59 -33.88
C ARG N 9 -15.57 -17.19 -33.41
N GLN N 10 -16.17 -16.16 -33.98
CA GLN N 10 -15.85 -14.82 -33.55
C GLN N 10 -16.28 -14.61 -32.10
N LEU N 11 -17.45 -15.12 -31.73
CA LEU N 11 -17.86 -14.96 -30.35
C LEU N 11 -16.95 -15.70 -29.39
N GLN N 12 -16.39 -16.85 -29.79
CA GLN N 12 -15.47 -17.46 -28.84
C GLN N 12 -14.19 -16.66 -28.75
N ALA N 13 -13.74 -16.09 -29.87
CA ALA N 13 -12.45 -15.42 -29.86
C ALA N 13 -12.54 -13.99 -29.37
N ARG N 14 -13.72 -13.47 -29.12
CA ARG N 14 -13.89 -12.08 -28.77
C ARG N 14 -14.53 -11.87 -27.41
N MET N 15 -15.47 -12.71 -27.02
CA MET N 15 -16.18 -12.47 -25.77
C MET N 15 -15.19 -12.44 -24.60
N GLY N 16 -15.43 -11.54 -23.68
CA GLY N 16 -14.48 -11.34 -22.60
C GLY N 16 -14.98 -11.79 -21.25
N ASP N 17 -15.34 -10.84 -20.40
CA ASP N 17 -15.80 -11.17 -19.07
C ASP N 17 -17.16 -11.86 -19.15
N LEU N 18 -17.23 -13.10 -18.71
CA LEU N 18 -18.45 -13.89 -18.82
C LEU N 18 -19.32 -13.82 -17.58
N LYS N 19 -18.87 -13.17 -16.51
CA LYS N 19 -19.65 -13.16 -15.28
C LYS N 19 -21.01 -12.52 -15.49
N GLY N 20 -21.06 -11.43 -16.26
CA GLY N 20 -22.33 -10.77 -16.49
C GLY N 20 -23.31 -11.65 -17.23
N VAL N 21 -22.87 -12.22 -18.35
CA VAL N 21 -23.78 -13.03 -19.15
C VAL N 21 -24.15 -14.29 -18.40
N LEU N 22 -23.19 -14.88 -17.68
CA LEU N 22 -23.52 -16.08 -16.92
C LEU N 22 -24.58 -15.80 -15.88
N ASP N 23 -24.47 -14.67 -15.17
CA ASP N 23 -25.47 -14.36 -14.17
C ASP N 23 -26.82 -14.08 -14.80
N ASP N 24 -26.82 -13.36 -15.92
CA ASP N 24 -28.08 -13.09 -16.61
C ASP N 24 -28.75 -14.37 -17.07
N LEU N 25 -27.98 -15.29 -17.65
CA LEU N 25 -28.53 -16.57 -18.08
C LEU N 25 -29.07 -17.36 -16.90
N GLN N 26 -28.34 -17.36 -15.79
CA GLN N 26 -28.83 -18.02 -14.59
C GLN N 26 -30.16 -17.44 -14.16
N ASP N 27 -30.28 -16.11 -14.13
CA ASP N 27 -31.53 -15.51 -13.70
C ASP N 27 -32.66 -15.70 -14.71
N ASN N 28 -32.33 -16.03 -15.96
CA ASN N 28 -33.37 -16.38 -16.93
C ASN N 28 -33.58 -17.88 -17.04
N GLU N 29 -33.11 -18.65 -16.06
CA GLU N 29 -33.25 -20.11 -16.01
C GLU N 29 -32.68 -20.82 -17.22
N VAL N 30 -31.88 -20.13 -18.04
CA VAL N 30 -31.21 -20.85 -19.11
C VAL N 30 -30.17 -21.79 -18.54
N LEU N 31 -29.51 -21.39 -17.46
CA LEU N 31 -28.45 -22.16 -16.84
C LEU N 31 -28.73 -22.33 -15.36
N THR N 32 -28.54 -23.53 -14.86
CA THR N 32 -28.57 -23.76 -13.43
C THR N 32 -27.18 -23.48 -12.84
N GLU N 33 -27.11 -23.44 -11.52
CA GLU N 33 -25.84 -23.15 -10.87
C GLU N 33 -24.78 -24.15 -11.32
N ASN N 34 -25.15 -25.43 -11.38
CA ASN N 34 -24.19 -26.46 -11.75
C ASN N 34 -23.66 -26.22 -13.15
N GLU N 35 -24.55 -25.87 -14.07
CA GLU N 35 -24.15 -25.62 -15.44
C GLU N 35 -23.19 -24.45 -15.51
N LYS N 36 -23.48 -23.39 -14.75
CA LYS N 36 -22.62 -22.21 -14.74
C LYS N 36 -21.25 -22.56 -14.19
N GLU N 37 -21.22 -23.35 -13.13
CA GLU N 37 -19.96 -23.75 -12.53
C GLU N 37 -19.15 -24.59 -13.49
N LEU N 38 -19.81 -25.46 -14.24
CA LEU N 38 -19.11 -26.27 -15.23
C LEU N 38 -18.50 -25.37 -16.29
N VAL N 39 -19.21 -24.31 -16.69
CA VAL N 39 -18.64 -23.35 -17.65
C VAL N 39 -17.40 -22.68 -17.07
N GLU N 40 -17.42 -22.35 -15.79
CA GLU N 40 -16.33 -21.56 -15.21
C GLU N 40 -15.10 -22.37 -14.87
N GLN N 41 -15.19 -23.69 -14.83
CA GLN N 41 -14.05 -24.50 -14.42
C GLN N 41 -13.15 -24.86 -15.59
N GLU N 42 -13.39 -24.28 -16.77
CA GLU N 42 -12.47 -24.45 -17.88
C GLU N 42 -11.23 -23.58 -17.67
N LYS N 43 -10.12 -24.02 -18.26
CA LYS N 43 -8.85 -23.38 -17.99
C LYS N 43 -8.70 -22.03 -18.70
N THR N 44 -9.12 -21.96 -19.95
CA THR N 44 -8.82 -20.83 -20.81
C THR N 44 -10.10 -20.10 -21.19
N ARG N 45 -9.96 -18.83 -21.58
CA ARG N 45 -11.14 -18.05 -21.91
C ARG N 45 -11.78 -18.52 -23.20
N GLN N 46 -10.99 -18.95 -24.18
CA GLN N 46 -11.59 -19.54 -25.37
C GLN N 46 -12.30 -20.84 -25.02
N SER N 47 -11.73 -21.63 -24.12
CA SER N 47 -12.42 -22.84 -23.68
C SER N 47 -13.72 -22.49 -22.98
N LYS N 48 -13.71 -21.47 -22.13
CA LYS N 48 -14.94 -21.08 -21.44
C LYS N 48 -15.99 -20.59 -22.43
N ASN N 49 -15.56 -19.82 -23.43
CA ASN N 49 -16.50 -19.36 -24.45
C ASN N 49 -17.09 -20.52 -25.22
N GLU N 50 -16.26 -21.50 -25.59
CA GLU N 50 -16.78 -22.67 -26.29
C GLU N 50 -17.78 -23.41 -25.44
N ALA N 51 -17.45 -23.64 -24.17
CA ALA N 51 -18.36 -24.35 -23.30
C ALA N 51 -19.70 -23.63 -23.23
N LEU N 52 -19.67 -22.33 -22.97
CA LEU N 52 -20.91 -21.58 -22.84
C LEU N 52 -21.70 -21.60 -24.13
N LEU N 53 -21.03 -21.38 -25.25
CA LEU N 53 -21.74 -21.27 -26.51
C LEU N 53 -22.40 -22.59 -26.87
N SER N 54 -21.67 -23.70 -26.74
CA SER N 54 -22.23 -25.01 -27.05
C SER N 54 -23.39 -25.34 -26.12
N MET N 55 -23.18 -25.15 -24.82
CA MET N 55 -24.23 -25.39 -23.85
C MET N 55 -25.48 -24.60 -24.16
N VAL N 56 -25.35 -23.42 -24.76
CA VAL N 56 -26.55 -22.65 -25.05
C VAL N 56 -27.17 -23.05 -26.38
N GLU N 57 -26.38 -23.33 -27.43
CA GLU N 57 -26.99 -23.79 -28.67
C GLU N 57 -27.79 -25.06 -28.46
N LYS N 58 -27.28 -25.97 -27.63
CA LYS N 58 -28.03 -27.19 -27.37
C LYS N 58 -29.39 -26.89 -26.78
N LYS N 59 -29.53 -25.79 -26.04
CA LYS N 59 -30.80 -25.48 -25.40
C LYS N 59 -31.87 -25.06 -26.39
N GLY N 60 -31.51 -24.69 -27.60
CA GLY N 60 -32.49 -24.29 -28.60
C GLY N 60 -32.25 -22.87 -29.07
N ASP N 61 -33.21 -22.35 -29.83
CA ASP N 61 -33.06 -21.00 -30.35
C ASP N 61 -33.59 -19.94 -29.39
N LEU N 62 -34.59 -20.27 -28.60
CA LEU N 62 -35.11 -19.31 -27.64
C LEU N 62 -34.00 -18.91 -26.65
N ALA N 63 -33.30 -19.91 -26.10
CA ALA N 63 -32.20 -19.64 -25.19
C ALA N 63 -31.06 -18.93 -25.91
N LEU N 64 -30.84 -19.24 -27.18
CA LEU N 64 -29.85 -18.49 -27.93
C LEU N 64 -30.23 -17.02 -28.00
N ASP N 65 -31.53 -16.75 -28.14
CA ASP N 65 -31.99 -15.37 -28.15
C ASP N 65 -31.72 -14.69 -26.80
N VAL N 66 -32.01 -15.40 -25.71
CA VAL N 66 -31.73 -14.83 -24.40
C VAL N 66 -30.24 -14.52 -24.25
N LEU N 67 -29.39 -15.44 -24.69
CA LEU N 67 -27.96 -15.19 -24.62
C LEU N 67 -27.56 -14.00 -25.46
N PHE N 68 -28.14 -13.86 -26.65
CA PHE N 68 -27.80 -12.74 -27.50
C PHE N 68 -28.20 -11.43 -26.85
N ARG N 69 -29.39 -11.39 -26.25
CA ARG N 69 -29.81 -10.17 -25.56
C ARG N 69 -28.84 -9.83 -24.45
N SER N 70 -28.44 -10.83 -23.66
CA SER N 70 -27.55 -10.58 -22.54
C SER N 70 -26.19 -10.09 -23.02
N ILE N 71 -25.71 -10.59 -24.14
CA ILE N 71 -24.45 -10.06 -24.68
C ILE N 71 -24.66 -8.64 -25.20
N SER N 72 -25.79 -8.41 -25.87
CA SER N 72 -26.01 -7.10 -26.48
C SER N 72 -26.13 -6.02 -25.42
N GLU N 73 -26.46 -6.40 -24.20
CA GLU N 73 -26.50 -5.39 -23.16
C GLU N 73 -25.22 -5.38 -22.34
N ARG N 74 -24.56 -6.53 -22.20
CA ARG N 74 -23.35 -6.59 -21.38
C ARG N 74 -22.14 -6.15 -22.17
N ASP N 75 -22.17 -6.27 -23.50
CA ASP N 75 -21.03 -5.94 -24.35
C ASP N 75 -21.53 -5.46 -25.71
N PRO N 76 -22.21 -4.32 -25.74
CA PRO N 76 -22.86 -3.89 -26.99
C PRO N 76 -21.91 -3.59 -28.11
N TYR N 77 -20.68 -3.21 -27.80
CA TYR N 77 -19.76 -2.80 -28.85
C TYR N 77 -19.36 -3.97 -29.73
N LEU N 78 -19.06 -5.11 -29.13
CA LEU N 78 -18.72 -6.29 -29.92
C LEU N 78 -19.91 -6.77 -30.73
N VAL N 79 -21.09 -6.78 -30.12
CA VAL N 79 -22.29 -7.20 -30.83
C VAL N 79 -22.48 -6.33 -32.06
N SER N 80 -22.39 -5.02 -31.88
CA SER N 80 -22.59 -4.11 -33.01
C SER N 80 -21.51 -4.32 -34.06
N TYR N 81 -20.25 -4.44 -33.64
CA TYR N 81 -19.17 -4.68 -34.58
C TYR N 81 -19.46 -5.89 -35.45
N LEU N 82 -19.82 -7.01 -34.82
CA LEU N 82 -20.07 -8.21 -35.60
C LEU N 82 -21.28 -8.02 -36.51
N ARG N 83 -22.35 -7.44 -35.97
CA ARG N 83 -23.60 -7.37 -36.72
C ARG N 83 -23.47 -6.55 -37.98
N GLN N 84 -22.43 -5.72 -38.07
CA GLN N 84 -22.24 -4.85 -39.22
C GLN N 84 -21.01 -5.34 -39.98
N GLN N 85 -21.06 -6.60 -40.41
CA GLN N 85 -19.93 -7.18 -41.11
C GLN N 85 -20.25 -8.56 -41.65
N ALA O 1 -28.28 -38.10 12.85
CA ALA O 1 -27.73 -39.12 11.98
C ALA O 1 -28.69 -39.45 10.84
N ALA O 2 -29.93 -39.75 11.19
CA ALA O 2 -30.96 -39.90 10.18
C ALA O 2 -31.17 -38.59 9.42
N PHE O 3 -31.21 -37.48 10.15
CA PHE O 3 -31.42 -36.15 9.60
C PHE O 3 -30.61 -35.92 8.34
N VAL O 4 -29.40 -36.49 8.28
CA VAL O 4 -28.63 -36.43 7.05
C VAL O 4 -29.36 -37.15 5.93
N LYS O 5 -29.91 -38.33 6.23
CA LYS O 5 -30.59 -39.10 5.20
C LYS O 5 -31.84 -38.39 4.71
N GLU O 6 -32.64 -37.86 5.63
CA GLU O 6 -33.82 -37.16 5.12
C GLU O 6 -33.49 -35.88 4.39
N ASN O 7 -32.26 -35.38 4.49
CA ASN O 7 -31.90 -34.10 3.89
C ASN O 7 -30.73 -34.24 2.93
N HIS O 8 -30.67 -35.35 2.19
CA HIS O 8 -29.56 -35.56 1.28
C HIS O 8 -29.52 -34.48 0.19
N ARG O 9 -30.64 -34.24 -0.47
CA ARG O 9 -30.65 -33.30 -1.57
C ARG O 9 -30.39 -31.88 -1.10
N GLN O 10 -31.02 -31.48 0.01
CA GLN O 10 -30.78 -30.15 0.53
C GLN O 10 -29.34 -29.99 0.96
N LEU O 11 -28.79 -31.01 1.61
CA LEU O 11 -27.40 -30.90 2.02
C LEU O 11 -26.47 -30.81 0.83
N GLN O 12 -26.77 -31.48 -0.28
CA GLN O 12 -25.86 -31.29 -1.41
C GLN O 12 -26.02 -29.91 -2.00
N ALA O 13 -27.24 -29.37 -2.00
CA ALA O 13 -27.45 -28.09 -2.66
C ALA O 13 -27.12 -26.91 -1.77
N ARG O 14 -26.81 -27.14 -0.50
CA ARG O 14 -26.62 -26.05 0.43
C ARG O 14 -25.24 -26.02 1.06
N MET O 15 -24.64 -27.18 1.33
CA MET O 15 -23.36 -27.19 2.02
C MET O 15 -22.33 -26.42 1.21
N GLY O 16 -21.49 -25.67 1.91
CA GLY O 16 -20.56 -24.79 1.24
C GLY O 16 -19.12 -25.23 1.36
N ASP O 17 -18.36 -24.54 2.19
CA ASP O 17 -16.95 -24.86 2.35
C ASP O 17 -16.79 -26.19 3.05
N LEU O 18 -16.20 -27.16 2.37
CA LEU O 18 -16.09 -28.51 2.90
C LEU O 18 -14.78 -28.76 3.63
N LYS O 19 -13.85 -27.80 3.62
CA LYS O 19 -12.55 -28.04 4.25
C LYS O 19 -12.70 -28.34 5.73
N GLY O 20 -13.58 -27.61 6.41
CA GLY O 20 -13.75 -27.85 7.83
C GLY O 20 -14.26 -29.24 8.13
N VAL O 21 -15.35 -29.62 7.47
CA VAL O 21 -15.94 -30.93 7.75
C VAL O 21 -15.00 -32.03 7.30
N LEU O 22 -14.33 -31.84 6.16
CA LEU O 22 -13.40 -32.87 5.72
C LEU O 22 -12.29 -33.08 6.72
N ASP O 23 -11.74 -31.99 7.27
CA ASP O 23 -10.68 -32.16 8.25
C ASP O 23 -11.20 -32.80 9.52
N ASP O 24 -12.39 -32.41 9.97
CA ASP O 24 -12.94 -33.02 11.16
C ASP O 24 -13.19 -34.51 10.97
N LEU O 25 -13.73 -34.90 9.81
CA LEU O 25 -13.93 -36.31 9.52
C LEU O 25 -12.63 -37.06 9.48
N GLN O 26 -11.60 -36.47 8.87
CA GLN O 26 -10.28 -37.08 8.86
C GLN O 26 -9.79 -37.33 10.28
N ASP O 27 -9.90 -36.31 11.14
CA ASP O 27 -9.41 -36.48 12.50
C ASP O 27 -10.26 -37.44 13.32
N ASN O 28 -11.49 -37.72 12.89
CA ASN O 28 -12.29 -38.75 13.54
C ASN O 28 -12.19 -40.10 12.84
N GLU O 29 -11.19 -40.29 11.99
CA GLU O 29 -10.94 -41.53 11.25
C GLU O 29 -12.13 -41.97 10.41
N VAL O 30 -13.09 -41.10 10.16
CA VAL O 30 -14.14 -41.46 9.22
C VAL O 30 -13.57 -41.52 7.81
N LEU O 31 -12.62 -40.65 7.50
CA LEU O 31 -12.05 -40.57 6.17
C LEU O 31 -10.54 -40.61 6.28
N THR O 32 -9.91 -41.40 5.42
CA THR O 32 -8.47 -41.36 5.28
C THR O 32 -8.08 -40.25 4.30
N GLU O 33 -6.78 -39.97 4.25
CA GLU O 33 -6.32 -38.89 3.37
C GLU O 33 -6.76 -39.17 1.94
N ASN O 34 -6.62 -40.41 1.49
CA ASN O 34 -6.96 -40.76 0.12
C ASN O 34 -8.42 -40.48 -0.15
N GLU O 35 -9.28 -40.86 0.80
CA GLU O 35 -10.71 -40.66 0.64
C GLU O 35 -11.02 -39.17 0.54
N LYS O 36 -10.38 -38.36 1.39
CA LYS O 36 -10.60 -36.93 1.38
C LYS O 36 -10.16 -36.32 0.05
N GLU O 37 -9.02 -36.78 -0.46
CA GLU O 37 -8.52 -36.28 -1.73
C GLU O 37 -9.46 -36.65 -2.86
N LEU O 38 -10.02 -37.85 -2.82
CA LEU O 38 -10.98 -38.25 -3.83
C LEU O 38 -12.19 -37.34 -3.78
N VAL O 39 -12.64 -36.97 -2.58
CA VAL O 39 -13.76 -36.03 -2.47
C VAL O 39 -13.41 -34.69 -3.10
N GLU O 40 -12.17 -34.23 -2.91
CA GLU O 40 -11.82 -32.88 -3.34
C GLU O 40 -11.53 -32.77 -4.82
N GLN O 41 -11.32 -33.88 -5.52
CA GLN O 41 -10.94 -33.81 -6.93
C GLN O 41 -12.15 -33.76 -7.85
N GLU O 42 -13.35 -33.63 -7.29
CA GLU O 42 -14.52 -33.41 -8.12
C GLU O 42 -14.56 -31.98 -8.63
N LYS O 43 -15.22 -31.79 -9.77
CA LYS O 43 -15.17 -30.50 -10.45
C LYS O 43 -16.04 -29.45 -9.76
N THR O 44 -17.24 -29.83 -9.35
CA THR O 44 -18.26 -28.89 -8.92
C THR O 44 -18.58 -29.10 -7.45
N ARG O 45 -19.13 -28.07 -6.82
CA ARG O 45 -19.43 -28.15 -5.40
C ARG O 45 -20.57 -29.12 -5.13
N GLN O 46 -21.57 -29.17 -6.01
CA GLN O 46 -22.60 -30.18 -5.82
C GLN O 46 -22.04 -31.58 -6.02
N SER O 47 -21.11 -31.74 -6.96
CA SER O 47 -20.45 -33.03 -7.12
C SER O 47 -19.66 -33.39 -5.87
N LYS O 48 -18.95 -32.43 -5.30
CA LYS O 48 -18.18 -32.70 -4.09
C LYS O 48 -19.11 -33.06 -2.94
N ASN O 49 -20.23 -32.37 -2.82
CA ASN O 49 -21.19 -32.69 -1.77
C ASN O 49 -21.74 -34.10 -1.96
N GLU O 50 -22.08 -34.47 -3.18
CA GLU O 50 -22.58 -35.81 -3.43
C GLU O 50 -21.53 -36.85 -3.06
N ALA O 51 -20.29 -36.63 -3.49
CA ALA O 51 -19.24 -37.59 -3.18
C ALA O 51 -19.12 -37.76 -1.68
N LEU O 52 -19.03 -36.66 -0.94
CA LEU O 52 -18.84 -36.75 0.49
C LEU O 52 -20.04 -37.43 1.16
N LEU O 53 -21.24 -37.05 0.77
CA LEU O 53 -22.42 -37.57 1.43
C LEU O 53 -22.55 -39.07 1.19
N SER O 54 -22.36 -39.52 -0.05
CA SER O 54 -22.45 -40.95 -0.34
C SER O 54 -21.36 -41.73 0.38
N MET O 55 -20.12 -41.23 0.30
CA MET O 55 -19.02 -41.87 1.00
C MET O 55 -19.29 -42.00 2.48
N VAL O 56 -20.05 -41.08 3.06
CA VAL O 56 -20.30 -41.19 4.49
C VAL O 56 -21.49 -42.10 4.79
N GLU O 57 -22.57 -42.04 4.00
CA GLU O 57 -23.68 -42.95 4.25
C GLU O 57 -23.24 -44.40 4.16
N LYS O 58 -22.36 -44.70 3.20
CA LYS O 58 -21.88 -46.06 3.10
C LYS O 58 -21.18 -46.51 4.38
N LYS O 59 -20.56 -45.59 5.11
CA LYS O 59 -19.84 -45.96 6.31
C LYS O 59 -20.74 -46.40 7.44
N GLY O 60 -22.02 -46.10 7.39
CA GLY O 60 -22.95 -46.49 8.43
C GLY O 60 -23.60 -45.29 9.07
N ASP O 61 -24.31 -45.54 10.16
CA ASP O 61 -25.01 -44.46 10.84
C ASP O 61 -24.14 -43.76 11.86
N LEU O 62 -23.20 -44.47 12.48
CA LEU O 62 -22.31 -43.83 13.45
C LEU O 62 -21.50 -42.72 12.76
N ALA O 63 -20.94 -43.04 11.60
CA ALA O 63 -20.18 -42.04 10.85
C ALA O 63 -21.09 -40.94 10.34
N LEU O 64 -22.34 -41.26 10.00
CA LEU O 64 -23.27 -40.20 9.65
C LEU O 64 -23.48 -39.26 10.82
N ASP O 65 -23.52 -39.81 12.04
CA ASP O 65 -23.64 -38.96 13.22
C ASP O 65 -22.43 -38.06 13.36
N VAL O 66 -21.23 -38.60 13.16
CA VAL O 66 -20.03 -37.77 13.25
C VAL O 66 -20.09 -36.65 12.22
N LEU O 67 -20.50 -36.98 11.00
CA LEU O 67 -20.62 -35.94 9.97
C LEU O 67 -21.63 -34.88 10.37
N PHE O 68 -22.75 -35.31 10.94
CA PHE O 68 -23.77 -34.34 11.33
C PHE O 68 -23.25 -33.42 12.41
N ARG O 69 -22.53 -33.96 13.39
CA ARG O 69 -21.95 -33.12 14.42
C ARG O 69 -21.00 -32.11 13.81
N SER O 70 -20.14 -32.56 12.90
CA SER O 70 -19.17 -31.66 12.30
C SER O 70 -19.85 -30.56 11.50
N ILE O 71 -20.95 -30.88 10.82
CA ILE O 71 -21.67 -29.82 10.12
C ILE O 71 -22.34 -28.88 11.13
N SER O 72 -22.91 -29.44 12.19
CA SER O 72 -23.65 -28.63 13.14
C SER O 72 -22.72 -27.66 13.85
N GLU O 73 -21.43 -27.96 13.88
CA GLU O 73 -20.52 -26.99 14.48
C GLU O 73 -19.86 -26.12 13.43
N ARG O 74 -19.64 -26.64 12.22
CA ARG O 74 -18.97 -25.86 11.20
C ARG O 74 -19.93 -24.94 10.47
N ASP O 75 -21.22 -25.28 10.45
CA ASP O 75 -22.22 -24.50 9.74
C ASP O 75 -23.57 -24.62 10.45
N PRO O 76 -23.67 -24.09 11.67
CA PRO O 76 -24.87 -24.33 12.46
C PRO O 76 -26.12 -23.72 11.88
N TYR O 77 -25.99 -22.66 11.10
CA TYR O 77 -27.18 -21.97 10.62
C TYR O 77 -27.95 -22.83 9.63
N LEU O 78 -27.26 -23.47 8.69
CA LEU O 78 -27.93 -24.36 7.75
C LEU O 78 -28.53 -25.55 8.46
N VAL O 79 -27.80 -26.14 9.40
CA VAL O 79 -28.33 -27.28 10.15
C VAL O 79 -29.62 -26.89 10.83
N SER O 80 -29.62 -25.75 11.52
CA SER O 80 -30.82 -25.32 12.22
C SER O 80 -31.94 -25.04 11.24
N TYR O 81 -31.66 -24.34 10.15
CA TYR O 81 -32.67 -24.08 9.14
C TYR O 81 -33.34 -25.35 8.70
N LEU O 82 -32.56 -26.35 8.32
CA LEU O 82 -33.16 -27.58 7.83
C LEU O 82 -33.94 -28.27 8.95
N ARG O 83 -33.37 -28.34 10.15
CA ARG O 83 -33.97 -29.12 11.22
C ARG O 83 -35.33 -28.58 11.61
N GLN O 84 -35.64 -27.34 11.25
CA GLN O 84 -36.90 -26.71 11.62
C GLN O 84 -37.71 -26.54 10.35
N GLN O 85 -37.99 -27.64 9.67
CA GLN O 85 -38.73 -27.57 8.42
C GLN O 85 -39.07 -28.96 7.89
N ALA P 1 19.10 -48.62 -3.59
CA ALA P 1 18.30 -49.26 -4.62
C ALA P 1 17.31 -50.24 -4.00
N ALA P 2 17.82 -51.14 -3.17
CA ALA P 2 16.94 -52.01 -2.40
C ALA P 2 16.07 -51.19 -1.47
N PHE P 3 16.66 -50.20 -0.81
CA PHE P 3 15.98 -49.33 0.15
C PHE P 3 14.62 -48.87 -0.37
N VAL P 4 14.51 -48.64 -1.67
CA VAL P 4 13.22 -48.35 -2.26
C VAL P 4 12.27 -49.52 -2.05
N LYS P 5 12.76 -50.74 -2.30
CA LYS P 5 11.89 -51.91 -2.18
C LYS P 5 11.46 -52.12 -0.73
N GLU P 6 12.38 -52.00 0.22
CA GLU P 6 11.91 -52.20 1.60
C GLU P 6 11.02 -51.08 2.07
N ASN P 7 10.92 -49.96 1.35
CA ASN P 7 10.14 -48.82 1.81
C ASN P 7 9.09 -48.41 0.79
N HIS P 8 8.50 -49.38 0.10
CA HIS P 8 7.50 -49.05 -0.91
C HIS P 8 6.31 -48.34 -0.31
N ARG P 9 5.74 -48.88 0.77
CA ARG P 9 4.53 -48.29 1.33
C ARG P 9 4.82 -46.92 1.94
N GLN P 10 5.92 -46.80 2.66
CA GLN P 10 6.24 -45.50 3.23
C GLN P 10 6.52 -44.49 2.14
N LEU P 11 7.23 -44.89 1.10
CA LEU P 11 7.48 -43.94 0.02
C LEU P 11 6.20 -43.53 -0.68
N GLN P 12 5.20 -44.41 -0.79
CA GLN P 12 3.99 -43.91 -1.41
C GLN P 12 3.26 -42.97 -0.48
N ALA P 13 3.32 -43.24 0.83
CA ALA P 13 2.54 -42.42 1.74
C ALA P 13 3.25 -41.14 2.15
N ARG P 14 4.50 -40.96 1.75
CA ARG P 14 5.28 -39.83 2.21
C ARG P 14 5.75 -38.93 1.09
N MET P 15 6.09 -39.48 -0.07
CA MET P 15 6.64 -38.66 -1.13
C MET P 15 5.65 -37.56 -1.52
N GLY P 16 6.17 -36.38 -1.78
CA GLY P 16 5.32 -35.24 -2.02
C GLY P 16 5.34 -34.75 -3.44
N ASP P 17 6.00 -33.63 -3.68
CA ASP P 17 6.06 -33.06 -5.02
C ASP P 17 6.89 -33.95 -5.93
N LEU P 18 6.27 -34.50 -6.96
CA LEU P 18 6.95 -35.44 -7.84
C LEU P 18 7.56 -34.78 -9.06
N LYS P 19 7.35 -33.48 -9.26
CA LYS P 19 7.87 -32.84 -10.46
C LYS P 19 9.38 -32.94 -10.55
N GLY P 20 10.05 -32.75 -9.42
CA GLY P 20 11.51 -32.82 -9.44
C GLY P 20 12.01 -34.19 -9.83
N VAL P 21 11.51 -35.23 -9.15
CA VAL P 21 12.00 -36.57 -9.44
C VAL P 21 11.58 -37.00 -10.83
N LEU P 22 10.37 -36.63 -11.25
CA LEU P 22 9.96 -37.00 -12.59
C LEU P 22 10.87 -36.38 -13.63
N ASP P 23 11.23 -35.11 -13.46
CA ASP P 23 12.11 -34.48 -14.44
C ASP P 23 13.50 -35.11 -14.41
N ASP P 24 14.00 -35.40 -13.21
CA ASP P 24 15.31 -36.04 -13.13
C ASP P 24 15.32 -37.40 -13.80
N LEU P 25 14.28 -38.20 -13.56
CA LEU P 25 14.17 -39.51 -14.21
C LEU P 25 14.08 -39.37 -15.71
N GLN P 26 13.31 -38.40 -16.18
CA GLN P 26 13.25 -38.15 -17.62
C GLN P 26 14.62 -37.84 -18.18
N ASP P 27 15.37 -36.96 -17.52
CA ASP P 27 16.68 -36.61 -18.03
C ASP P 27 17.68 -37.74 -17.90
N ASN P 28 17.42 -38.74 -17.06
CA ASN P 28 18.26 -39.92 -17.02
C ASN P 28 17.72 -41.06 -17.86
N GLU P 29 16.80 -40.78 -18.78
CA GLU P 29 16.19 -41.75 -19.69
C GLU P 29 15.52 -42.91 -18.97
N VAL P 30 15.28 -42.79 -17.67
CA VAL P 30 14.49 -43.82 -17.01
C VAL P 30 13.05 -43.76 -17.49
N LEU P 31 12.55 -42.57 -17.76
CA LEU P 31 11.16 -42.37 -18.16
C LEU P 31 11.13 -41.54 -19.42
N THR P 32 10.31 -41.95 -20.37
CA THR P 32 10.02 -41.11 -21.52
C THR P 32 8.89 -40.14 -21.18
N GLU P 33 8.67 -39.18 -22.07
CA GLU P 33 7.63 -38.19 -21.82
C GLU P 33 6.29 -38.88 -21.61
N ASN P 34 5.98 -39.87 -22.42
CA ASN P 34 4.70 -40.55 -22.33
C ASN P 34 4.55 -41.20 -20.96
N GLU P 35 5.61 -41.85 -20.50
CA GLU P 35 5.58 -42.53 -19.21
C GLU P 35 5.34 -41.52 -18.10
N LYS P 36 6.01 -40.37 -18.18
CA LYS P 36 5.85 -39.34 -17.16
C LYS P 36 4.44 -38.81 -17.14
N GLU P 37 3.87 -38.60 -18.33
CA GLU P 37 2.52 -38.10 -18.44
C GLU P 37 1.53 -39.11 -17.87
N LEU P 38 1.77 -40.40 -18.11
CA LEU P 38 0.91 -41.42 -17.53
C LEU P 38 0.97 -41.37 -16.02
N VAL P 39 2.16 -41.14 -15.46
CA VAL P 39 2.27 -41.00 -14.01
C VAL P 39 1.47 -39.82 -13.51
N GLU P 40 1.47 -38.72 -14.26
CA GLU P 40 0.85 -37.49 -13.75
C GLU P 40 -0.66 -37.46 -13.91
N GLN P 41 -1.24 -38.33 -14.71
CA GLN P 41 -2.67 -38.28 -14.95
C GLN P 41 -3.46 -39.08 -13.93
N GLU P 42 -2.81 -39.57 -12.88
CA GLU P 42 -3.53 -40.19 -11.79
C GLU P 42 -4.20 -39.13 -10.91
N LYS P 43 -5.29 -39.52 -10.26
CA LYS P 43 -6.11 -38.55 -9.54
C LYS P 43 -5.47 -38.11 -8.23
N THR P 44 -4.90 -39.04 -7.49
CA THR P 44 -4.48 -38.79 -6.12
C THR P 44 -2.97 -38.91 -5.99
N ARG P 45 -2.41 -38.30 -4.96
CA ARG P 45 -0.97 -38.33 -4.79
C ARG P 45 -0.47 -39.71 -4.42
N GLN P 46 -1.23 -40.46 -3.62
CA GLN P 46 -0.84 -41.84 -3.36
C GLN P 46 -0.93 -42.68 -4.63
N SER P 47 -1.93 -42.42 -5.46
CA SER P 47 -2.00 -43.10 -6.74
C SER P 47 -0.80 -42.75 -7.61
N LYS P 48 -0.42 -41.48 -7.65
CA LYS P 48 0.74 -41.09 -8.44
C LYS P 48 2.00 -41.72 -7.93
N ASN P 49 2.16 -41.78 -6.61
CA ASN P 49 3.33 -42.43 -6.03
C ASN P 49 3.36 -43.91 -6.38
N GLU P 50 2.22 -44.59 -6.30
CA GLU P 50 2.18 -46.01 -6.67
C GLU P 50 2.56 -46.18 -8.13
N ALA P 51 1.98 -45.37 -9.01
CA ALA P 51 2.31 -45.49 -10.43
C ALA P 51 3.80 -45.34 -10.66
N LEU P 52 4.38 -44.28 -10.09
CA LEU P 52 5.80 -44.03 -10.32
C LEU P 52 6.65 -45.16 -9.76
N LEU P 53 6.33 -45.60 -8.54
CA LEU P 53 7.16 -46.60 -7.90
C LEU P 53 7.12 -47.91 -8.65
N SER P 54 5.93 -48.35 -9.05
CA SER P 54 5.82 -49.60 -9.80
C SER P 54 6.51 -49.51 -11.14
N MET P 55 6.25 -48.41 -11.87
CA MET P 55 6.90 -48.19 -13.15
C MET P 55 8.41 -48.23 -13.02
N VAL P 56 8.96 -47.82 -11.88
CA VAL P 56 10.40 -47.83 -11.77
C VAL P 56 10.92 -49.20 -11.32
N GLU P 57 10.24 -49.89 -10.39
CA GLU P 57 10.71 -51.22 -10.02
C GLU P 57 10.74 -52.15 -11.22
N LYS P 58 9.74 -52.04 -12.09
CA LYS P 58 9.75 -52.89 -13.28
C LYS P 58 10.99 -52.66 -14.13
N LYS P 59 11.54 -51.45 -14.10
CA LYS P 59 12.71 -51.14 -14.92
C LYS P 59 13.97 -51.84 -14.47
N GLY P 60 14.01 -52.34 -13.24
CA GLY P 60 15.17 -53.03 -12.72
C GLY P 60 15.73 -52.33 -11.50
N ASP P 61 16.92 -52.78 -11.09
CA ASP P 61 17.53 -52.20 -9.90
C ASP P 61 18.37 -50.97 -10.22
N LEU P 62 18.97 -50.92 -11.42
CA LEU P 62 19.76 -49.75 -11.78
C LEU P 62 18.87 -48.50 -11.79
N ALA P 63 17.71 -48.61 -12.41
CA ALA P 63 16.77 -47.49 -12.44
C ALA P 63 16.24 -47.19 -11.06
N LEU P 64 16.06 -48.21 -10.23
CA LEU P 64 15.69 -47.96 -8.85
C LEU P 64 16.76 -47.13 -8.15
N ASP P 65 18.03 -47.40 -8.45
CA ASP P 65 19.11 -46.61 -7.88
C ASP P 65 19.03 -45.16 -8.35
N VAL P 66 18.76 -44.95 -9.63
CA VAL P 66 18.63 -43.59 -10.14
C VAL P 66 17.49 -42.87 -9.42
N LEU P 67 16.36 -43.55 -9.26
CA LEU P 67 15.24 -42.94 -8.55
C LEU P 67 15.62 -42.61 -7.12
N PHE P 68 16.34 -43.50 -6.45
CA PHE P 68 16.71 -43.24 -5.07
C PHE P 68 17.62 -42.04 -4.97
N ARG P 69 18.58 -41.91 -5.90
CA ARG P 69 19.45 -40.75 -5.90
C ARG P 69 18.64 -39.48 -6.08
N SER P 70 17.70 -39.50 -7.02
CA SER P 70 16.91 -38.31 -7.29
C SER P 70 16.05 -37.94 -6.09
N ILE P 71 15.52 -38.92 -5.36
CA ILE P 71 14.79 -38.57 -4.15
C ILE P 71 15.74 -38.06 -3.07
N SER P 72 16.91 -38.67 -2.95
CA SER P 72 17.84 -38.28 -1.89
C SER P 72 18.32 -36.87 -2.10
N GLU P 73 18.26 -36.36 -3.32
CA GLU P 73 18.66 -34.97 -3.52
C GLU P 73 17.45 -34.05 -3.54
N ARG P 74 16.29 -34.54 -3.99
CA ARG P 74 15.12 -33.69 -4.08
C ARG P 74 14.40 -33.59 -2.75
N ASP P 75 14.55 -34.60 -1.90
CA ASP P 75 13.85 -34.65 -0.62
C ASP P 75 14.70 -35.41 0.41
N PRO P 76 15.85 -34.85 0.77
CA PRO P 76 16.79 -35.62 1.60
C PRO P 76 16.27 -35.92 2.99
N TYR P 77 15.36 -35.10 3.51
CA TYR P 77 14.92 -35.31 4.88
C TYR P 77 14.12 -36.59 5.02
N LEU P 78 13.20 -36.85 4.10
CA LEU P 78 12.44 -38.09 4.16
C LEU P 78 13.34 -39.30 3.94
N VAL P 79 14.26 -39.22 2.98
CA VAL P 79 15.18 -40.32 2.74
C VAL P 79 15.94 -40.64 4.03
N SER P 80 16.50 -39.61 4.67
CA SER P 80 17.26 -39.84 5.88
C SER P 80 16.37 -40.40 6.98
N TYR P 81 15.18 -39.84 7.16
CA TYR P 81 14.25 -40.36 8.16
C TYR P 81 14.04 -41.85 7.97
N LEU P 82 13.69 -42.26 6.76
CA LEU P 82 13.43 -43.68 6.54
C LEU P 82 14.68 -44.50 6.77
N ARG P 83 15.81 -44.04 6.25
CA ARG P 83 17.01 -44.86 6.26
C ARG P 83 17.48 -45.13 7.68
N GLN P 84 17.02 -44.37 8.65
CA GLN P 84 17.44 -44.53 10.04
C GLN P 84 16.23 -45.03 10.84
N GLN P 85 15.73 -46.19 10.43
CA GLN P 85 14.55 -46.75 11.09
C GLN P 85 14.22 -48.14 10.57
#